data_3QKA
#
_entry.id   3QKA
#
_cell.length_a   87.040
_cell.length_b   118.920
_cell.length_c   132.480
_cell.angle_alpha   90.000
_cell.angle_beta   90.000
_cell.angle_gamma   90.000
#
_symmetry.space_group_name_H-M   'P 21 21 21'
#
loop_
_entity.id
_entity.type
_entity.pdbx_description
1 polymer 'Enoyl-CoA hydratase, EchA5'
2 water water
#
_entity_poly.entity_id   1
_entity_poly.type   'polypeptide(L)'
_entity_poly.pdbx_seq_one_letter_code
;GPGSMVSDLVQVERNGPVTTVIINRPQARNAVNGPTAAALYSAFAEFDRDESASVAVLCGNGGTFCAGADLKAFGTAEAN
AVHRTGPGPMGPSRMMLSKPVIAAVSGYAVAGGLELALWCDLRVAEQDAVFGVFCRRWGVPLIDGGTVRLPRLIGHSRAM
DMILTGRAVQADEALAIGLANRVVPNGQARQAAEELAAQLAALPQQCLRSDRLSALQQWGLPESAALDLEFASISRVAAE
ALEGAGRFAAGAGRHGAQASH
;
_entity_poly.pdbx_strand_id   A,B,C,D,E,F
#
# COMPACT_ATOMS: atom_id res chain seq x y z
N ASP A 8 -18.04 -40.18 9.45
CA ASP A 8 -16.99 -39.12 9.57
C ASP A 8 -17.16 -38.11 8.43
N LEU A 9 -17.11 -36.83 8.80
CA LEU A 9 -17.61 -35.76 7.93
C LEU A 9 -16.60 -35.40 6.88
N VAL A 10 -15.33 -35.61 7.22
CA VAL A 10 -14.26 -35.45 6.27
C VAL A 10 -13.41 -36.71 6.29
N GLN A 11 -13.17 -37.28 5.11
CA GLN A 11 -12.26 -38.40 4.98
C GLN A 11 -10.92 -37.94 4.41
N VAL A 12 -9.86 -38.55 4.91
CA VAL A 12 -8.49 -38.29 4.47
C VAL A 12 -7.80 -39.57 3.99
N GLU A 13 -7.38 -39.56 2.73
CA GLU A 13 -6.70 -40.68 2.12
C GLU A 13 -5.31 -40.23 1.64
N ARG A 14 -4.29 -41.04 1.92
CA ARG A 14 -2.93 -40.62 1.54
C ARG A 14 -2.34 -41.63 0.56
N ASN A 15 -1.71 -41.13 -0.50
CA ASN A 15 -1.06 -41.98 -1.47
C ASN A 15 0.32 -41.39 -1.69
N GLY A 16 1.30 -41.90 -0.95
CA GLY A 16 2.65 -41.31 -0.91
C GLY A 16 2.58 -39.83 -0.58
N PRO A 17 3.15 -38.97 -1.45
CA PRO A 17 3.16 -37.54 -1.09
C PRO A 17 1.86 -36.78 -1.41
N VAL A 18 0.86 -37.45 -1.96
CA VAL A 18 -0.42 -36.79 -2.26
C VAL A 18 -1.49 -37.14 -1.23
N THR A 19 -2.00 -36.12 -0.54
CA THR A 19 -3.09 -36.31 0.41
C THR A 19 -4.40 -35.87 -0.19
N THR A 20 -5.38 -36.77 -0.19
CA THR A 20 -6.72 -36.42 -0.65
C THR A 20 -7.67 -36.19 0.52
N VAL A 21 -8.30 -35.02 0.49
CA VAL A 21 -9.26 -34.62 1.51
C VAL A 21 -10.62 -34.64 0.86
N ILE A 22 -11.54 -35.42 1.43
CA ILE A 22 -12.87 -35.66 0.85
C ILE A 22 -13.95 -35.15 1.79
N ILE A 23 -14.78 -34.24 1.31
CA ILE A 23 -15.93 -33.80 2.08
C ILE A 23 -16.99 -34.92 2.03
N ASN A 24 -17.40 -35.40 3.19
CA ASN A 24 -18.28 -36.56 3.22
C ASN A 24 -19.64 -36.28 3.83
N ARG A 25 -20.42 -35.40 3.19
CA ARG A 25 -21.82 -35.20 3.57
C ARG A 25 -22.70 -35.26 2.32
N PRO A 26 -22.66 -36.38 1.57
CA PRO A 26 -23.46 -36.40 0.35
C PRO A 26 -24.96 -36.19 0.61
N GLN A 27 -25.43 -36.55 1.80
CA GLN A 27 -26.82 -36.36 2.16
C GLN A 27 -27.22 -34.87 2.21
N ALA A 28 -26.22 -33.98 2.29
CA ALA A 28 -26.41 -32.55 2.31
C ALA A 28 -25.75 -31.90 1.08
N ARG A 29 -25.50 -32.70 0.03
CA ARG A 29 -24.83 -32.22 -1.20
C ARG A 29 -23.48 -31.61 -0.82
N ASN A 30 -22.93 -32.15 0.27
CA ASN A 30 -21.62 -31.76 0.77
C ASN A 30 -21.55 -30.29 1.21
N ALA A 31 -22.71 -29.77 1.62
CA ALA A 31 -22.77 -28.51 2.35
C ALA A 31 -21.94 -28.66 3.66
N VAL A 32 -21.23 -27.62 4.03
CA VAL A 32 -20.30 -27.67 5.16
C VAL A 32 -20.91 -26.94 6.33
N ASN A 33 -21.19 -27.63 7.42
CA ASN A 33 -21.64 -26.98 8.64
C ASN A 33 -20.43 -26.81 9.55
N GLY A 34 -20.65 -26.34 10.77
CA GLY A 34 -19.56 -26.12 11.74
C GLY A 34 -18.61 -27.30 11.98
N PRO A 35 -19.16 -28.48 12.34
CA PRO A 35 -18.31 -29.68 12.56
C PRO A 35 -17.54 -30.11 11.30
N THR A 36 -18.18 -30.04 10.13
CA THR A 36 -17.50 -30.33 8.88
C THR A 36 -16.35 -29.35 8.62
N ALA A 37 -16.63 -28.06 8.81
CA ALA A 37 -15.61 -27.01 8.67
C ALA A 37 -14.45 -27.22 9.66
N ALA A 38 -14.76 -27.73 10.85
CA ALA A 38 -13.70 -28.00 11.81
C ALA A 38 -12.81 -29.15 11.37
N ALA A 39 -13.40 -30.19 10.80
CA ALA A 39 -12.66 -31.33 10.30
C ALA A 39 -11.83 -31.00 9.02
N LEU A 40 -12.34 -30.12 8.16
CA LEU A 40 -11.55 -29.65 7.01
C LEU A 40 -10.35 -28.84 7.47
N TYR A 41 -10.56 -27.94 8.42
CA TYR A 41 -9.46 -27.16 8.96
C TYR A 41 -8.37 -28.09 9.54
N SER A 42 -8.78 -29.04 10.36
CA SER A 42 -7.86 -30.01 10.95
C SER A 42 -7.13 -30.81 9.91
N ALA A 43 -7.84 -31.27 8.87
CA ALA A 43 -7.20 -32.10 7.86
C ALA A 43 -6.11 -31.33 7.17
N PHE A 44 -6.40 -30.05 6.89
CA PHE A 44 -5.45 -29.23 6.17
C PHE A 44 -4.32 -28.74 7.07
N ALA A 45 -4.57 -28.55 8.36
CA ALA A 45 -3.49 -28.17 9.27
C ALA A 45 -2.53 -29.34 9.45
N GLU A 46 -3.09 -30.55 9.56
CA GLU A 46 -2.27 -31.77 9.62
C GLU A 46 -1.49 -31.97 8.32
N PHE A 47 -2.15 -31.73 7.17
CA PHE A 47 -1.48 -31.85 5.88
C PHE A 47 -0.27 -30.93 5.86
N ASP A 48 -0.50 -29.65 6.17
CA ASP A 48 0.55 -28.62 6.16
C ASP A 48 1.81 -28.98 7.00
N ARG A 49 1.58 -29.64 8.14
CA ARG A 49 2.60 -30.01 9.14
C ARG A 49 3.33 -31.28 8.76
N ASP A 50 2.68 -32.08 7.92
CA ASP A 50 3.17 -33.38 7.53
C ASP A 50 4.29 -33.28 6.49
N GLU A 51 5.54 -33.28 7.01
CA GLU A 51 6.76 -33.20 6.21
C GLU A 51 6.75 -34.18 5.03
N SER A 52 6.05 -35.30 5.20
CA SER A 52 5.93 -36.27 4.10
C SER A 52 4.74 -36.08 3.12
N ALA A 53 3.88 -35.11 3.36
CA ALA A 53 2.84 -34.79 2.37
C ALA A 53 3.33 -33.59 1.56
N SER A 54 3.19 -33.68 0.23
CA SER A 54 3.64 -32.63 -0.65
C SER A 54 2.53 -31.80 -1.29
N VAL A 55 1.47 -32.47 -1.75
CA VAL A 55 0.36 -31.85 -2.48
C VAL A 55 -0.96 -32.42 -1.99
N ALA A 56 -1.95 -31.54 -1.77
CA ALA A 56 -3.31 -32.01 -1.38
C ALA A 56 -4.28 -31.93 -2.55
N VAL A 57 -5.36 -32.71 -2.43
CA VAL A 57 -6.47 -32.74 -3.38
C VAL A 57 -7.76 -32.65 -2.56
N LEU A 58 -8.62 -31.70 -2.94
CA LEU A 58 -9.88 -31.49 -2.25
C LEU A 58 -11.00 -31.91 -3.20
N CYS A 59 -11.96 -32.72 -2.73
CA CYS A 59 -13.08 -33.20 -3.53
C CYS A 59 -14.25 -33.54 -2.62
N GLY A 60 -15.41 -33.81 -3.21
CA GLY A 60 -16.55 -34.26 -2.44
C GLY A 60 -16.94 -35.66 -2.85
N ASN A 61 -17.49 -36.41 -1.89
CA ASN A 61 -18.09 -37.73 -2.16
C ASN A 61 -19.43 -37.60 -2.83
N GLY A 62 -19.70 -38.51 -3.76
CA GLY A 62 -21.07 -38.70 -4.24
C GLY A 62 -21.41 -37.92 -5.46
N GLY A 63 -20.41 -37.33 -6.13
CA GLY A 63 -20.63 -36.69 -7.43
C GLY A 63 -20.83 -35.19 -7.35
N THR A 64 -20.72 -34.64 -6.15
CA THR A 64 -20.69 -33.22 -6.02
C THR A 64 -19.54 -32.71 -5.14
N PHE A 65 -19.10 -31.48 -5.42
CA PHE A 65 -17.99 -30.88 -4.73
C PHE A 65 -18.39 -30.28 -3.38
N CYS A 66 -19.20 -29.21 -3.40
CA CYS A 66 -19.62 -28.51 -2.17
C CYS A 66 -20.72 -27.49 -2.46
N ALA A 67 -21.86 -27.63 -1.81
CA ALA A 67 -22.97 -26.67 -1.99
C ALA A 67 -22.82 -25.37 -1.20
N GLY A 68 -21.73 -25.23 -0.46
CA GLY A 68 -21.57 -24.08 0.41
C GLY A 68 -21.81 -24.44 1.87
N ALA A 69 -22.05 -23.41 2.67
CA ALA A 69 -22.36 -23.50 4.08
C ALA A 69 -23.73 -24.18 4.21
N ASP A 70 -23.97 -24.95 5.26
CA ASP A 70 -25.29 -25.61 5.43
C ASP A 70 -26.27 -24.59 6.00
N LEU A 71 -27.23 -24.21 5.16
CA LEU A 71 -28.17 -23.14 5.48
C LEU A 71 -29.10 -23.50 6.62
N LYS A 72 -29.33 -24.79 6.78
CA LYS A 72 -30.27 -25.31 7.78
C LYS A 72 -29.58 -25.47 9.14
N ALA A 73 -28.25 -25.37 9.16
CA ALA A 73 -27.50 -25.39 10.42
C ALA A 73 -27.36 -23.99 11.07
N PHE A 74 -27.68 -22.92 10.34
CA PHE A 74 -27.55 -21.59 10.94
C PHE A 74 -28.33 -21.52 12.25
N GLY A 75 -27.71 -20.89 13.26
CA GLY A 75 -28.31 -20.70 14.58
C GLY A 75 -28.18 -21.87 15.51
N THR A 76 -27.82 -23.05 14.98
CA THR A 76 -27.72 -24.29 15.78
C THR A 76 -26.31 -24.50 16.30
N ALA A 77 -26.16 -25.49 17.19
CA ALA A 77 -24.86 -25.89 17.69
C ALA A 77 -23.92 -26.28 16.55
N GLU A 78 -24.47 -26.63 15.39
CA GLU A 78 -23.68 -27.08 14.24
C GLU A 78 -23.46 -26.01 13.18
N ALA A 79 -23.80 -24.76 13.50
CA ALA A 79 -23.58 -23.67 12.56
C ALA A 79 -22.09 -23.49 12.33
N ASN A 80 -21.74 -22.93 11.18
CA ASN A 80 -20.40 -22.41 10.94
C ASN A 80 -20.05 -21.36 11.97
N ALA A 81 -18.80 -21.37 12.43
CA ALA A 81 -18.31 -20.28 13.28
C ALA A 81 -18.16 -19.03 12.39
N VAL A 82 -18.70 -17.90 12.86
CA VAL A 82 -18.52 -16.62 12.18
C VAL A 82 -17.75 -15.68 13.13
N HIS A 83 -16.41 -15.71 13.07
CA HIS A 83 -15.56 -14.93 13.98
C HIS A 83 -14.51 -14.12 13.21
N ARG A 84 -14.15 -12.97 13.78
CA ARG A 84 -13.15 -12.06 13.20
C ARG A 84 -11.82 -12.83 12.99
N THR A 85 -11.48 -13.67 13.96
CA THR A 85 -10.23 -14.41 13.91
C THR A 85 -10.47 -15.90 13.92
N GLY A 86 -9.36 -16.63 13.84
CA GLY A 86 -9.35 -18.08 13.75
C GLY A 86 -9.85 -18.52 12.39
N PRO A 87 -10.29 -19.79 12.29
CA PRO A 87 -10.75 -20.37 11.01
C PRO A 87 -11.94 -19.64 10.36
N GLY A 88 -11.98 -19.65 9.03
CA GLY A 88 -13.13 -19.12 8.31
C GLY A 88 -14.36 -19.99 8.47
N PRO A 89 -15.53 -19.49 8.06
CA PRO A 89 -16.75 -20.29 8.26
C PRO A 89 -16.67 -21.66 7.59
N MET A 90 -16.07 -21.72 6.41
CA MET A 90 -16.03 -22.97 5.63
C MET A 90 -14.89 -23.89 6.10
N GLY A 91 -14.03 -23.38 6.97
CA GLY A 91 -12.97 -24.21 7.54
C GLY A 91 -11.55 -23.78 7.23
N PRO A 92 -11.01 -24.19 6.06
CA PRO A 92 -9.63 -23.82 5.69
C PRO A 92 -9.52 -22.55 4.85
N SER A 93 -10.61 -21.80 4.72
CA SER A 93 -10.67 -20.66 3.73
C SER A 93 -9.78 -19.42 4.05
N ARG A 94 -9.36 -19.25 5.31
CA ARG A 94 -8.37 -18.22 5.65
C ARG A 94 -6.91 -18.72 5.72
N MET A 95 -6.69 -20.02 5.52
CA MET A 95 -5.33 -20.54 5.63
C MET A 95 -4.51 -20.18 4.40
N MET A 96 -3.23 -19.87 4.62
CA MET A 96 -2.28 -19.91 3.54
C MET A 96 -1.33 -21.04 3.86
N LEU A 97 -1.53 -22.17 3.20
CA LEU A 97 -0.70 -23.32 3.48
C LEU A 97 0.66 -23.10 2.84
N SER A 98 1.64 -23.87 3.31
CA SER A 98 2.96 -23.88 2.72
C SER A 98 2.99 -24.79 1.52
N LYS A 99 1.92 -25.53 1.26
CA LYS A 99 1.90 -26.46 0.13
C LYS A 99 0.60 -26.35 -0.69
N PRO A 100 0.65 -26.73 -1.99
CA PRO A 100 -0.50 -26.49 -2.87
C PRO A 100 -1.64 -27.47 -2.68
N VAL A 101 -2.85 -27.00 -3.01
CA VAL A 101 -4.07 -27.81 -3.01
C VAL A 101 -4.78 -27.69 -4.36
N ILE A 102 -5.19 -28.84 -4.90
CA ILE A 102 -5.92 -28.89 -6.18
C ILE A 102 -7.37 -29.24 -5.91
N ALA A 103 -8.30 -28.43 -6.43
CA ALA A 103 -9.72 -28.77 -6.30
C ALA A 103 -10.16 -29.71 -7.41
N ALA A 104 -10.74 -30.86 -7.03
CA ALA A 104 -11.34 -31.78 -7.98
C ALA A 104 -12.83 -31.50 -7.94
N VAL A 105 -13.34 -30.82 -8.96
CA VAL A 105 -14.68 -30.29 -8.92
C VAL A 105 -15.65 -31.12 -9.77
N SER A 106 -16.55 -31.82 -9.06
CA SER A 106 -17.63 -32.57 -9.67
C SER A 106 -18.91 -31.84 -9.28
N GLY A 107 -19.98 -31.99 -10.09
CA GLY A 107 -21.28 -31.41 -9.78
C GLY A 107 -21.15 -29.92 -9.52
N TYR A 108 -21.58 -29.48 -8.33
CA TYR A 108 -21.57 -28.05 -7.97
C TYR A 108 -20.42 -27.62 -7.04
N ALA A 109 -19.77 -26.51 -7.40
CA ALA A 109 -19.03 -25.73 -6.41
C ALA A 109 -19.67 -24.34 -6.36
N VAL A 110 -20.56 -24.14 -5.40
CA VAL A 110 -21.34 -22.90 -5.29
C VAL A 110 -21.27 -22.25 -3.93
N ALA A 111 -21.34 -20.91 -3.92
CA ALA A 111 -21.37 -20.15 -2.68
C ALA A 111 -20.09 -20.47 -1.91
N GLY A 112 -20.20 -20.86 -0.65
CA GLY A 112 -19.00 -21.25 0.09
C GLY A 112 -18.19 -22.35 -0.58
N GLY A 113 -18.85 -23.24 -1.32
CA GLY A 113 -18.16 -24.30 -2.08
C GLY A 113 -17.33 -23.74 -3.21
N LEU A 114 -17.83 -22.69 -3.85
CA LEU A 114 -17.04 -21.93 -4.85
C LEU A 114 -15.86 -21.31 -4.15
N GLU A 115 -16.09 -20.78 -2.96
CA GLU A 115 -15.01 -20.15 -2.23
C GLU A 115 -13.90 -21.13 -1.88
N LEU A 116 -14.26 -22.37 -1.54
CA LEU A 116 -13.25 -23.42 -1.28
C LEU A 116 -12.46 -23.77 -2.56
N ALA A 117 -13.17 -23.84 -3.69
CA ALA A 117 -12.50 -24.11 -4.97
C ALA A 117 -11.53 -22.95 -5.35
N LEU A 118 -11.89 -21.71 -5.01
CA LEU A 118 -11.04 -20.53 -5.32
C LEU A 118 -9.81 -20.49 -4.43
N TRP A 119 -9.98 -21.06 -3.24
CA TRP A 119 -8.94 -21.14 -2.21
C TRP A 119 -7.88 -22.16 -2.59
N CYS A 120 -8.31 -23.20 -3.31
CA CYS A 120 -7.36 -24.16 -3.86
C CYS A 120 -6.49 -23.48 -4.91
N ASP A 121 -5.30 -24.02 -5.14
CA ASP A 121 -4.36 -23.41 -6.10
C ASP A 121 -4.69 -23.66 -7.57
N LEU A 122 -5.36 -24.75 -7.84
CA LEU A 122 -5.76 -25.12 -9.20
C LEU A 122 -7.07 -25.85 -9.11
N ARG A 123 -7.87 -25.75 -10.17
CA ARG A 123 -9.19 -26.36 -10.28
C ARG A 123 -9.29 -27.30 -11.49
N VAL A 124 -9.57 -28.56 -11.20
CA VAL A 124 -9.78 -29.56 -12.21
C VAL A 124 -11.29 -29.78 -12.23
N ALA A 125 -11.94 -29.46 -13.34
CA ALA A 125 -13.39 -29.55 -13.43
C ALA A 125 -13.93 -30.68 -14.37
N GLU A 126 -14.98 -31.35 -13.93
CA GLU A 126 -15.69 -32.28 -14.82
C GLU A 126 -16.53 -31.51 -15.83
N GLN A 127 -16.73 -32.13 -16.99
CA GLN A 127 -17.40 -31.48 -18.12
C GLN A 127 -18.73 -30.86 -17.68
N ASP A 128 -19.46 -31.55 -16.80
CA ASP A 128 -20.78 -31.08 -16.39
C ASP A 128 -20.83 -30.32 -15.04
N ALA A 129 -19.67 -30.02 -14.47
CA ALA A 129 -19.58 -29.30 -13.21
C ALA A 129 -20.05 -27.85 -13.39
N VAL A 130 -20.51 -27.27 -12.28
CA VAL A 130 -21.02 -25.91 -12.30
C VAL A 130 -20.38 -25.07 -11.15
N PHE A 131 -19.87 -23.87 -11.47
CA PHE A 131 -19.43 -22.92 -10.45
C PHE A 131 -20.47 -21.81 -10.34
N GLY A 132 -20.61 -21.23 -9.16
CA GLY A 132 -21.53 -20.09 -9.04
C GLY A 132 -21.52 -19.43 -7.68
N VAL A 133 -21.79 -18.12 -7.66
CA VAL A 133 -22.00 -17.39 -6.40
C VAL A 133 -23.49 -17.51 -5.98
N PHE A 134 -23.88 -18.70 -5.57
CA PHE A 134 -25.34 -18.97 -5.41
C PHE A 134 -25.94 -18.31 -4.16
N CYS A 135 -25.04 -17.95 -3.23
CA CYS A 135 -25.37 -17.23 -2.00
C CYS A 135 -25.92 -15.82 -2.28
N ARG A 136 -25.68 -15.31 -3.50
CA ARG A 136 -26.35 -14.11 -4.00
C ARG A 136 -27.89 -14.21 -3.97
N ARG A 137 -28.42 -15.34 -4.45
CA ARG A 137 -29.87 -15.57 -4.44
C ARG A 137 -30.42 -15.73 -3.02
N TRP A 138 -29.70 -16.49 -2.18
CA TRP A 138 -30.11 -16.79 -0.79
C TRP A 138 -29.88 -15.62 0.21
N GLY A 139 -29.18 -14.56 -0.21
CA GLY A 139 -28.91 -13.39 0.65
C GLY A 139 -27.90 -13.61 1.79
N VAL A 140 -26.85 -14.39 1.52
CA VAL A 140 -25.71 -14.62 2.44
C VAL A 140 -24.40 -14.07 1.82
N PRO A 141 -23.72 -13.12 2.51
CA PRO A 141 -22.52 -12.54 1.89
C PRO A 141 -21.37 -13.54 1.76
N LEU A 142 -20.51 -13.28 0.77
CA LEU A 142 -19.24 -13.99 0.59
C LEU A 142 -18.29 -13.59 1.70
N ILE A 143 -17.96 -14.55 2.56
CA ILE A 143 -17.10 -14.27 3.72
C ILE A 143 -16.06 -15.40 3.91
N ASP A 144 -15.81 -16.13 2.83
CA ASP A 144 -14.73 -17.13 2.82
C ASP A 144 -13.74 -16.82 1.69
N GLY A 145 -13.55 -15.52 1.44
CA GLY A 145 -12.52 -15.06 0.50
C GLY A 145 -12.89 -14.88 -0.96
N GLY A 146 -14.14 -15.22 -1.28
CA GLY A 146 -14.64 -15.11 -2.65
C GLY A 146 -14.41 -13.75 -3.26
N THR A 147 -14.63 -12.68 -2.51
CA THR A 147 -14.51 -11.33 -3.06
C THR A 147 -13.04 -10.91 -3.21
N VAL A 148 -12.16 -11.62 -2.50
CA VAL A 148 -10.72 -11.31 -2.54
C VAL A 148 -10.10 -12.12 -3.67
N ARG A 149 -10.43 -13.41 -3.69
CA ARG A 149 -9.83 -14.37 -4.63
C ARG A 149 -10.34 -14.30 -6.07
N LEU A 150 -11.66 -14.26 -6.27
CA LEU A 150 -12.20 -14.27 -7.63
C LEU A 150 -11.60 -13.18 -8.53
N PRO A 151 -11.59 -11.90 -8.08
CA PRO A 151 -11.07 -10.92 -9.04
C PRO A 151 -9.59 -11.15 -9.32
N ARG A 152 -8.87 -11.72 -8.37
CA ARG A 152 -7.43 -11.94 -8.56
C ARG A 152 -7.16 -13.07 -9.54
N LEU A 153 -7.99 -14.14 -9.42
CA LEU A 153 -7.92 -15.32 -10.28
C LEU A 153 -8.33 -15.04 -11.73
N ILE A 154 -9.42 -14.30 -11.94
CA ILE A 154 -9.97 -14.17 -13.29
C ILE A 154 -10.09 -12.74 -13.78
N GLY A 155 -9.63 -11.78 -12.97
CA GLY A 155 -9.72 -10.35 -13.31
C GLY A 155 -11.03 -9.78 -12.77
N HIS A 156 -11.01 -8.48 -12.51
CA HIS A 156 -12.17 -7.83 -11.89
C HIS A 156 -13.49 -7.89 -12.70
N SER A 157 -13.42 -7.69 -14.02
CA SER A 157 -14.63 -7.61 -14.84
C SER A 157 -15.42 -8.93 -14.78
N ARG A 158 -14.76 -10.03 -15.09
CA ARG A 158 -15.46 -11.31 -14.98
C ARG A 158 -15.87 -11.70 -13.56
N ALA A 159 -15.00 -11.42 -12.59
CA ALA A 159 -15.38 -11.61 -11.18
C ALA A 159 -16.63 -10.85 -10.82
N MET A 160 -16.72 -9.58 -11.22
CA MET A 160 -17.88 -8.77 -10.90
C MET A 160 -19.15 -9.33 -11.58
N ASP A 161 -19.04 -9.77 -12.82
CA ASP A 161 -20.12 -10.50 -13.48
C ASP A 161 -20.66 -11.65 -12.59
N MET A 162 -19.80 -12.56 -12.20
CA MET A 162 -20.20 -13.69 -11.33
C MET A 162 -20.75 -13.28 -9.97
N ILE A 163 -20.07 -12.34 -9.32
CA ILE A 163 -20.46 -11.85 -7.99
C ILE A 163 -21.81 -11.15 -8.01
N LEU A 164 -22.00 -10.23 -8.95
CA LEU A 164 -23.26 -9.47 -9.02
C LEU A 164 -24.42 -10.38 -9.41
N THR A 165 -24.24 -11.18 -10.46
CA THR A 165 -25.39 -11.95 -10.99
C THR A 165 -25.67 -13.18 -10.18
N GLY A 166 -24.67 -13.75 -9.52
CA GLY A 166 -24.82 -15.06 -8.92
C GLY A 166 -25.04 -16.16 -9.95
N ARG A 167 -24.77 -15.89 -11.23
CA ARG A 167 -25.11 -16.87 -12.28
C ARG A 167 -24.22 -18.13 -12.28
N ALA A 168 -24.78 -19.25 -12.76
CA ALA A 168 -24.01 -20.48 -12.95
C ALA A 168 -23.02 -20.33 -14.10
N VAL A 169 -21.84 -20.88 -13.90
CA VAL A 169 -20.79 -20.92 -14.90
C VAL A 169 -20.41 -22.37 -15.12
N GLN A 170 -20.64 -22.83 -16.34
CA GLN A 170 -20.41 -24.23 -16.68
C GLN A 170 -18.94 -24.42 -16.99
N ALA A 171 -18.52 -25.68 -17.00
CA ALA A 171 -17.09 -26.01 -17.17
C ALA A 171 -16.39 -25.37 -18.37
N ASP A 172 -17.09 -25.27 -19.49
CA ASP A 172 -16.45 -24.79 -20.70
C ASP A 172 -16.12 -23.31 -20.59
N GLU A 173 -17.09 -22.51 -20.12
CA GLU A 173 -16.84 -21.09 -19.89
C GLU A 173 -15.80 -20.92 -18.78
N ALA A 174 -15.91 -21.72 -17.74
CA ALA A 174 -14.96 -21.71 -16.61
C ALA A 174 -13.55 -21.84 -17.11
N LEU A 175 -13.31 -22.82 -17.98
CA LEU A 175 -11.98 -22.99 -18.59
C LEU A 175 -11.64 -21.77 -19.46
N ALA A 176 -12.60 -21.24 -20.22
CA ALA A 176 -12.28 -20.11 -21.12
C ALA A 176 -11.82 -18.87 -20.33
N ILE A 177 -12.34 -18.71 -19.11
CA ILE A 177 -12.05 -17.49 -18.34
C ILE A 177 -10.99 -17.74 -17.27
N GLY A 178 -10.44 -18.95 -17.23
CA GLY A 178 -9.40 -19.28 -16.27
C GLY A 178 -9.91 -19.71 -14.89
N LEU A 179 -11.21 -19.81 -14.75
CA LEU A 179 -11.76 -20.29 -13.48
C LEU A 179 -11.44 -21.78 -13.21
N ALA A 180 -11.58 -22.61 -14.25
CA ALA A 180 -11.08 -24.00 -14.25
C ALA A 180 -9.72 -23.99 -14.96
N ASN A 181 -8.71 -24.62 -14.39
CA ASN A 181 -7.46 -24.81 -15.09
C ASN A 181 -7.44 -26.01 -16.04
N ARG A 182 -8.22 -27.06 -15.72
CA ARG A 182 -8.40 -28.24 -16.56
C ARG A 182 -9.86 -28.61 -16.57
N VAL A 183 -10.32 -29.14 -17.70
CA VAL A 183 -11.63 -29.79 -17.80
C VAL A 183 -11.43 -31.28 -18.21
N VAL A 184 -12.06 -32.19 -17.46
CA VAL A 184 -11.95 -33.62 -17.74
C VAL A 184 -13.35 -34.27 -17.81
N PRO A 185 -13.45 -35.49 -18.39
CA PRO A 185 -14.80 -36.10 -18.51
C PRO A 185 -15.40 -36.32 -17.13
N ASN A 186 -16.72 -36.40 -17.08
CA ASN A 186 -17.44 -36.66 -15.85
C ASN A 186 -16.90 -37.88 -15.09
N GLY A 187 -16.86 -37.77 -13.76
CA GLY A 187 -16.41 -38.86 -12.90
C GLY A 187 -14.89 -38.94 -12.74
N GLN A 188 -14.14 -38.16 -13.53
CA GLN A 188 -12.67 -38.26 -13.54
C GLN A 188 -11.88 -37.13 -12.85
N ALA A 189 -12.58 -36.18 -12.24
CA ALA A 189 -11.92 -35.01 -11.67
C ALA A 189 -10.93 -35.39 -10.56
N ARG A 190 -11.40 -36.24 -9.65
CA ARG A 190 -10.57 -36.71 -8.55
C ARG A 190 -9.29 -37.40 -9.08
N GLN A 191 -9.46 -38.34 -10.00
CA GLN A 191 -8.32 -39.05 -10.58
C GLN A 191 -7.38 -38.09 -11.31
N ALA A 192 -7.90 -37.22 -12.17
CA ALA A 192 -7.03 -36.27 -12.86
C ALA A 192 -6.26 -35.31 -11.90
N ALA A 193 -6.96 -34.83 -10.88
CA ALA A 193 -6.39 -33.99 -9.82
C ALA A 193 -5.31 -34.75 -9.08
N GLU A 194 -5.59 -35.98 -8.68
CA GLU A 194 -4.56 -36.84 -8.05
C GLU A 194 -3.33 -37.12 -8.93
N GLU A 195 -3.53 -37.25 -10.24
CA GLU A 195 -2.39 -37.43 -11.14
C GLU A 195 -1.59 -36.14 -11.27
N LEU A 196 -2.31 -35.02 -11.34
CA LEU A 196 -1.65 -33.73 -11.45
C LEU A 196 -0.84 -33.46 -10.17
N ALA A 197 -1.42 -33.84 -9.03
CA ALA A 197 -0.77 -33.74 -7.72
C ALA A 197 0.51 -34.55 -7.60
N ALA A 198 0.50 -35.78 -8.12
CA ALA A 198 1.70 -36.63 -8.18
C ALA A 198 2.81 -36.01 -9.07
N GLN A 199 2.41 -35.42 -10.19
CA GLN A 199 3.36 -34.70 -11.03
C GLN A 199 4.05 -33.55 -10.29
N LEU A 200 3.27 -32.77 -9.53
CA LEU A 200 3.80 -31.65 -8.76
C LEU A 200 4.71 -32.13 -7.64
N ALA A 201 4.32 -33.23 -6.99
CA ALA A 201 5.07 -33.82 -5.91
C ALA A 201 6.44 -34.39 -6.32
N ALA A 202 6.57 -34.80 -7.60
CA ALA A 202 7.83 -35.30 -8.18
C ALA A 202 8.85 -34.19 -8.44
N LEU A 203 8.41 -32.95 -8.53
CA LEU A 203 9.29 -31.84 -8.84
C LEU A 203 10.10 -31.42 -7.60
N PRO A 204 11.23 -30.71 -7.81
CA PRO A 204 11.97 -30.20 -6.65
C PRO A 204 11.10 -29.23 -5.84
N GLN A 205 10.95 -29.54 -4.55
CA GLN A 205 9.82 -29.08 -3.76
C GLN A 205 10.00 -27.72 -3.15
N GLN A 206 11.19 -27.43 -2.62
CA GLN A 206 11.42 -26.14 -1.96
C GLN A 206 11.24 -24.97 -2.94
N CYS A 207 11.69 -25.13 -4.20
CA CYS A 207 11.49 -24.06 -5.20
C CYS A 207 10.04 -23.85 -5.54
N LEU A 208 9.32 -24.95 -5.72
CA LEU A 208 7.90 -24.91 -6.07
C LEU A 208 7.15 -24.15 -4.98
N ARG A 209 7.44 -24.48 -3.72
CA ARG A 209 6.75 -23.90 -2.55
C ARG A 209 7.09 -22.41 -2.33
N SER A 210 8.32 -22.04 -2.60
CA SER A 210 8.75 -20.66 -2.47
C SER A 210 8.10 -19.82 -3.55
N ASP A 211 8.28 -20.25 -4.80
CA ASP A 211 7.65 -19.56 -5.92
C ASP A 211 6.16 -19.36 -5.65
N ARG A 212 5.49 -20.40 -5.18
CA ARG A 212 4.05 -20.37 -4.97
C ARG A 212 3.68 -19.35 -3.88
N LEU A 213 4.37 -19.38 -2.75
CA LEU A 213 4.11 -18.43 -1.66
C LEU A 213 4.36 -16.99 -2.09
N SER A 214 5.42 -16.77 -2.84
CA SER A 214 5.69 -15.44 -3.37
C SER A 214 4.55 -14.94 -4.28
N ALA A 215 4.03 -15.82 -5.14
CA ALA A 215 2.99 -15.48 -6.12
C ALA A 215 1.70 -15.14 -5.40
N LEU A 216 1.49 -15.82 -4.26
CA LEU A 216 0.37 -15.57 -3.40
C LEU A 216 0.50 -14.24 -2.62
N GLN A 217 1.63 -14.05 -1.94
CA GLN A 217 1.81 -12.90 -1.07
C GLN A 217 1.98 -11.56 -1.81
N GLN A 218 2.43 -11.61 -3.07
CA GLN A 218 2.75 -10.34 -3.81
C GLN A 218 1.51 -9.48 -4.04
N TRP A 219 0.33 -10.12 -4.11
CA TRP A 219 -0.93 -9.37 -4.32
C TRP A 219 -1.09 -8.28 -3.27
N GLY A 220 -1.40 -7.08 -3.74
CA GLY A 220 -1.60 -5.99 -2.82
C GLY A 220 -0.31 -5.39 -2.34
N LEU A 221 0.84 -5.91 -2.78
CA LEU A 221 2.12 -5.30 -2.38
C LEU A 221 2.69 -4.39 -3.44
N PRO A 222 3.31 -3.27 -3.01
CA PRO A 222 4.06 -2.54 -4.01
C PRO A 222 5.11 -3.44 -4.67
N GLU A 223 5.34 -3.21 -5.96
CA GLU A 223 6.28 -4.04 -6.68
C GLU A 223 7.64 -4.15 -5.96
N SER A 224 8.19 -3.01 -5.52
CA SER A 224 9.54 -3.03 -4.91
C SER A 224 9.54 -4.04 -3.76
N ALA A 225 8.48 -4.03 -2.94
CA ALA A 225 8.35 -4.99 -1.83
C ALA A 225 8.06 -6.45 -2.24
N ALA A 226 7.21 -6.64 -3.25
CA ALA A 226 6.93 -7.98 -3.75
C ALA A 226 8.20 -8.64 -4.32
N LEU A 227 9.00 -7.88 -5.05
CA LEU A 227 10.29 -8.36 -5.59
C LEU A 227 11.31 -8.67 -4.52
N ASP A 228 11.32 -7.85 -3.46
CA ASP A 228 12.21 -8.09 -2.33
C ASP A 228 11.80 -9.38 -1.60
N LEU A 229 10.51 -9.60 -1.46
CA LEU A 229 9.99 -10.79 -0.78
C LEU A 229 10.17 -12.05 -1.66
N GLU A 230 10.07 -11.87 -2.98
CA GLU A 230 10.35 -12.96 -3.90
C GLU A 230 11.83 -13.36 -3.77
N PHE A 231 12.71 -12.38 -3.57
CA PHE A 231 14.15 -12.62 -3.58
C PHE A 231 14.52 -13.53 -2.41
N ALA A 232 13.83 -13.38 -1.28
CA ALA A 232 13.92 -14.30 -0.16
C ALA A 232 13.82 -15.80 -0.51
N SER A 233 13.27 -16.15 -1.68
CA SER A 233 13.22 -17.56 -2.11
C SER A 233 14.63 -18.21 -2.17
N ILE A 234 15.65 -17.47 -2.55
CA ILE A 234 16.96 -18.10 -2.72
C ILE A 234 17.59 -18.41 -1.34
N SER A 235 17.42 -17.47 -0.39
CA SER A 235 17.77 -17.66 1.01
C SER A 235 17.04 -18.84 1.58
N ARG A 236 15.76 -18.97 1.20
CA ARG A 236 14.88 -19.98 1.73
C ARG A 236 15.32 -21.38 1.31
N VAL A 237 15.65 -21.49 0.02
CA VAL A 237 16.11 -22.72 -0.57
C VAL A 237 17.49 -23.06 0.04
N ALA A 238 18.34 -22.04 0.21
CA ALA A 238 19.62 -22.21 0.89
C ALA A 238 19.48 -22.64 2.37
N ALA A 239 18.47 -22.12 3.07
CA ALA A 239 18.16 -22.52 4.46
C ALA A 239 17.73 -23.99 4.63
N GLU A 240 16.80 -24.48 3.80
CA GLU A 240 16.33 -25.88 3.87
C GLU A 240 17.44 -26.92 3.60
N ASP B 8 -31.45 18.98 -22.63
CA ASP B 8 -30.70 18.47 -21.44
C ASP B 8 -29.40 17.78 -21.87
N LEU B 9 -28.27 18.22 -21.32
CA LEU B 9 -26.98 17.55 -21.59
C LEU B 9 -26.99 16.08 -21.11
N VAL B 10 -27.61 15.87 -19.93
CA VAL B 10 -27.75 14.54 -19.36
C VAL B 10 -29.21 14.31 -19.00
N GLN B 11 -29.76 13.18 -19.45
CA GLN B 11 -31.11 12.76 -19.07
C GLN B 11 -31.07 11.62 -18.07
N VAL B 12 -32.04 11.65 -17.15
CA VAL B 12 -32.16 10.65 -16.11
C VAL B 12 -33.59 10.13 -16.10
N GLU B 13 -33.74 8.84 -16.38
CA GLU B 13 -35.05 8.20 -16.36
C GLU B 13 -35.05 7.14 -15.28
N ARG B 14 -36.13 7.12 -14.50
CA ARG B 14 -36.23 6.19 -13.40
C ARG B 14 -37.35 5.20 -13.70
N ASN B 15 -37.02 3.92 -13.61
CA ASN B 15 -37.97 2.83 -13.86
CA ASN B 15 -37.96 2.85 -13.85
C ASN B 15 -37.92 1.83 -12.70
N GLY B 16 -38.82 2.01 -11.72
CA GLY B 16 -38.78 1.20 -10.50
C GLY B 16 -37.43 1.45 -9.81
N PRO B 17 -36.75 0.37 -9.36
CA PRO B 17 -35.45 0.57 -8.69
C PRO B 17 -34.26 0.84 -9.62
N VAL B 18 -34.51 1.00 -10.93
CA VAL B 18 -33.45 1.21 -11.92
C VAL B 18 -33.44 2.65 -12.48
N THR B 19 -32.35 3.36 -12.27
CA THR B 19 -32.19 4.72 -12.78
C THR B 19 -31.28 4.67 -14.00
N THR B 20 -31.74 5.23 -15.12
CA THR B 20 -30.94 5.20 -16.31
C THR B 20 -30.41 6.58 -16.57
N VAL B 21 -29.09 6.73 -16.59
CA VAL B 21 -28.46 8.00 -16.90
C VAL B 21 -28.02 7.98 -18.38
N ILE B 22 -28.32 9.05 -19.10
CA ILE B 22 -28.15 9.09 -20.53
C ILE B 22 -27.36 10.34 -20.92
N ILE B 23 -26.21 10.15 -21.58
CA ILE B 23 -25.45 11.29 -22.13
C ILE B 23 -26.18 11.76 -23.37
N ASN B 24 -26.59 13.03 -23.36
CA ASN B 24 -27.47 13.52 -24.41
C ASN B 24 -26.83 14.58 -25.31
N ARG B 25 -25.72 14.22 -25.95
CA ARG B 25 -25.06 15.11 -26.89
C ARG B 25 -24.71 14.31 -28.16
N PRO B 26 -25.73 13.76 -28.85
CA PRO B 26 -25.49 12.91 -30.03
C PRO B 26 -24.74 13.61 -31.19
N GLN B 27 -24.96 14.90 -31.40
CA GLN B 27 -24.24 15.58 -32.50
C GLN B 27 -22.79 15.90 -32.11
N ALA B 28 -22.43 15.69 -30.86
CA ALA B 28 -21.03 15.83 -30.41
C ALA B 28 -20.50 14.44 -30.06
N ARG B 29 -21.20 13.40 -30.53
CA ARG B 29 -20.80 11.99 -30.35
C ARG B 29 -20.73 11.64 -28.85
N ASN B 30 -21.60 12.32 -28.08
CA ASN B 30 -21.63 12.22 -26.63
C ASN B 30 -20.28 12.47 -25.93
N ALA B 31 -19.47 13.33 -26.56
CA ALA B 31 -18.30 13.89 -25.89
C ALA B 31 -18.78 14.62 -24.62
N VAL B 32 -17.91 14.67 -23.61
CA VAL B 32 -18.29 15.28 -22.34
C VAL B 32 -17.49 16.56 -22.09
N ASN B 33 -18.22 17.66 -21.94
CA ASN B 33 -17.57 18.91 -21.60
C ASN B 33 -17.82 19.19 -20.10
N GLY B 34 -17.34 20.33 -19.61
CA GLY B 34 -17.51 20.72 -18.20
C GLY B 34 -18.93 20.52 -17.71
N PRO B 35 -19.91 21.24 -18.30
CA PRO B 35 -21.32 21.13 -17.89
C PRO B 35 -21.85 19.72 -18.02
N THR B 36 -21.39 18.95 -19.01
CA THR B 36 -21.94 17.59 -19.16
C THR B 36 -21.48 16.69 -18.01
N ALA B 37 -20.21 16.82 -17.67
CA ALA B 37 -19.58 16.14 -16.53
C ALA B 37 -20.24 16.51 -15.19
N ALA B 38 -20.50 17.80 -14.97
CA ALA B 38 -21.16 18.26 -13.73
C ALA B 38 -22.54 17.65 -13.60
N ALA B 39 -23.27 17.58 -14.72
CA ALA B 39 -24.59 16.96 -14.73
C ALA B 39 -24.54 15.45 -14.47
N LEU B 40 -23.50 14.80 -15.00
CA LEU B 40 -23.29 13.37 -14.75
C LEU B 40 -22.95 13.10 -13.29
N TYR B 41 -22.08 13.94 -12.72
CA TYR B 41 -21.73 13.85 -11.29
C TYR B 41 -23.00 14.00 -10.43
N SER B 42 -23.74 15.10 -10.61
CA SER B 42 -25.04 15.28 -9.92
C SER B 42 -25.95 14.08 -10.06
N ALA B 43 -26.15 13.57 -11.28
CA ALA B 43 -27.04 12.44 -11.47
C ALA B 43 -26.61 11.24 -10.63
N PHE B 44 -25.32 10.91 -10.65
CA PHE B 44 -24.84 9.76 -9.86
C PHE B 44 -24.77 10.02 -8.34
N ALA B 45 -24.52 11.26 -7.94
CA ALA B 45 -24.55 11.61 -6.53
C ALA B 45 -25.95 11.43 -5.99
N GLU B 46 -26.94 11.79 -6.81
CA GLU B 46 -28.33 11.67 -6.41
C GLU B 46 -28.76 10.22 -6.39
N PHE B 47 -28.40 9.50 -7.45
CA PHE B 47 -28.64 8.06 -7.51
C PHE B 47 -28.13 7.39 -6.23
N ASP B 48 -26.90 7.73 -5.84
CA ASP B 48 -26.21 7.10 -4.71
C ASP B 48 -26.99 7.33 -3.39
N ARG B 49 -27.53 8.53 -3.23
CA ARG B 49 -28.24 8.85 -1.98
C ARG B 49 -29.74 8.55 -2.05
N ASP B 50 -30.22 8.11 -3.20
CA ASP B 50 -31.63 7.74 -3.37
C ASP B 50 -31.92 6.29 -2.92
N GLU B 51 -32.51 6.16 -1.74
CA GLU B 51 -32.85 4.85 -1.18
C GLU B 51 -33.79 3.99 -2.07
N SER B 52 -34.65 4.63 -2.86
CA SER B 52 -35.53 3.89 -3.77
C SER B 52 -34.89 3.50 -5.13
N ALA B 53 -33.62 3.88 -5.32
CA ALA B 53 -32.83 3.46 -6.48
C ALA B 53 -31.82 2.38 -6.09
N SER B 54 -31.84 1.25 -6.80
CA SER B 54 -30.96 0.10 -6.51
C SER B 54 -29.75 -0.05 -7.45
N VAL B 55 -30.00 0.15 -8.76
CA VAL B 55 -29.02 -0.10 -9.80
C VAL B 55 -29.15 0.98 -10.88
N ALA B 56 -28.01 1.44 -11.42
CA ALA B 56 -28.04 2.41 -12.51
C ALA B 56 -27.55 1.83 -13.82
N VAL B 57 -27.92 2.51 -14.90
CA VAL B 57 -27.42 2.21 -16.23
C VAL B 57 -26.86 3.50 -16.83
N LEU B 58 -25.65 3.42 -17.39
CA LEU B 58 -25.10 4.52 -18.18
C LEU B 58 -25.12 4.21 -19.68
N CYS B 59 -25.67 5.14 -20.44
CA CYS B 59 -25.69 5.09 -21.90
C CYS B 59 -25.59 6.48 -22.56
N GLY B 60 -25.47 6.48 -23.88
CA GLY B 60 -25.63 7.70 -24.68
C GLY B 60 -26.76 7.59 -25.70
N ASN B 61 -27.32 8.73 -26.08
CA ASN B 61 -28.31 8.79 -27.16
C ASN B 61 -27.64 8.82 -28.54
N GLY B 62 -28.41 8.48 -29.56
CA GLY B 62 -27.99 8.61 -30.94
C GLY B 62 -27.05 7.52 -31.41
N GLY B 63 -27.02 6.39 -30.72
CA GLY B 63 -26.24 5.26 -31.18
C GLY B 63 -24.74 5.32 -30.92
N THR B 64 -24.31 6.14 -29.96
CA THR B 64 -22.94 6.02 -29.47
C THR B 64 -22.88 6.23 -27.94
N PHE B 65 -21.86 5.68 -27.29
CA PHE B 65 -21.79 5.74 -25.83
C PHE B 65 -21.21 7.09 -25.38
N CYS B 66 -19.94 7.33 -25.68
CA CYS B 66 -19.20 8.51 -25.22
C CYS B 66 -17.85 8.54 -25.90
N ALA B 67 -17.55 9.66 -26.58
CA ALA B 67 -16.24 9.85 -27.23
C ALA B 67 -15.14 10.37 -26.29
N GLY B 68 -15.45 10.51 -25.00
CA GLY B 68 -14.49 11.08 -24.04
C GLY B 68 -14.62 12.60 -23.88
N ALA B 69 -13.51 13.24 -23.52
CA ALA B 69 -13.49 14.69 -23.29
C ALA B 69 -13.80 15.46 -24.58
N ASP B 70 -14.62 16.50 -24.47
CA ASP B 70 -14.94 17.38 -25.58
C ASP B 70 -13.71 18.22 -25.97
N LEU B 71 -12.92 17.74 -26.93
CA LEU B 71 -11.77 18.52 -27.47
C LEU B 71 -12.10 19.98 -27.84
N LYS B 72 -13.28 20.23 -28.41
CA LYS B 72 -13.64 21.61 -28.76
C LYS B 72 -13.95 22.53 -27.57
N ALA B 73 -14.14 21.98 -26.37
CA ALA B 73 -14.37 22.86 -25.22
C ALA B 73 -13.07 23.32 -24.55
N PHE B 74 -11.95 22.69 -24.89
CA PHE B 74 -10.64 23.04 -24.31
C PHE B 74 -10.36 24.54 -24.49
N GLY B 75 -9.97 25.20 -23.40
CA GLY B 75 -9.65 26.63 -23.45
C GLY B 75 -10.86 27.54 -23.29
N THR B 76 -12.05 26.96 -23.25
CA THR B 76 -13.29 27.75 -23.19
C THR B 76 -13.95 27.66 -21.83
N ALA B 77 -15.02 28.42 -21.64
CA ALA B 77 -15.80 28.42 -20.41
C ALA B 77 -16.37 27.05 -20.11
N GLU B 78 -16.57 26.25 -21.17
CA GLU B 78 -17.18 24.93 -21.04
C GLU B 78 -16.12 23.84 -20.89
N ALA B 79 -14.88 24.24 -20.66
CA ALA B 79 -13.78 23.29 -20.49
C ALA B 79 -14.10 22.29 -19.40
N ASN B 80 -13.56 21.09 -19.55
CA ASN B 80 -13.65 20.10 -18.48
C ASN B 80 -12.86 20.63 -17.29
N ALA B 81 -13.48 20.60 -16.12
CA ALA B 81 -12.84 21.00 -14.86
C ALA B 81 -11.79 19.95 -14.51
N VAL B 82 -10.58 20.41 -14.23
CA VAL B 82 -9.43 19.55 -13.98
C VAL B 82 -8.86 19.93 -12.60
N HIS B 83 -9.32 19.23 -11.56
CA HIS B 83 -8.87 19.55 -10.19
C HIS B 83 -8.45 18.30 -9.44
N ARG B 84 -7.44 18.44 -8.59
CA ARG B 84 -7.01 17.32 -7.75
C ARG B 84 -8.14 16.71 -6.93
N THR B 85 -9.13 17.51 -6.57
CA THR B 85 -10.22 17.02 -5.72
C THR B 85 -11.56 17.39 -6.36
N GLY B 86 -12.66 16.99 -5.72
CA GLY B 86 -14.00 17.11 -6.32
C GLY B 86 -14.17 16.15 -7.49
N PRO B 87 -15.13 16.45 -8.40
CA PRO B 87 -15.41 15.60 -9.56
C PRO B 87 -14.21 15.45 -10.50
N GLY B 88 -14.09 14.27 -11.10
CA GLY B 88 -13.10 14.06 -12.16
C GLY B 88 -13.54 14.78 -13.42
N PRO B 89 -12.63 14.92 -14.40
CA PRO B 89 -12.92 15.67 -15.63
C PRO B 89 -14.14 15.13 -16.37
N MET B 90 -14.31 13.80 -16.35
CA MET B 90 -15.51 13.17 -16.93
C MET B 90 -16.73 13.16 -16.03
N GLY B 91 -16.59 13.61 -14.78
CA GLY B 91 -17.78 13.73 -13.91
C GLY B 91 -17.78 12.80 -12.71
N PRO B 92 -18.41 11.62 -12.85
CA PRO B 92 -18.53 10.65 -11.74
C PRO B 92 -17.32 9.72 -11.53
N SER B 93 -16.26 9.89 -12.32
CA SER B 93 -15.19 8.87 -12.48
C SER B 93 -14.36 8.52 -11.23
N ARG B 94 -14.42 9.39 -10.22
CA ARG B 94 -13.70 9.23 -8.96
C ARG B 94 -14.62 8.68 -7.89
N MET B 95 -15.91 8.57 -8.18
CA MET B 95 -16.86 8.12 -7.17
C MET B 95 -16.73 6.62 -6.98
N MET B 96 -16.70 6.17 -5.73
CA MET B 96 -17.06 4.78 -5.48
C MET B 96 -18.48 4.79 -4.92
N LEU B 97 -19.44 4.52 -5.81
CA LEU B 97 -20.85 4.53 -5.43
C LEU B 97 -21.10 3.33 -4.48
N SER B 98 -22.18 3.42 -3.70
CA SER B 98 -22.57 2.34 -2.79
C SER B 98 -23.36 1.28 -3.56
N LYS B 99 -23.66 1.58 -4.83
CA LYS B 99 -24.51 0.72 -5.66
C LYS B 99 -23.94 0.63 -7.08
N PRO B 100 -24.20 -0.49 -7.78
CA PRO B 100 -23.64 -0.79 -9.10
C PRO B 100 -24.23 0.01 -10.27
N VAL B 101 -23.41 0.22 -11.30
CA VAL B 101 -23.81 0.84 -12.55
C VAL B 101 -23.40 -0.07 -13.70
N ILE B 102 -24.29 -0.24 -14.66
CA ILE B 102 -24.04 -1.05 -15.85
C ILE B 102 -23.90 -0.15 -17.08
N ALA B 103 -22.77 -0.28 -17.77
CA ALA B 103 -22.52 0.45 -19.02
C ALA B 103 -23.25 -0.21 -20.19
N ALA B 104 -24.07 0.57 -20.90
CA ALA B 104 -24.70 0.10 -22.13
C ALA B 104 -24.00 0.76 -23.31
N VAL B 105 -23.13 0.00 -23.98
CA VAL B 105 -22.14 0.53 -24.92
C VAL B 105 -22.59 0.31 -26.37
N SER B 106 -23.03 1.40 -27.00
CA SER B 106 -23.30 1.43 -28.42
C SER B 106 -22.18 2.28 -29.02
N GLY B 107 -21.93 2.10 -30.33
CA GLY B 107 -20.90 2.89 -31.00
C GLY B 107 -19.51 2.85 -30.33
N TYR B 108 -19.01 4.03 -29.95
CA TYR B 108 -17.71 4.13 -29.33
C TYR B 108 -17.78 4.40 -27.83
N ALA B 109 -16.95 3.67 -27.09
CA ALA B 109 -16.61 3.99 -25.72
C ALA B 109 -15.11 4.15 -25.74
N VAL B 110 -14.67 5.38 -25.94
CA VAL B 110 -13.27 5.64 -26.21
C VAL B 110 -12.78 6.82 -25.42
N ALA B 111 -11.49 6.78 -25.11
CA ALA B 111 -10.80 7.84 -24.39
C ALA B 111 -11.52 7.96 -23.02
N GLY B 112 -11.84 9.19 -22.57
CA GLY B 112 -12.67 9.36 -21.36
C GLY B 112 -13.95 8.54 -21.35
N GLY B 113 -14.48 8.24 -22.54
CA GLY B 113 -15.70 7.45 -22.65
C GLY B 113 -15.44 6.01 -22.22
N LEU B 114 -14.27 5.50 -22.60
CA LEU B 114 -13.84 4.16 -22.18
C LEU B 114 -13.68 4.15 -20.64
N GLU B 115 -13.07 5.21 -20.11
CA GLU B 115 -12.92 5.34 -18.69
C GLU B 115 -14.26 5.25 -17.95
N LEU B 116 -15.27 5.96 -18.46
CA LEU B 116 -16.62 5.84 -17.89
C LEU B 116 -17.15 4.42 -17.96
N ALA B 117 -16.90 3.74 -19.07
CA ALA B 117 -17.30 2.34 -19.17
C ALA B 117 -16.57 1.46 -18.14
N LEU B 118 -15.30 1.77 -17.88
CA LEU B 118 -14.49 0.95 -16.95
C LEU B 118 -14.91 1.18 -15.48
N TRP B 119 -15.37 2.40 -15.19
CA TRP B 119 -15.91 2.80 -13.89
C TRP B 119 -17.25 2.12 -13.60
N CYS B 120 -18.04 1.84 -14.64
CA CYS B 120 -19.17 0.95 -14.48
C CYS B 120 -18.73 -0.46 -14.06
N ASP B 121 -19.63 -1.15 -13.36
CA ASP B 121 -19.31 -2.46 -12.82
C ASP B 121 -19.38 -3.56 -13.86
N LEU B 122 -20.30 -3.41 -14.82
CA LEU B 122 -20.45 -4.35 -15.93
C LEU B 122 -20.60 -3.61 -17.23
N ARG B 123 -20.27 -4.29 -18.33
CA ARG B 123 -20.35 -3.66 -19.66
C ARG B 123 -21.14 -4.51 -20.64
N VAL B 124 -22.24 -3.96 -21.16
CA VAL B 124 -23.03 -4.65 -22.16
C VAL B 124 -22.74 -3.95 -23.47
N ALA B 125 -22.21 -4.70 -24.42
CA ALA B 125 -21.78 -4.12 -25.70
C ALA B 125 -22.57 -4.62 -26.87
N GLU B 126 -22.91 -3.69 -27.74
CA GLU B 126 -23.52 -4.01 -29.01
C GLU B 126 -22.46 -4.62 -29.91
N GLN B 127 -22.90 -5.49 -30.81
CA GLN B 127 -22.04 -6.25 -31.73
C GLN B 127 -21.03 -5.40 -32.47
N ASP B 128 -21.39 -4.17 -32.82
CA ASP B 128 -20.48 -3.31 -33.59
C ASP B 128 -19.88 -2.19 -32.76
N ALA B 129 -20.00 -2.28 -31.44
CA ALA B 129 -19.43 -1.30 -30.53
C ALA B 129 -17.91 -1.41 -30.54
N VAL B 130 -17.27 -0.27 -30.25
CA VAL B 130 -15.82 -0.18 -30.24
C VAL B 130 -15.34 0.44 -28.92
N PHE B 131 -14.33 -0.18 -28.30
CA PHE B 131 -13.61 0.34 -27.12
C PHE B 131 -12.18 0.78 -27.51
N GLY B 132 -11.67 1.82 -26.89
CA GLY B 132 -10.30 2.23 -27.19
C GLY B 132 -9.75 3.36 -26.37
N VAL B 133 -8.42 3.39 -26.23
CA VAL B 133 -7.72 4.49 -25.58
C VAL B 133 -7.39 5.52 -26.67
N PHE B 134 -8.42 6.11 -27.27
CA PHE B 134 -8.19 6.95 -28.46
C PHE B 134 -7.52 8.25 -28.12
N CYS B 135 -7.50 8.60 -26.83
CA CYS B 135 -6.79 9.78 -26.35
C CYS B 135 -5.27 9.62 -26.54
N ARG B 136 -4.79 8.39 -26.78
CA ARG B 136 -3.35 8.17 -27.08
C ARG B 136 -2.94 8.98 -28.34
N ARG B 137 -3.79 8.94 -29.37
CA ARG B 137 -3.64 9.74 -30.60
CA ARG B 137 -3.59 9.76 -30.60
C ARG B 137 -3.37 11.22 -30.24
N TRP B 138 -4.22 11.76 -29.37
CA TRP B 138 -4.25 13.18 -29.03
C TRP B 138 -3.28 13.68 -27.97
N GLY B 139 -2.61 12.77 -27.27
CA GLY B 139 -1.71 13.21 -26.23
C GLY B 139 -2.47 13.77 -25.03
N VAL B 140 -3.76 13.39 -24.93
CA VAL B 140 -4.56 13.70 -23.78
C VAL B 140 -4.51 12.53 -22.77
N PRO B 141 -4.02 12.80 -21.55
CA PRO B 141 -3.80 11.73 -20.55
C PRO B 141 -5.09 11.09 -20.02
N LEU B 142 -5.00 9.81 -19.68
CA LEU B 142 -6.06 9.13 -18.94
C LEU B 142 -6.04 9.60 -17.49
N ILE B 143 -6.99 10.48 -17.12
CA ILE B 143 -7.06 11.02 -15.76
C ILE B 143 -8.45 10.83 -15.17
N ASP B 144 -9.11 9.77 -15.61
CA ASP B 144 -10.43 9.42 -15.12
C ASP B 144 -10.49 7.93 -14.75
N GLY B 145 -9.34 7.44 -14.25
CA GLY B 145 -9.23 6.10 -13.69
C GLY B 145 -8.86 5.01 -14.65
N GLY B 146 -8.63 5.33 -15.93
CA GLY B 146 -8.37 4.29 -16.91
C GLY B 146 -7.10 3.47 -16.64
N THR B 147 -6.05 4.12 -16.16
CA THR B 147 -4.79 3.42 -15.90
C THR B 147 -4.92 2.59 -14.61
N VAL B 148 -5.91 2.95 -13.80
CA VAL B 148 -6.10 2.27 -12.54
C VAL B 148 -6.95 1.04 -12.76
N ARG B 149 -8.02 1.18 -13.52
CA ARG B 149 -9.01 0.14 -13.58
C ARG B 149 -8.76 -0.85 -14.70
N LEU B 150 -8.19 -0.40 -15.81
CA LEU B 150 -8.10 -1.32 -16.96
C LEU B 150 -7.21 -2.52 -16.61
N PRO B 151 -6.05 -2.29 -15.97
CA PRO B 151 -5.27 -3.50 -15.58
C PRO B 151 -5.98 -4.44 -14.55
N ARG B 152 -6.78 -3.87 -13.64
CA ARG B 152 -7.53 -4.66 -12.67
C ARG B 152 -8.63 -5.48 -13.35
N LEU B 153 -9.30 -4.86 -14.34
CA LEU B 153 -10.41 -5.47 -15.08
C LEU B 153 -10.03 -6.67 -15.98
N ILE B 154 -8.93 -6.53 -16.73
CA ILE B 154 -8.61 -7.49 -17.78
C ILE B 154 -7.16 -7.95 -17.72
N GLY B 155 -6.42 -7.56 -16.68
CA GLY B 155 -5.08 -8.05 -16.48
C GLY B 155 -4.11 -7.02 -17.06
N HIS B 156 -2.87 -7.06 -16.63
CA HIS B 156 -1.96 -5.98 -16.97
C HIS B 156 -1.50 -6.07 -18.42
N SER B 157 -1.22 -7.28 -18.91
CA SER B 157 -0.76 -7.48 -20.30
C SER B 157 -1.69 -6.82 -21.35
N ARG B 158 -2.96 -7.18 -21.31
CA ARG B 158 -3.90 -6.68 -22.28
C ARG B 158 -4.21 -5.21 -22.07
N ALA B 159 -4.23 -4.78 -20.78
CA ALA B 159 -4.43 -3.39 -20.47
C ALA B 159 -3.32 -2.55 -21.09
N MET B 160 -2.08 -3.02 -20.94
CA MET B 160 -0.92 -2.28 -21.39
C MET B 160 -0.92 -2.21 -22.94
N ASP B 161 -1.31 -3.29 -23.58
CA ASP B 161 -1.56 -3.26 -25.04
C ASP B 161 -2.56 -2.14 -25.42
N MET B 162 -3.76 -2.14 -24.84
CA MET B 162 -4.72 -1.07 -25.08
C MET B 162 -4.18 0.35 -24.78
N ILE B 163 -3.53 0.50 -23.62
CA ILE B 163 -3.04 1.78 -23.21
C ILE B 163 -1.97 2.30 -24.16
N LEU B 164 -0.96 1.47 -24.44
CA LEU B 164 0.13 1.92 -25.28
C LEU B 164 -0.32 2.23 -26.70
N THR B 165 -1.08 1.33 -27.32
CA THR B 165 -1.31 1.42 -28.77
C THR B 165 -2.41 2.41 -29.12
N GLY B 166 -3.37 2.58 -28.20
CA GLY B 166 -4.58 3.37 -28.42
C GLY B 166 -5.55 2.69 -29.38
N ARG B 167 -5.27 1.43 -29.72
CA ARG B 167 -5.95 0.76 -30.82
C ARG B 167 -7.41 0.49 -30.51
N ALA B 168 -8.21 0.37 -31.56
CA ALA B 168 -9.62 -0.01 -31.45
C ALA B 168 -9.78 -1.45 -30.95
N VAL B 169 -10.70 -1.67 -30.01
CA VAL B 169 -11.05 -3.04 -29.62
C VAL B 169 -12.53 -3.31 -29.94
N GLN B 170 -12.78 -4.19 -30.91
CA GLN B 170 -14.16 -4.47 -31.27
C GLN B 170 -14.79 -5.38 -30.21
N ALA B 171 -16.13 -5.35 -30.17
CA ALA B 171 -16.92 -6.09 -29.19
C ALA B 171 -16.57 -7.56 -29.09
N ASP B 172 -16.26 -8.20 -30.21
CA ASP B 172 -15.93 -9.65 -30.17
C ASP B 172 -14.65 -9.89 -29.37
N GLU B 173 -13.60 -9.14 -29.69
CA GLU B 173 -12.38 -9.16 -28.92
C GLU B 173 -12.63 -8.71 -27.49
N ALA B 174 -13.47 -7.72 -27.30
CA ALA B 174 -13.77 -7.21 -25.98
C ALA B 174 -14.34 -8.29 -25.04
N LEU B 175 -15.27 -9.07 -25.57
CA LEU B 175 -15.85 -10.19 -24.89
C LEU B 175 -14.81 -11.27 -24.59
N ALA B 176 -13.99 -11.62 -25.59
CA ALA B 176 -12.98 -12.67 -25.42
C ALA B 176 -12.00 -12.33 -24.30
N ILE B 177 -11.68 -11.03 -24.12
CA ILE B 177 -10.69 -10.63 -23.12
C ILE B 177 -11.25 -10.15 -21.75
N GLY B 178 -12.57 -10.17 -21.58
CA GLY B 178 -13.20 -9.81 -20.30
C GLY B 178 -13.61 -8.35 -20.18
N LEU B 179 -13.28 -7.55 -21.20
CA LEU B 179 -13.64 -6.13 -21.26
C LEU B 179 -15.17 -5.90 -21.37
N ALA B 180 -15.82 -6.62 -22.28
CA ALA B 180 -17.28 -6.58 -22.37
C ALA B 180 -17.77 -7.82 -21.61
N ASN B 181 -18.81 -7.68 -20.79
CA ASN B 181 -19.34 -8.85 -20.09
C ASN B 181 -20.40 -9.56 -20.92
N ARG B 182 -21.16 -8.76 -21.68
CA ARG B 182 -22.18 -9.30 -22.59
C ARG B 182 -21.99 -8.61 -23.94
N VAL B 183 -22.27 -9.34 -25.02
CA VAL B 183 -22.41 -8.73 -26.34
C VAL B 183 -23.81 -9.04 -26.86
N VAL B 184 -24.50 -8.01 -27.32
CA VAL B 184 -25.86 -8.16 -27.82
C VAL B 184 -25.96 -7.49 -29.19
N PRO B 185 -27.03 -7.79 -29.95
CA PRO B 185 -27.24 -7.13 -31.25
C PRO B 185 -27.26 -5.60 -31.15
N ASN B 186 -26.81 -4.93 -32.22
CA ASN B 186 -26.95 -3.48 -32.37
C ASN B 186 -28.31 -2.94 -31.98
N GLY B 187 -28.32 -1.76 -31.35
CA GLY B 187 -29.53 -1.15 -30.86
C GLY B 187 -30.01 -1.68 -29.53
N GLN B 188 -29.44 -2.79 -29.07
CA GLN B 188 -30.03 -3.47 -27.92
C GLN B 188 -29.30 -3.39 -26.57
N ALA B 189 -28.17 -2.68 -26.50
CA ALA B 189 -27.40 -2.54 -25.23
C ALA B 189 -28.23 -1.93 -24.10
N ARG B 190 -28.91 -0.80 -24.38
CA ARG B 190 -29.70 -0.12 -23.38
C ARG B 190 -30.71 -1.09 -22.75
N GLN B 191 -31.49 -1.74 -23.62
CA GLN B 191 -32.49 -2.72 -23.23
C GLN B 191 -31.89 -3.90 -22.44
N ALA B 192 -30.82 -4.50 -22.96
CA ALA B 192 -30.17 -5.62 -22.29
C ALA B 192 -29.61 -5.21 -20.90
N ALA B 193 -29.01 -4.00 -20.82
CA ALA B 193 -28.48 -3.49 -19.53
C ALA B 193 -29.57 -3.16 -18.52
N GLU B 194 -30.66 -2.58 -19.00
CA GLU B 194 -31.77 -2.21 -18.10
C GLU B 194 -32.50 -3.45 -17.59
N GLU B 195 -32.53 -4.49 -18.43
CA GLU B 195 -33.01 -5.82 -18.09
C GLU B 195 -32.09 -6.42 -17.00
N LEU B 196 -30.79 -6.49 -17.31
CA LEU B 196 -29.83 -7.01 -16.36
C LEU B 196 -29.92 -6.27 -15.02
N ALA B 197 -29.98 -4.93 -15.08
CA ALA B 197 -30.19 -4.09 -13.92
C ALA B 197 -31.43 -4.48 -13.07
N ALA B 198 -32.56 -4.74 -13.73
CA ALA B 198 -33.79 -5.16 -13.04
C ALA B 198 -33.60 -6.46 -12.28
N GLN B 199 -33.05 -7.48 -12.96
CA GLN B 199 -32.68 -8.76 -12.28
C GLN B 199 -31.84 -8.52 -11.02
N LEU B 200 -30.83 -7.65 -11.16
CA LEU B 200 -29.95 -7.39 -10.03
C LEU B 200 -30.71 -6.70 -8.89
N ALA B 201 -31.60 -5.77 -9.25
CA ALA B 201 -32.38 -5.01 -8.29
C ALA B 201 -33.36 -5.89 -7.48
N ALA B 202 -33.75 -7.03 -8.06
CA ALA B 202 -34.63 -8.01 -7.39
C ALA B 202 -33.90 -8.91 -6.42
N LEU B 203 -32.56 -8.97 -6.52
CA LEU B 203 -31.78 -9.80 -5.58
C LEU B 203 -31.64 -9.12 -4.23
N PRO B 204 -31.34 -9.90 -3.15
CA PRO B 204 -31.20 -9.26 -1.82
C PRO B 204 -30.08 -8.24 -1.86
N GLN B 205 -30.40 -6.99 -1.55
CA GLN B 205 -29.57 -5.87 -1.97
C GLN B 205 -28.31 -5.68 -1.13
N GLN B 206 -28.45 -5.95 0.17
CA GLN B 206 -27.38 -5.72 1.14
C GLN B 206 -26.11 -6.50 0.85
N CYS B 207 -26.29 -7.81 0.67
CA CYS B 207 -25.20 -8.74 0.39
CA CYS B 207 -25.24 -8.75 0.40
C CYS B 207 -24.55 -8.40 -0.92
N LEU B 208 -25.36 -8.16 -1.95
CA LEU B 208 -24.88 -7.71 -3.24
C LEU B 208 -23.95 -6.51 -3.05
N ARG B 209 -24.42 -5.50 -2.31
CA ARG B 209 -23.66 -4.27 -2.14
C ARG B 209 -22.35 -4.42 -1.38
N SER B 210 -22.36 -5.26 -0.33
CA SER B 210 -21.15 -5.54 0.41
C SER B 210 -20.18 -6.38 -0.39
N ASP B 211 -20.68 -7.45 -1.02
CA ASP B 211 -19.80 -8.27 -1.86
C ASP B 211 -19.08 -7.40 -2.89
N ARG B 212 -19.84 -6.60 -3.63
CA ARG B 212 -19.31 -5.65 -4.62
C ARG B 212 -18.23 -4.74 -4.03
N LEU B 213 -18.52 -4.09 -2.90
CA LEU B 213 -17.55 -3.18 -2.30
C LEU B 213 -16.29 -3.89 -1.78
N SER B 214 -16.46 -5.12 -1.27
CA SER B 214 -15.28 -5.85 -0.82
C SER B 214 -14.42 -6.20 -2.06
N ALA B 215 -15.09 -6.60 -3.14
CA ALA B 215 -14.38 -6.97 -4.39
C ALA B 215 -13.60 -5.78 -4.94
N LEU B 216 -14.15 -4.58 -4.78
CA LEU B 216 -13.49 -3.38 -5.24
C LEU B 216 -12.31 -3.03 -4.31
N GLN B 217 -12.55 -3.00 -3.02
CA GLN B 217 -11.53 -2.51 -2.10
C GLN B 217 -10.36 -3.48 -1.88
N GLN B 218 -10.57 -4.78 -2.12
CA GLN B 218 -9.48 -5.75 -1.94
C GLN B 218 -8.24 -5.48 -2.83
N TRP B 219 -8.45 -4.76 -3.93
CA TRP B 219 -7.37 -4.37 -4.85
C TRP B 219 -6.25 -3.57 -4.17
N GLY B 220 -6.61 -2.82 -3.15
CA GLY B 220 -5.61 -2.07 -2.41
C GLY B 220 -5.00 -2.80 -1.23
N LEU B 221 -5.18 -4.12 -1.14
CA LEU B 221 -4.80 -4.82 0.09
C LEU B 221 -4.19 -6.20 -0.15
N PRO B 222 -3.18 -6.56 0.65
CA PRO B 222 -2.73 -7.96 0.72
C PRO B 222 -3.78 -8.91 1.33
N GLU B 223 -3.63 -10.21 1.06
CA GLU B 223 -4.72 -11.17 1.24
C GLU B 223 -5.36 -11.07 2.62
N SER B 224 -4.51 -11.05 3.62
CA SER B 224 -4.93 -11.07 5.02
C SER B 224 -5.78 -9.85 5.40
N ALA B 225 -5.34 -8.67 4.98
CA ALA B 225 -6.09 -7.43 5.22
C ALA B 225 -7.35 -7.40 4.37
N ALA B 226 -7.27 -7.91 3.13
CA ALA B 226 -8.44 -8.02 2.26
C ALA B 226 -9.50 -8.95 2.91
N LEU B 227 -9.07 -10.08 3.42
CA LEU B 227 -9.96 -10.99 4.20
C LEU B 227 -10.62 -10.31 5.40
N ASP B 228 -9.84 -9.56 6.19
CA ASP B 228 -10.42 -8.78 7.30
C ASP B 228 -11.49 -7.83 6.78
N LEU B 229 -11.16 -7.06 5.74
CA LEU B 229 -12.14 -6.16 5.15
C LEU B 229 -13.39 -6.92 4.67
N GLU B 230 -13.19 -8.08 4.06
CA GLU B 230 -14.34 -8.86 3.57
C GLU B 230 -15.26 -9.26 4.75
N PHE B 231 -14.67 -9.70 5.86
CA PHE B 231 -15.42 -10.06 7.08
C PHE B 231 -16.36 -8.93 7.57
N ALA B 232 -15.97 -7.67 7.39
CA ALA B 232 -16.91 -6.57 7.70
C ALA B 232 -18.24 -6.50 6.90
N SER B 233 -18.40 -7.34 5.87
CA SER B 233 -19.71 -7.46 5.14
C SER B 233 -20.84 -8.04 6.02
N ILE B 234 -20.47 -8.68 7.11
CA ILE B 234 -21.44 -9.26 7.99
C ILE B 234 -21.43 -8.43 9.26
N SER B 235 -22.57 -7.79 9.58
CA SER B 235 -22.71 -7.00 10.80
C SER B 235 -22.48 -7.90 12.03
N ARG B 236 -22.19 -7.30 13.18
CA ARG B 236 -21.95 -8.06 14.44
C ARG B 236 -23.19 -8.87 14.81
N VAL B 237 -24.33 -8.20 14.69
CA VAL B 237 -25.65 -8.72 15.02
C VAL B 237 -25.96 -9.90 14.11
N ALA B 238 -25.63 -9.75 12.83
CA ALA B 238 -25.81 -10.80 11.82
C ALA B 238 -24.94 -12.04 12.08
N ALA B 239 -23.73 -11.82 12.60
CA ALA B 239 -22.76 -12.91 12.89
C ALA B 239 -23.20 -13.79 14.06
N GLU B 240 -23.72 -13.14 15.11
CA GLU B 240 -24.36 -13.78 16.27
C GLU B 240 -25.61 -14.53 15.82
N ALA B 241 -26.37 -13.92 14.89
CA ALA B 241 -27.54 -14.55 14.27
C ALA B 241 -27.18 -15.88 13.56
N LEU B 242 -26.20 -15.84 12.64
CA LEU B 242 -25.79 -17.05 11.91
C LEU B 242 -25.25 -18.18 12.82
N GLU B 243 -24.36 -17.84 13.75
CA GLU B 243 -23.77 -18.82 14.64
C GLU B 243 -24.63 -19.01 15.89
N VAL C 6 42.68 15.23 -5.02
CA VAL C 6 42.16 16.49 -4.38
C VAL C 6 41.11 17.22 -5.24
N SER C 7 41.08 16.94 -6.55
CA SER C 7 40.15 17.62 -7.47
C SER C 7 38.91 16.79 -7.90
N ASP C 8 38.77 15.58 -7.36
CA ASP C 8 37.54 14.80 -7.57
C ASP C 8 36.32 15.50 -6.91
N LEU C 9 35.21 15.57 -7.65
CA LEU C 9 33.98 16.18 -7.14
C LEU C 9 33.45 15.37 -5.95
N VAL C 10 33.70 14.07 -5.97
CA VAL C 10 33.28 13.18 -4.90
C VAL C 10 34.50 12.33 -4.59
N GLN C 11 34.95 12.36 -3.34
CA GLN C 11 36.05 11.49 -2.91
C GLN C 11 35.50 10.29 -2.11
N VAL C 12 36.22 9.17 -2.21
CA VAL C 12 35.81 7.93 -1.58
C VAL C 12 37.02 7.40 -0.79
N GLU C 13 36.90 7.37 0.53
CA GLU C 13 37.97 6.85 1.38
C GLU C 13 37.42 5.67 2.14
N ARG C 14 38.23 4.62 2.26
CA ARG C 14 37.82 3.40 2.90
C ARG C 14 38.75 3.14 4.06
N ASN C 15 38.18 2.65 5.16
CA ASN C 15 38.95 2.20 6.29
C ASN C 15 38.28 0.92 6.79
N GLY C 16 38.86 -0.23 6.47
CA GLY C 16 38.23 -1.52 6.76
C GLY C 16 36.84 -1.55 6.12
N PRO C 17 35.85 -2.10 6.84
CA PRO C 17 34.48 -2.18 6.28
C PRO C 17 33.69 -0.85 6.30
N VAL C 18 34.35 0.27 6.57
CA VAL C 18 33.67 1.58 6.50
C VAL C 18 34.07 2.39 5.27
N THR C 19 33.09 2.74 4.47
CA THR C 19 33.33 3.52 3.26
C THR C 19 32.79 4.93 3.50
N THR C 20 33.65 5.92 3.34
CA THR C 20 33.29 7.32 3.56
C THR C 20 33.21 8.03 2.21
N VAL C 21 32.02 8.57 1.93
CA VAL C 21 31.74 9.21 0.65
C VAL C 21 31.68 10.71 0.94
N ILE C 22 32.50 11.47 0.23
CA ILE C 22 32.73 12.85 0.57
C ILE C 22 32.40 13.74 -0.60
N ILE C 23 31.52 14.70 -0.37
CA ILE C 23 31.28 15.72 -1.35
C ILE C 23 32.38 16.77 -1.22
N ASN C 24 33.07 16.98 -2.33
CA ASN C 24 34.26 17.80 -2.36
C ASN C 24 34.12 19.01 -3.27
N ARG C 25 33.16 19.87 -2.93
CA ARG C 25 32.93 21.12 -3.62
C ARG C 25 32.82 22.27 -2.59
N PRO C 26 33.82 22.44 -1.68
CA PRO C 26 33.64 23.44 -0.61
C PRO C 26 33.45 24.86 -1.11
N GLN C 27 34.06 25.20 -2.25
CA GLN C 27 33.91 26.54 -2.85
C GLN C 27 32.47 26.80 -3.33
N ALA C 28 31.69 25.74 -3.50
CA ALA C 28 30.28 25.88 -3.81
C ALA C 28 29.35 25.42 -2.66
N ARG C 29 29.87 25.36 -1.43
CA ARG C 29 29.13 24.86 -0.26
C ARG C 29 28.58 23.41 -0.47
N ASN C 30 29.33 22.61 -1.22
CA ASN C 30 29.02 21.21 -1.49
C ASN C 30 27.66 21.04 -2.13
N ALA C 31 27.26 22.05 -2.90
CA ALA C 31 26.11 21.94 -3.77
C ALA C 31 26.38 20.88 -4.81
N VAL C 32 25.33 20.18 -5.20
CA VAL C 32 25.41 19.05 -6.08
C VAL C 32 24.87 19.40 -7.47
N ASN C 33 25.77 19.40 -8.45
CA ASN C 33 25.40 19.55 -9.86
C ASN C 33 25.30 18.16 -10.52
N GLY C 34 25.03 18.13 -11.82
CA GLY C 34 24.91 16.86 -12.55
C GLY C 34 26.08 15.89 -12.39
N PRO C 35 27.29 16.31 -12.77
CA PRO C 35 28.44 15.40 -12.56
C PRO C 35 28.60 14.92 -11.12
N THR C 36 28.40 15.81 -10.15
CA THR C 36 28.57 15.43 -8.76
C THR C 36 27.53 14.40 -8.37
N ALA C 37 26.27 14.63 -8.79
CA ALA C 37 25.18 13.69 -8.58
C ALA C 37 25.53 12.32 -9.15
N ALA C 38 26.05 12.26 -10.38
CA ALA C 38 26.34 10.99 -11.00
C ALA C 38 27.45 10.27 -10.22
N ALA C 39 28.49 11.00 -9.81
CA ALA C 39 29.60 10.43 -9.01
C ALA C 39 29.14 9.91 -7.64
N LEU C 40 28.17 10.62 -7.03
CA LEU C 40 27.55 10.16 -5.77
C LEU C 40 26.79 8.87 -5.99
N TYR C 41 25.98 8.84 -7.05
CA TYR C 41 25.26 7.64 -7.40
C TYR C 41 26.23 6.47 -7.60
N SER C 42 27.30 6.66 -8.39
CA SER C 42 28.28 5.60 -8.65
C SER C 42 28.95 5.10 -7.37
N ALA C 43 29.35 6.04 -6.50
CA ALA C 43 30.05 5.71 -5.27
C ALA C 43 29.19 4.78 -4.43
N PHE C 44 27.88 5.09 -4.37
CA PHE C 44 26.95 4.33 -3.56
C PHE C 44 26.59 2.99 -4.19
N ALA C 45 26.47 2.95 -5.53
CA ALA C 45 26.28 1.68 -6.23
C ALA C 45 27.50 0.78 -6.03
N GLU C 46 28.69 1.36 -6.11
CA GLU C 46 29.89 0.57 -5.84
C GLU C 46 29.91 0.09 -4.39
N PHE C 47 29.58 0.99 -3.45
CA PHE C 47 29.52 0.63 -2.02
C PHE C 47 28.62 -0.57 -1.81
N ASP C 48 27.45 -0.52 -2.47
CA ASP C 48 26.40 -1.51 -2.30
C ASP C 48 26.83 -2.92 -2.69
N ARG C 49 27.63 -3.03 -3.75
CA ARG C 49 28.05 -4.33 -4.28
C ARG C 49 29.42 -4.77 -3.76
N ASP C 50 30.06 -3.93 -2.96
CA ASP C 50 31.38 -4.21 -2.45
C ASP C 50 31.19 -5.01 -1.18
N GLU C 51 31.45 -6.32 -1.26
CA GLU C 51 31.17 -7.26 -0.17
C GLU C 51 32.00 -7.06 1.10
N SER C 52 33.17 -6.43 1.01
CA SER C 52 33.93 -6.08 2.22
C SER C 52 33.59 -4.69 2.81
N ALA C 53 32.71 -3.94 2.18
CA ALA C 53 32.21 -2.72 2.79
C ALA C 53 30.91 -3.02 3.53
N SER C 54 30.82 -2.56 4.78
CA SER C 54 29.64 -2.85 5.59
C SER C 54 28.73 -1.64 5.83
N VAL C 55 29.33 -0.47 6.00
CA VAL C 55 28.56 0.71 6.36
C VAL C 55 29.20 1.87 5.64
N ALA C 56 28.38 2.82 5.19
CA ALA C 56 28.89 4.05 4.61
C ALA C 56 28.69 5.29 5.49
N VAL C 57 29.56 6.28 5.24
CA VAL C 57 29.42 7.59 5.82
C VAL C 57 29.31 8.63 4.71
N LEU C 58 28.33 9.51 4.79
CA LEU C 58 28.24 10.60 3.80
C LEU C 58 28.54 11.91 4.50
N CYS C 59 29.46 12.69 3.92
CA CYS C 59 29.88 13.97 4.50
C CYS C 59 30.33 14.94 3.41
N GLY C 60 30.62 16.19 3.79
CA GLY C 60 31.13 17.19 2.86
C GLY C 60 32.44 17.78 3.38
N ASN C 61 33.31 18.21 2.48
CA ASN C 61 34.58 18.85 2.90
C ASN C 61 34.37 20.34 3.19
N GLY C 62 35.27 20.91 4.01
CA GLY C 62 35.37 22.36 4.14
C GLY C 62 34.39 22.98 5.11
N GLY C 63 33.79 22.14 5.97
CA GLY C 63 32.95 22.63 7.08
C GLY C 63 31.46 22.68 6.80
N THR C 64 31.02 22.03 5.73
CA THR C 64 29.61 21.98 5.41
C THR C 64 29.25 20.66 4.75
N PHE C 65 27.98 20.27 4.86
CA PHE C 65 27.50 18.98 4.38
C PHE C 65 27.11 19.08 2.92
N CYS C 66 26.09 19.89 2.64
CA CYS C 66 25.53 19.96 1.28
C CYS C 66 24.46 21.04 1.18
N ALA C 67 24.70 22.05 0.34
CA ALA C 67 23.74 23.15 0.13
C ALA C 67 22.53 22.79 -0.77
N GLY C 68 22.49 21.55 -1.26
CA GLY C 68 21.39 21.10 -2.12
C GLY C 68 21.82 21.10 -3.58
N ALA C 69 20.85 21.19 -4.49
CA ALA C 69 21.13 21.22 -5.92
C ALA C 69 21.92 22.48 -6.28
N ASP C 70 22.85 22.38 -7.21
CA ASP C 70 23.70 23.52 -7.56
C ASP C 70 22.94 24.55 -8.42
N LEU C 71 22.39 25.55 -7.74
CA LEU C 71 21.53 26.53 -8.44
C LEU C 71 22.29 27.33 -9.53
N LYS C 72 23.60 27.50 -9.35
CA LYS C 72 24.45 28.21 -10.32
C LYS C 72 24.70 27.41 -11.61
N ALA C 73 24.59 26.08 -11.55
CA ALA C 73 24.80 25.20 -12.70
C ALA C 73 23.57 25.09 -13.61
N PHE C 74 22.45 25.62 -13.13
CA PHE C 74 21.20 25.60 -13.88
C PHE C 74 21.39 26.42 -15.15
N GLY C 75 20.80 25.97 -16.25
CA GLY C 75 21.04 26.55 -17.56
C GLY C 75 22.44 26.27 -18.09
N THR C 76 23.12 25.26 -17.55
CA THR C 76 24.40 24.85 -18.11
C THR C 76 24.41 23.34 -18.34
N ALA C 77 25.39 22.85 -19.10
CA ALA C 77 25.53 21.43 -19.37
C ALA C 77 25.67 20.59 -18.09
N GLU C 78 26.18 21.16 -17.02
CA GLU C 78 26.30 20.41 -15.77
C GLU C 78 25.15 20.59 -14.76
N ALA C 79 24.00 21.09 -15.20
CA ALA C 79 22.74 21.04 -14.45
C ALA C 79 22.46 19.64 -13.91
N ASN C 80 21.75 19.53 -12.79
CA ASN C 80 21.23 18.25 -12.37
C ASN C 80 20.37 17.66 -13.45
N ALA C 81 20.39 16.34 -13.57
CA ALA C 81 19.55 15.64 -14.52
C ALA C 81 18.23 15.34 -13.80
N VAL C 82 17.12 15.71 -14.43
CA VAL C 82 15.82 15.70 -13.75
C VAL C 82 14.87 14.77 -14.52
N HIS C 83 14.77 13.54 -14.03
CA HIS C 83 14.07 12.49 -14.78
C HIS C 83 13.22 11.72 -13.79
N ARG C 84 12.06 11.31 -14.30
CA ARG C 84 11.10 10.58 -13.52
C ARG C 84 11.63 9.20 -13.08
N THR C 85 12.50 8.58 -13.87
CA THR C 85 13.09 7.28 -13.50
C THR C 85 14.63 7.37 -13.37
N GLY C 86 15.25 6.30 -12.92
CA GLY C 86 16.70 6.32 -12.71
C GLY C 86 17.07 7.10 -11.46
N PRO C 87 18.33 7.57 -11.39
CA PRO C 87 18.87 8.30 -10.22
C PRO C 87 18.07 9.56 -9.99
N GLY C 88 17.80 9.89 -8.72
CA GLY C 88 17.17 11.16 -8.42
C GLY C 88 18.09 12.32 -8.83
N PRO C 89 17.56 13.56 -8.86
CA PRO C 89 18.39 14.73 -9.20
C PRO C 89 19.66 14.89 -8.38
N MET C 90 19.62 14.50 -7.10
CA MET C 90 20.79 14.64 -6.22
C MET C 90 21.76 13.47 -6.34
N GLY C 91 21.38 12.42 -7.08
CA GLY C 91 22.23 11.23 -7.20
C GLY C 91 21.63 9.95 -6.59
N PRO C 92 21.91 9.70 -5.28
CA PRO C 92 21.54 8.48 -4.60
C PRO C 92 20.17 8.52 -3.94
N SER C 93 19.46 9.63 -4.11
CA SER C 93 18.27 9.89 -3.31
C SER C 93 17.10 8.90 -3.49
N ARG C 94 17.15 8.07 -4.53
CA ARG C 94 16.07 7.10 -4.77
C ARG C 94 16.53 5.67 -4.46
N MET C 95 17.81 5.51 -4.10
CA MET C 95 18.40 4.19 -3.89
C MET C 95 17.93 3.56 -2.58
N MET C 96 17.53 2.30 -2.64
CA MET C 96 17.45 1.50 -1.45
C MET C 96 18.71 0.60 -1.40
N LEU C 97 19.70 1.01 -0.61
CA LEU C 97 20.93 0.25 -0.44
C LEU C 97 20.67 -0.98 0.46
N SER C 98 21.48 -2.03 0.29
CA SER C 98 21.42 -3.22 1.14
C SER C 98 22.12 -2.98 2.48
N LYS C 99 22.81 -1.85 2.59
CA LYS C 99 23.59 -1.52 3.80
C LYS C 99 23.36 -0.07 4.22
N PRO C 100 23.55 0.26 5.51
CA PRO C 100 23.18 1.58 5.99
C PRO C 100 24.22 2.67 5.72
N VAL C 101 23.77 3.93 5.71
CA VAL C 101 24.63 5.09 5.49
C VAL C 101 24.36 6.08 6.62
N ILE C 102 25.41 6.71 7.13
CA ILE C 102 25.31 7.67 8.21
C ILE C 102 25.75 9.04 7.69
N ALA C 103 24.86 10.03 7.81
CA ALA C 103 25.17 11.40 7.43
C ALA C 103 25.95 12.02 8.55
N ALA C 104 27.13 12.53 8.21
CA ALA C 104 27.94 13.33 9.10
C ALA C 104 27.72 14.79 8.69
N VAL C 105 26.88 15.48 9.45
CA VAL C 105 26.41 16.81 9.08
C VAL C 105 27.22 17.92 9.79
N SER C 106 28.03 18.65 9.02
CA SER C 106 28.65 19.88 9.49
C SER C 106 27.96 20.99 8.74
N GLY C 107 28.02 22.20 9.27
CA GLY C 107 27.44 23.36 8.61
C GLY C 107 25.98 23.10 8.25
N TYR C 108 25.66 23.16 6.97
CA TYR C 108 24.29 23.18 6.51
C TYR C 108 24.00 21.90 5.75
N ALA C 109 22.87 21.28 6.06
CA ALA C 109 22.24 20.31 5.16
C ALA C 109 20.87 20.93 4.82
N VAL C 110 20.80 21.58 3.65
CA VAL C 110 19.60 22.30 3.26
C VAL C 110 19.10 21.90 1.87
N ALA C 111 17.79 22.03 1.67
CA ALA C 111 17.16 21.65 0.40
C ALA C 111 17.56 20.22 0.06
N GLY C 112 18.06 19.97 -1.16
CA GLY C 112 18.53 18.65 -1.56
C GLY C 112 19.56 18.03 -0.62
N GLY C 113 20.29 18.88 0.09
CA GLY C 113 21.26 18.43 1.10
C GLY C 113 20.54 17.89 2.33
N LEU C 114 19.45 18.55 2.72
CA LEU C 114 18.57 17.96 3.74
C LEU C 114 18.04 16.60 3.25
N GLU C 115 17.53 16.56 2.03
CA GLU C 115 17.04 15.34 1.44
C GLU C 115 18.06 14.20 1.43
N LEU C 116 19.31 14.52 1.11
CA LEU C 116 20.43 13.55 1.29
C LEU C 116 20.65 13.08 2.74
N ALA C 117 20.56 14.00 3.69
CA ALA C 117 20.70 13.61 5.10
C ALA C 117 19.52 12.73 5.53
N LEU C 118 18.32 13.00 4.97
CA LEU C 118 17.13 12.20 5.27
C LEU C 118 17.20 10.82 4.66
N TRP C 119 17.77 10.74 3.47
CA TRP C 119 17.98 9.44 2.80
C TRP C 119 18.97 8.54 3.59
N CYS C 120 19.97 9.13 4.25
CA CYS C 120 20.83 8.38 5.17
C CYS C 120 20.02 7.75 6.32
N ASP C 121 20.53 6.64 6.87
CA ASP C 121 19.82 5.91 7.91
C ASP C 121 19.89 6.58 9.29
N LEU C 122 20.98 7.31 9.55
CA LEU C 122 21.19 8.00 10.82
C LEU C 122 21.92 9.28 10.48
N ARG C 123 21.71 10.29 11.33
CA ARG C 123 22.36 11.59 11.17
C ARG C 123 23.13 11.96 12.42
N VAL C 124 24.43 12.18 12.23
CA VAL C 124 25.30 12.65 13.29
C VAL C 124 25.57 14.13 13.01
N ALA C 125 25.16 15.02 13.91
CA ALA C 125 25.22 16.47 13.61
C ALA C 125 26.18 17.22 14.51
N GLU C 126 26.96 18.13 13.93
CA GLU C 126 27.78 19.05 14.73
C GLU C 126 26.90 20.03 15.44
N GLN C 127 27.39 20.55 16.58
CA GLN C 127 26.64 21.48 17.40
C GLN C 127 26.07 22.65 16.65
N ASP C 128 26.84 23.26 15.76
CA ASP C 128 26.30 24.40 15.05
C ASP C 128 25.75 24.03 13.66
N ALA C 129 25.47 22.74 13.46
CA ALA C 129 24.87 22.27 12.21
C ALA C 129 23.42 22.75 12.01
N VAL C 130 22.98 22.85 10.77
CA VAL C 130 21.65 23.40 10.47
C VAL C 130 20.94 22.56 9.41
N PHE C 131 19.71 22.16 9.70
CA PHE C 131 18.85 21.47 8.74
C PHE C 131 17.73 22.39 8.26
N GLY C 132 17.38 22.31 6.99
CA GLY C 132 16.32 23.21 6.48
C GLY C 132 15.88 23.03 5.07
N VAL C 133 14.60 23.32 4.84
CA VAL C 133 13.98 23.26 3.51
C VAL C 133 14.17 24.64 2.90
N PHE C 134 15.42 25.06 2.72
CA PHE C 134 15.73 26.42 2.22
C PHE C 134 15.25 26.68 0.81
N CYS C 135 14.97 25.60 0.06
CA CYS C 135 14.42 25.74 -1.29
C CYS C 135 12.99 26.33 -1.25
N ARG C 136 12.36 26.33 -0.09
CA ARG C 136 11.07 27.04 0.11
C ARG C 136 11.12 28.54 -0.30
N ARG C 137 12.18 29.22 0.10
CA ARG C 137 12.37 30.64 -0.28
C ARG C 137 12.62 30.82 -1.78
N TRP C 138 13.29 29.84 -2.40
CA TRP C 138 13.68 29.96 -3.80
C TRP C 138 12.61 29.40 -4.73
N GLY C 139 11.57 28.79 -4.16
CA GLY C 139 10.52 28.19 -4.97
C GLY C 139 10.93 27.02 -5.87
N VAL C 140 11.86 26.19 -5.39
CA VAL C 140 12.29 24.99 -6.10
C VAL C 140 11.74 23.83 -5.27
N PRO C 141 11.00 22.88 -5.91
CA PRO C 141 10.32 21.87 -5.07
C PRO C 141 11.26 20.79 -4.54
N LEU C 142 10.83 20.09 -3.48
CA LEU C 142 11.53 18.94 -2.93
C LEU C 142 11.20 17.76 -3.84
N ILE C 143 12.20 17.28 -4.56
CA ILE C 143 12.00 16.15 -5.49
C ILE C 143 13.11 15.09 -5.31
N ASP C 144 13.67 15.05 -4.11
CA ASP C 144 14.62 13.99 -3.74
C ASP C 144 14.20 13.29 -2.44
N GLY C 145 12.90 13.30 -2.16
CA GLY C 145 12.34 12.40 -1.15
C GLY C 145 12.01 13.09 0.14
N GLY C 146 12.31 14.40 0.19
CA GLY C 146 12.11 15.17 1.42
C GLY C 146 10.67 15.13 1.92
N THR C 147 9.71 15.22 1.01
CA THR C 147 8.33 15.22 1.49
C THR C 147 7.87 13.83 1.85
N VAL C 148 8.63 12.82 1.43
CA VAL C 148 8.25 11.44 1.71
C VAL C 148 8.87 11.00 3.04
N ARG C 149 10.18 11.28 3.18
CA ARG C 149 10.97 10.85 4.32
C ARG C 149 10.79 11.69 5.59
N LEU C 150 10.72 13.01 5.44
CA LEU C 150 10.66 13.84 6.64
C LEU C 150 9.47 13.48 7.56
N PRO C 151 8.23 13.44 7.00
CA PRO C 151 7.10 13.03 7.88
C PRO C 151 7.27 11.64 8.51
N ARG C 152 7.87 10.69 7.80
CA ARG C 152 8.05 9.33 8.31
C ARG C 152 9.12 9.29 9.40
N LEU C 153 10.12 10.16 9.27
CA LEU C 153 11.24 10.19 10.19
C LEU C 153 10.90 10.87 11.52
N ILE C 154 10.14 11.97 11.48
CA ILE C 154 9.94 12.77 12.70
C ILE C 154 8.47 13.08 12.94
N GLY C 155 7.57 12.46 12.15
CA GLY C 155 6.13 12.65 12.31
C GLY C 155 5.64 13.81 11.43
N HIS C 156 4.35 13.80 11.08
CA HIS C 156 3.82 14.79 10.10
C HIS C 156 3.88 16.20 10.65
N SER C 157 3.61 16.38 11.94
CA SER C 157 3.48 17.71 12.49
C SER C 157 4.75 18.53 12.34
N ARG C 158 5.85 18.00 12.88
CA ARG C 158 7.15 18.69 12.79
C ARG C 158 7.67 18.76 11.36
N ALA C 159 7.40 17.72 10.57
CA ALA C 159 7.78 17.77 9.14
C ALA C 159 7.02 18.88 8.40
N MET C 160 5.73 19.03 8.66
CA MET C 160 4.96 20.11 8.02
C MET C 160 5.44 21.53 8.40
N ASP C 161 5.89 21.70 9.64
CA ASP C 161 6.49 22.98 10.09
C ASP C 161 7.72 23.26 9.22
N MET C 162 8.67 22.32 9.21
CA MET C 162 9.89 22.50 8.41
C MET C 162 9.63 22.77 6.92
N ILE C 163 8.63 22.08 6.36
CA ILE C 163 8.38 22.11 4.93
C ILE C 163 7.68 23.41 4.55
N LEU C 164 6.67 23.81 5.34
CA LEU C 164 5.94 25.05 5.08
C LEU C 164 6.79 26.27 5.30
N THR C 165 7.48 26.33 6.44
CA THR C 165 8.20 27.53 6.81
C THR C 165 9.58 27.66 6.11
N GLY C 166 10.17 26.53 5.76
CA GLY C 166 11.54 26.47 5.26
C GLY C 166 12.56 26.83 6.36
N ARG C 167 12.14 26.88 7.61
CA ARG C 167 13.03 27.42 8.65
C ARG C 167 14.20 26.49 8.95
N ALA C 168 15.27 27.09 9.41
CA ALA C 168 16.46 26.36 9.87
C ALA C 168 16.23 25.68 11.20
N VAL C 169 16.56 24.41 11.28
CA VAL C 169 16.50 23.71 12.54
C VAL C 169 17.95 23.42 12.94
N GLN C 170 18.39 24.06 14.03
CA GLN C 170 19.73 23.87 14.59
C GLN C 170 19.82 22.53 15.32
N ALA C 171 21.03 22.15 15.71
CA ALA C 171 21.29 20.77 16.11
C ALA C 171 20.55 20.32 17.38
N ASP C 172 20.47 21.22 18.36
CA ASP C 172 19.78 20.94 19.61
C ASP C 172 18.27 20.64 19.40
N GLU C 173 17.59 21.53 18.66
CA GLU C 173 16.20 21.22 18.27
C GLU C 173 16.17 19.94 17.41
N ALA C 174 17.12 19.78 16.49
CA ALA C 174 17.13 18.60 15.62
C ALA C 174 17.18 17.28 16.44
N LEU C 175 18.00 17.29 17.48
CA LEU C 175 18.14 16.14 18.38
C LEU C 175 16.85 15.94 19.16
N ALA C 176 16.26 17.04 19.62
CA ALA C 176 15.03 17.01 20.43
C ALA C 176 13.88 16.39 19.66
N ILE C 177 13.81 16.63 18.36
CA ILE C 177 12.67 16.16 17.53
C ILE C 177 12.97 14.87 16.78
N GLY C 178 14.16 14.31 16.95
CA GLY C 178 14.52 13.05 16.33
C GLY C 178 15.12 13.18 14.93
N LEU C 179 15.27 14.41 14.44
CA LEU C 179 15.91 14.64 13.16
C LEU C 179 17.42 14.27 13.20
N ALA C 180 18.14 14.74 14.21
CA ALA C 180 19.54 14.34 14.41
C ALA C 180 19.51 13.20 15.42
N ASN C 181 20.27 12.15 15.18
CA ASN C 181 20.34 11.06 16.12
C ASN C 181 21.42 11.28 17.16
N ARG C 182 22.48 12.01 16.76
CA ARG C 182 23.56 12.38 17.65
C ARG C 182 23.96 13.84 17.44
N VAL C 183 24.35 14.48 18.53
CA VAL C 183 25.03 15.75 18.43
C VAL C 183 26.43 15.65 19.05
N VAL C 184 27.44 16.14 18.31
CA VAL C 184 28.83 15.99 18.70
C VAL C 184 29.47 17.37 18.47
N PRO C 185 30.70 17.61 19.02
CA PRO C 185 31.29 18.95 18.86
C PRO C 185 31.54 19.36 17.41
N ASN C 186 31.61 20.67 17.16
CA ASN C 186 32.00 21.19 15.87
C ASN C 186 33.33 20.59 15.42
N GLY C 187 33.43 20.26 14.14
CA GLY C 187 34.61 19.61 13.59
C GLY C 187 34.61 18.10 13.71
N GLN C 188 33.67 17.52 14.47
CA GLN C 188 33.75 16.09 14.83
C GLN C 188 32.72 15.15 14.17
N ALA C 189 31.75 15.68 13.42
CA ALA C 189 30.73 14.82 12.79
C ALA C 189 31.31 13.61 12.02
N ARG C 190 32.27 13.86 11.13
CA ARG C 190 32.79 12.82 10.26
C ARG C 190 33.48 11.76 11.10
N GLN C 191 34.40 12.17 11.99
CA GLN C 191 34.98 11.22 12.97
C GLN C 191 33.91 10.44 13.78
N ALA C 192 32.96 11.14 14.40
CA ALA C 192 31.90 10.47 15.19
C ALA C 192 31.05 9.55 14.31
N ALA C 193 30.68 9.99 13.11
CA ALA C 193 29.95 9.10 12.19
C ALA C 193 30.82 7.89 11.78
N GLU C 194 32.14 8.07 11.63
CA GLU C 194 32.99 6.94 11.22
C GLU C 194 33.13 5.92 12.34
N GLU C 195 33.09 6.41 13.57
CA GLU C 195 33.17 5.58 14.77
C GLU C 195 31.87 4.80 14.98
N LEU C 196 30.74 5.50 14.89
CA LEU C 196 29.45 4.83 14.91
C LEU C 196 29.37 3.77 13.81
N ALA C 197 29.84 4.12 12.61
CA ALA C 197 29.86 3.17 11.48
C ALA C 197 30.65 1.90 11.78
N ALA C 198 31.83 2.08 12.39
CA ALA C 198 32.65 0.95 12.79
C ALA C 198 31.95 0.06 13.81
N GLN C 199 31.24 0.68 14.76
CA GLN C 199 30.54 -0.11 15.78
C GLN C 199 29.43 -0.93 15.13
N LEU C 200 28.75 -0.34 14.14
CA LEU C 200 27.71 -1.06 13.42
C LEU C 200 28.34 -2.16 12.59
N ALA C 201 29.44 -1.84 11.91
CA ALA C 201 30.17 -2.83 11.09
C ALA C 201 30.61 -4.06 11.91
N ALA C 202 30.76 -3.88 13.22
CA ALA C 202 31.32 -4.90 14.12
C ALA C 202 30.27 -5.87 14.64
N LEU C 203 29.01 -5.56 14.40
CA LEU C 203 27.87 -6.36 14.82
C LEU C 203 27.60 -7.42 13.78
N PRO C 204 26.91 -8.51 14.18
CA PRO C 204 26.53 -9.51 13.17
C PRO C 204 25.73 -8.87 12.03
N GLN C 205 26.25 -9.01 10.81
CA GLN C 205 25.81 -8.18 9.69
C GLN C 205 24.51 -8.56 9.00
N GLN C 206 24.32 -9.84 8.68
CA GLN C 206 23.16 -10.25 7.90
C GLN C 206 21.90 -9.91 8.64
N CYS C 207 21.95 -10.03 9.96
CA CYS C 207 20.86 -9.72 10.84
C CYS C 207 20.58 -8.21 10.95
N LEU C 208 21.62 -7.41 11.12
CA LEU C 208 21.43 -5.97 11.11
C LEU C 208 20.79 -5.53 9.78
N ARG C 209 21.25 -6.14 8.69
CA ARG C 209 20.85 -5.71 7.35
C ARG C 209 19.39 -6.04 7.10
N SER C 210 18.99 -7.20 7.59
CA SER C 210 17.66 -7.71 7.40
C SER C 210 16.66 -6.92 8.27
N ASP C 211 17.04 -6.66 9.52
CA ASP C 211 16.21 -5.82 10.39
C ASP C 211 16.02 -4.45 9.76
N ARG C 212 17.10 -3.85 9.28
CA ARG C 212 17.01 -2.52 8.66
C ARG C 212 16.04 -2.47 7.45
N LEU C 213 16.16 -3.45 6.54
CA LEU C 213 15.38 -3.48 5.33
C LEU C 213 13.92 -3.75 5.58
N SER C 214 13.58 -4.51 6.64
CA SER C 214 12.17 -4.67 6.98
C SER C 214 11.57 -3.38 7.53
N ALA C 215 12.30 -2.73 8.44
CA ALA C 215 11.88 -1.44 8.99
C ALA C 215 11.67 -0.38 7.89
N LEU C 216 12.49 -0.43 6.84
CA LEU C 216 12.27 0.48 5.72
C LEU C 216 10.99 0.13 4.95
N GLN C 217 10.79 -1.15 4.67
CA GLN C 217 9.74 -1.54 3.73
C GLN C 217 8.37 -1.74 4.35
N GLN C 218 8.31 -1.77 5.68
CA GLN C 218 7.03 -1.91 6.35
C GLN C 218 6.15 -0.66 6.10
N TRP C 219 6.79 0.48 5.87
CA TRP C 219 6.05 1.72 5.67
C TRP C 219 5.01 1.61 4.56
N GLY C 220 3.76 1.85 4.92
CA GLY C 220 2.68 1.83 3.92
C GLY C 220 1.91 0.53 3.97
N LEU C 221 2.53 -0.55 4.45
CA LEU C 221 1.86 -1.86 4.50
C LEU C 221 0.93 -2.07 5.69
N PRO C 222 -0.23 -2.74 5.47
CA PRO C 222 -0.99 -3.16 6.66
C PRO C 222 -0.13 -4.04 7.56
N GLU C 223 -0.42 -4.04 8.86
CA GLU C 223 0.45 -4.72 9.81
C GLU C 223 0.76 -6.19 9.47
N SER C 224 -0.26 -6.94 9.09
CA SER C 224 -0.06 -8.37 8.93
C SER C 224 0.81 -8.67 7.72
N ALA C 225 0.69 -7.87 6.66
CA ALA C 225 1.58 -7.99 5.50
C ALA C 225 3.02 -7.61 5.82
N ALA C 226 3.20 -6.60 6.65
CA ALA C 226 4.54 -6.17 7.04
C ALA C 226 5.21 -7.21 7.97
N LEU C 227 4.40 -7.84 8.83
CA LEU C 227 4.85 -9.01 9.60
C LEU C 227 5.38 -10.15 8.72
N ASP C 228 4.68 -10.41 7.61
CA ASP C 228 5.12 -11.41 6.63
C ASP C 228 6.47 -11.10 6.07
N LEU C 229 6.66 -9.85 5.67
CA LEU C 229 7.93 -9.40 5.11
C LEU C 229 9.05 -9.50 6.15
N GLU C 230 8.70 -9.17 7.39
CA GLU C 230 9.65 -9.22 8.49
C GLU C 230 10.07 -10.68 8.74
N PHE C 231 9.12 -11.60 8.66
CA PHE C 231 9.39 -12.98 9.01
C PHE C 231 10.39 -13.66 8.06
N ALA C 232 10.42 -13.27 6.80
CA ALA C 232 11.48 -13.76 5.90
C ALA C 232 12.90 -13.64 6.46
N SER C 233 13.14 -12.66 7.34
CA SER C 233 14.51 -12.46 7.89
C SER C 233 15.11 -13.74 8.42
N ILE C 234 14.29 -14.58 9.04
CA ILE C 234 14.80 -15.78 9.68
C ILE C 234 15.47 -16.72 8.67
N SER C 235 14.88 -16.89 7.50
CA SER C 235 15.56 -17.73 6.49
C SER C 235 16.73 -16.94 5.84
N ARG C 236 16.49 -15.66 5.59
CA ARG C 236 17.51 -14.80 5.02
C ARG C 236 18.81 -14.72 5.85
N VAL C 237 18.66 -14.63 7.16
CA VAL C 237 19.82 -14.47 8.05
C VAL C 237 20.56 -15.80 8.21
N ALA C 238 19.81 -16.89 8.39
CA ALA C 238 20.39 -18.25 8.55
C ALA C 238 21.23 -18.56 7.31
N ALA C 239 20.60 -18.52 6.15
CA ALA C 239 21.30 -18.75 4.90
C ALA C 239 22.57 -17.86 4.76
N GLU C 240 22.41 -16.53 4.77
CA GLU C 240 23.49 -15.60 4.37
C GLU C 240 24.65 -15.52 5.37
N ALA C 241 24.34 -15.33 6.66
CA ALA C 241 25.37 -15.38 7.71
C ALA C 241 26.17 -16.70 7.72
N LEU C 242 25.49 -17.82 7.45
CA LEU C 242 26.19 -19.12 7.37
C LEU C 242 27.08 -19.22 6.13
N GLU C 243 26.61 -18.68 5.01
CA GLU C 243 27.41 -18.64 3.77
C GLU C 243 28.57 -17.65 3.88
N GLY C 244 28.32 -16.48 4.47
CA GLY C 244 29.34 -15.46 4.71
C GLY C 244 30.48 -15.95 5.62
N ALA C 245 30.11 -16.44 6.80
CA ALA C 245 31.09 -17.05 7.72
C ALA C 245 31.76 -18.28 7.11
N GLY C 246 31.03 -19.01 6.27
CA GLY C 246 31.60 -20.04 5.41
C GLY C 246 32.74 -19.52 4.52
N ARG C 247 32.50 -18.41 3.82
CA ARG C 247 33.52 -17.75 2.97
C ARG C 247 34.75 -17.31 3.78
N PHE C 248 34.52 -16.50 4.82
CA PHE C 248 35.57 -16.04 5.76
C PHE C 248 36.33 -17.22 6.40
N ASP D 8 -22.58 34.27 11.03
CA ASP D 8 -22.82 34.42 12.49
C ASP D 8 -22.28 33.28 13.34
N LEU D 9 -22.62 32.04 13.04
CA LEU D 9 -22.03 30.89 13.74
C LEU D 9 -20.55 30.77 13.39
N VAL D 10 -20.21 31.17 12.19
CA VAL D 10 -18.84 31.14 11.71
C VAL D 10 -18.63 32.47 11.05
N GLN D 11 -17.70 33.26 11.58
CA GLN D 11 -17.31 34.51 10.92
C GLN D 11 -16.11 34.30 10.03
N VAL D 12 -16.09 35.01 8.91
CA VAL D 12 -14.95 34.96 7.99
C VAL D 12 -14.36 36.36 7.80
N GLU D 13 -13.07 36.50 8.07
CA GLU D 13 -12.37 37.76 7.86
C GLU D 13 -11.19 37.54 6.94
N ARG D 14 -10.96 38.52 6.07
CA ARG D 14 -9.92 38.43 5.04
C ARG D 14 -8.96 39.61 5.15
N ASN D 15 -7.67 39.32 5.14
CA ASN D 15 -6.68 40.37 5.20
C ASN D 15 -5.63 40.04 4.16
N GLY D 16 -5.77 40.66 2.99
CA GLY D 16 -4.99 40.29 1.81
C GLY D 16 -5.19 38.82 1.53
N PRO D 17 -4.10 38.08 1.31
CA PRO D 17 -4.18 36.65 0.98
C PRO D 17 -4.34 35.67 2.20
N VAL D 18 -4.69 36.20 3.37
CA VAL D 18 -4.91 35.42 4.57
C VAL D 18 -6.39 35.47 4.97
N THR D 19 -6.98 34.30 5.09
CA THR D 19 -8.36 34.21 5.50
C THR D 19 -8.40 33.62 6.88
N THR D 20 -9.10 34.29 7.78
CA THR D 20 -9.30 33.80 9.12
C THR D 20 -10.75 33.32 9.24
N VAL D 21 -10.90 32.05 9.60
CA VAL D 21 -12.19 31.42 9.81
C VAL D 21 -12.43 31.28 11.31
N ILE D 22 -13.50 31.88 11.81
CA ILE D 22 -13.68 31.99 13.26
C ILE D 22 -14.93 31.28 13.72
N ILE D 23 -14.78 30.26 14.56
CA ILE D 23 -15.94 29.64 15.17
C ILE D 23 -16.52 30.63 16.19
N ASN D 24 -17.75 31.04 15.96
CA ASN D 24 -18.36 32.05 16.82
C ASN D 24 -19.56 31.53 17.62
N ARG D 25 -19.36 30.50 18.44
CA ARG D 25 -20.30 30.11 19.48
C ARG D 25 -19.62 30.12 20.88
N PRO D 26 -19.10 31.31 21.29
CA PRO D 26 -18.30 31.35 22.52
C PRO D 26 -19.11 30.94 23.75
N GLN D 27 -20.41 31.27 23.76
CA GLN D 27 -21.30 30.78 24.84
C GLN D 27 -21.32 29.25 24.95
N ALA D 28 -21.21 28.54 23.83
CA ALA D 28 -21.16 27.05 23.87
C ALA D 28 -19.71 26.52 23.79
N ARG D 29 -18.76 27.35 24.23
CA ARG D 29 -17.31 27.05 24.13
C ARG D 29 -16.92 26.53 22.74
N ASN D 30 -17.58 27.12 21.74
CA ASN D 30 -17.38 26.87 20.33
C ASN D 30 -17.57 25.41 19.97
N ALA D 31 -18.48 24.74 20.67
CA ALA D 31 -18.92 23.41 20.24
C ALA D 31 -19.58 23.53 18.87
N VAL D 32 -19.39 22.51 18.04
CA VAL D 32 -19.89 22.58 16.66
C VAL D 32 -21.13 21.71 16.52
N ASN D 33 -22.25 22.35 16.21
CA ASN D 33 -23.47 21.63 15.91
C ASN D 33 -23.55 21.50 14.39
N GLY D 34 -24.67 20.99 13.89
CA GLY D 34 -24.87 20.85 12.47
C GLY D 34 -24.74 22.11 11.66
N PRO D 35 -25.49 23.18 12.03
CA PRO D 35 -25.36 24.36 11.18
C PRO D 35 -23.97 24.99 11.28
N THR D 36 -23.32 24.92 12.44
CA THR D 36 -21.93 25.37 12.54
C THR D 36 -21.02 24.55 11.62
N ALA D 37 -21.17 23.23 11.60
CA ALA D 37 -20.30 22.41 10.73
C ALA D 37 -20.54 22.75 9.25
N ALA D 38 -21.80 22.95 8.89
CA ALA D 38 -22.17 23.37 7.52
C ALA D 38 -21.47 24.70 7.13
N ALA D 39 -21.55 25.70 8.00
CA ALA D 39 -20.95 27.02 7.74
C ALA D 39 -19.41 26.91 7.70
N LEU D 40 -18.83 26.02 8.51
CA LEU D 40 -17.38 25.79 8.47
C LEU D 40 -16.95 25.14 7.16
N TYR D 41 -17.69 24.11 6.73
CA TYR D 41 -17.43 23.49 5.42
C TYR D 41 -17.48 24.54 4.28
N SER D 42 -18.56 25.31 4.23
CA SER D 42 -18.68 26.41 3.23
C SER D 42 -17.50 27.37 3.21
N ALA D 43 -17.17 27.92 4.37
CA ALA D 43 -16.08 28.87 4.49
C ALA D 43 -14.80 28.30 3.90
N PHE D 44 -14.55 27.02 4.17
CA PHE D 44 -13.31 26.39 3.69
C PHE D 44 -13.37 26.00 2.23
N ALA D 45 -14.54 25.56 1.77
CA ALA D 45 -14.78 25.31 0.34
C ALA D 45 -14.57 26.58 -0.44
N GLU D 46 -15.06 27.71 0.07
CA GLU D 46 -14.88 28.99 -0.60
C GLU D 46 -13.43 29.42 -0.53
N PHE D 47 -12.77 29.23 0.62
CA PHE D 47 -11.32 29.55 0.72
C PHE D 47 -10.52 28.76 -0.32
N ASP D 48 -10.79 27.47 -0.40
CA ASP D 48 -10.05 26.56 -1.27
C ASP D 48 -10.08 26.99 -2.73
N ARG D 49 -11.20 27.55 -3.19
CA ARG D 49 -11.28 27.95 -4.59
C ARG D 49 -11.08 29.44 -4.87
N ASP D 50 -10.90 30.22 -3.82
CA ASP D 50 -10.67 31.64 -3.99
C ASP D 50 -9.17 31.86 -4.29
N GLU D 51 -8.87 32.19 -5.54
CA GLU D 51 -7.49 32.31 -6.03
C GLU D 51 -6.70 33.39 -5.29
N SER D 52 -7.39 34.40 -4.77
CA SER D 52 -6.71 35.49 -4.08
C SER D 52 -6.49 35.21 -2.58
N ALA D 53 -6.94 34.06 -2.10
CA ALA D 53 -6.67 33.60 -0.74
C ALA D 53 -5.55 32.55 -0.79
N SER D 54 -4.51 32.75 0.01
CA SER D 54 -3.37 31.81 0.01
C SER D 54 -3.29 30.89 1.23
N VAL D 55 -3.55 31.44 2.43
CA VAL D 55 -3.39 30.67 3.68
C VAL D 55 -4.57 31.00 4.57
N ALA D 56 -5.12 29.98 5.24
CA ALA D 56 -6.20 30.23 6.18
C ALA D 56 -5.70 30.05 7.62
N VAL D 57 -6.39 30.74 8.53
CA VAL D 57 -6.21 30.58 9.97
C VAL D 57 -7.56 30.11 10.51
N LEU D 58 -7.57 29.04 11.32
CA LEU D 58 -8.78 28.62 12.05
C LEU D 58 -8.65 28.93 13.55
N CYS D 59 -9.68 29.56 14.10
CA CYS D 59 -9.64 29.97 15.49
C CYS D 59 -11.05 30.02 16.02
N GLY D 60 -11.15 30.29 17.32
CA GLY D 60 -12.43 30.49 17.94
C GLY D 60 -12.49 31.78 18.71
N ASN D 61 -13.70 32.33 18.81
CA ASN D 61 -13.97 33.54 19.57
C ASN D 61 -14.11 33.21 21.04
N GLY D 62 -13.85 34.21 21.88
CA GLY D 62 -14.16 34.14 23.30
C GLY D 62 -13.24 33.29 24.15
N GLY D 63 -11.97 33.18 23.75
CA GLY D 63 -10.94 32.56 24.60
C GLY D 63 -10.81 31.05 24.53
N THR D 64 -11.54 30.42 23.60
CA THR D 64 -11.35 28.99 23.41
C THR D 64 -11.47 28.60 21.93
N PHE D 65 -10.87 27.47 21.56
CA PHE D 65 -10.79 27.06 20.14
C PHE D 65 -12.05 26.31 19.73
N CYS D 66 -12.28 25.12 20.30
CA CYS D 66 -13.43 24.29 19.92
C CYS D 66 -13.62 23.12 20.88
N ALA D 67 -14.82 22.99 21.45
CA ALA D 67 -15.12 21.92 22.42
C ALA D 67 -15.56 20.61 21.74
N GLY D 68 -15.59 20.60 20.41
CA GLY D 68 -15.99 19.40 19.69
C GLY D 68 -17.44 19.44 19.28
N ALA D 69 -18.04 18.27 19.05
CA ALA D 69 -19.42 18.19 18.58
C ALA D 69 -20.37 18.65 19.69
N ASP D 70 -21.42 19.37 19.30
CA ASP D 70 -22.33 19.91 20.28
C ASP D 70 -23.26 18.83 20.88
N LEU D 71 -22.85 18.30 22.02
CA LEU D 71 -23.58 17.21 22.68
C LEU D 71 -25.01 17.62 23.07
N LYS D 72 -25.23 18.91 23.33
CA LYS D 72 -26.58 19.36 23.68
C LYS D 72 -27.54 19.26 22.46
N ALA D 73 -26.98 19.28 21.25
CA ALA D 73 -27.80 19.18 20.05
C ALA D 73 -28.13 17.73 19.57
N PHE D 74 -27.48 16.72 20.16
CA PHE D 74 -27.74 15.30 19.86
C PHE D 74 -29.24 15.01 20.02
N GLY D 75 -29.84 14.39 19.02
CA GLY D 75 -31.27 14.11 19.09
C GLY D 75 -32.16 15.31 18.84
N THR D 76 -31.59 16.42 18.39
CA THR D 76 -32.36 17.59 17.94
C THR D 76 -32.13 17.74 16.44
N ALA D 77 -32.73 18.74 15.82
CA ALA D 77 -32.56 18.96 14.38
C ALA D 77 -31.27 19.70 14.08
N GLU D 78 -30.63 20.25 15.11
CA GLU D 78 -29.36 20.96 14.97
C GLU D 78 -28.15 20.04 15.25
N ALA D 79 -28.44 18.76 15.44
CA ALA D 79 -27.42 17.72 15.61
C ALA D 79 -26.46 17.69 14.43
N ASN D 80 -25.22 17.28 14.69
CA ASN D 80 -24.28 17.02 13.59
C ASN D 80 -24.80 16.01 12.58
N ALA D 81 -24.45 16.25 11.31
CA ALA D 81 -24.73 15.34 10.22
C ALA D 81 -23.67 14.25 10.23
N VAL D 82 -24.13 13.01 10.22
CA VAL D 82 -23.25 11.85 10.29
C VAL D 82 -23.56 10.98 9.09
N HIS D 83 -22.79 11.15 8.02
CA HIS D 83 -22.98 10.39 6.77
C HIS D 83 -21.66 9.84 6.27
N ARG D 84 -21.71 8.70 5.56
CA ARG D 84 -20.52 8.07 4.98
C ARG D 84 -19.85 8.97 3.93
N THR D 85 -20.64 9.83 3.30
CA THR D 85 -20.11 10.69 2.24
C THR D 85 -20.36 12.15 2.58
N GLY D 86 -19.79 13.04 1.76
CA GLY D 86 -19.92 14.48 1.98
C GLY D 86 -19.08 14.97 3.15
N PRO D 87 -19.47 16.13 3.72
CA PRO D 87 -18.80 16.72 4.89
C PRO D 87 -18.78 15.79 6.12
N GLY D 88 -17.64 15.80 6.83
CA GLY D 88 -17.53 15.17 8.16
C GLY D 88 -18.45 15.84 9.17
N PRO D 89 -18.64 15.20 10.33
CA PRO D 89 -19.58 15.78 11.29
C PRO D 89 -19.16 17.17 11.78
N MET D 90 -17.87 17.41 11.87
CA MET D 90 -17.35 18.70 12.33
C MET D 90 -17.33 19.74 11.19
N GLY D 91 -17.52 19.34 9.95
CA GLY D 91 -17.55 20.30 8.86
C GLY D 91 -16.51 20.00 7.81
N PRO D 92 -15.31 20.63 7.91
CA PRO D 92 -14.21 20.52 6.93
C PRO D 92 -13.25 19.34 7.14
N SER D 93 -13.55 18.46 8.10
CA SER D 93 -12.59 17.43 8.58
C SER D 93 -12.18 16.33 7.57
N ARG D 94 -12.97 16.14 6.52
CA ARG D 94 -12.64 15.19 5.46
C ARG D 94 -11.97 15.85 4.26
N MET D 95 -11.88 17.18 4.28
CA MET D 95 -11.34 17.91 3.15
C MET D 95 -9.82 17.79 3.11
N MET D 96 -9.27 17.63 1.91
CA MET D 96 -7.85 17.85 1.73
C MET D 96 -7.79 19.12 0.93
N LEU D 97 -7.53 20.25 1.59
CA LEU D 97 -7.48 21.48 0.83
C LEU D 97 -6.19 21.59 0.02
N SER D 98 -6.25 22.45 -0.98
CA SER D 98 -5.13 22.63 -1.86
C SER D 98 -4.17 23.67 -1.31
N LYS D 99 -4.58 24.32 -0.21
CA LYS D 99 -3.79 25.33 0.51
C LYS D 99 -3.78 25.08 2.03
N PRO D 100 -2.73 25.56 2.76
CA PRO D 100 -2.65 25.25 4.19
C PRO D 100 -3.54 26.07 5.13
N VAL D 101 -3.83 25.48 6.29
CA VAL D 101 -4.59 26.13 7.35
C VAL D 101 -3.79 26.08 8.66
N ILE D 102 -3.74 27.21 9.38
CA ILE D 102 -3.02 27.24 10.68
C ILE D 102 -4.04 27.32 11.81
N ALA D 103 -3.98 26.37 12.74
CA ALA D 103 -4.87 26.40 13.90
C ALA D 103 -4.27 27.36 14.92
N ALA D 104 -5.07 28.34 15.31
CA ALA D 104 -4.75 29.29 16.35
C ALA D 104 -5.51 28.79 17.56
N VAL D 105 -4.82 28.13 18.49
CA VAL D 105 -5.53 27.42 19.56
C VAL D 105 -5.42 28.17 20.91
N SER D 106 -6.55 28.71 21.35
CA SER D 106 -6.71 29.25 22.69
C SER D 106 -7.62 28.29 23.44
N GLY D 107 -7.57 28.33 24.77
CA GLY D 107 -8.44 27.53 25.63
C GLY D 107 -8.32 26.07 25.25
N TYR D 108 -9.45 25.48 24.85
CA TYR D 108 -9.49 24.05 24.62
C TYR D 108 -9.65 23.73 23.15
N ALA D 109 -8.88 22.74 22.71
CA ALA D 109 -9.15 21.99 21.48
C ALA D 109 -9.39 20.57 21.92
N VAL D 110 -10.65 20.23 22.16
CA VAL D 110 -10.92 18.89 22.71
C VAL D 110 -11.95 18.18 21.86
N ALA D 111 -11.90 16.84 21.87
CA ALA D 111 -12.83 15.97 21.14
C ALA D 111 -12.82 16.34 19.63
N GLY D 112 -13.98 16.64 19.06
CA GLY D 112 -14.06 17.09 17.66
C GLY D 112 -13.18 18.33 17.39
N GLY D 113 -12.92 19.12 18.44
CA GLY D 113 -12.13 20.34 18.33
C GLY D 113 -10.65 20.02 18.21
N LEU D 114 -10.22 18.94 18.88
CA LEU D 114 -8.86 18.41 18.71
C LEU D 114 -8.71 17.98 17.27
N GLU D 115 -9.72 17.25 16.77
CA GLU D 115 -9.77 16.80 15.41
C GLU D 115 -9.60 17.92 14.39
N LEU D 116 -10.28 19.04 14.60
CA LEU D 116 -10.12 20.17 13.70
C LEU D 116 -8.71 20.76 13.76
N ALA D 117 -8.11 20.73 14.97
CA ALA D 117 -6.76 21.28 15.15
C ALA D 117 -5.76 20.39 14.43
N LEU D 118 -6.02 19.08 14.44
CA LEU D 118 -5.16 18.05 13.80
C LEU D 118 -5.27 18.14 12.30
N TRP D 119 -6.47 18.49 11.83
CA TRP D 119 -6.75 18.60 10.40
C TRP D 119 -6.01 19.83 9.83
N CYS D 120 -5.78 20.83 10.67
CA CYS D 120 -4.97 21.99 10.27
C CYS D 120 -3.53 21.56 10.12
N ASP D 121 -2.80 22.32 9.28
CA ASP D 121 -1.40 21.98 8.92
C ASP D 121 -0.42 22.29 10.01
N LEU D 122 -0.68 23.38 10.72
CA LEU D 122 0.11 23.77 11.87
C LEU D 122 -0.80 24.14 13.04
N ARG D 123 -0.26 24.01 14.25
CA ARG D 123 -0.92 24.37 15.48
C ARG D 123 -0.11 25.37 16.32
N VAL D 124 -0.65 26.59 16.40
CA VAL D 124 -0.14 27.66 17.23
C VAL D 124 -0.95 27.69 18.53
N ALA D 125 -0.33 27.29 19.65
CA ALA D 125 -1.03 27.16 20.93
C ALA D 125 -0.63 28.24 21.93
N GLU D 126 -1.62 28.73 22.65
CA GLU D 126 -1.36 29.66 23.74
C GLU D 126 -0.87 28.88 24.93
N GLN D 127 -0.09 29.56 25.77
CA GLN D 127 0.52 28.99 26.95
C GLN D 127 -0.40 28.08 27.80
N ASP D 128 -1.65 28.49 27.94
CA ASP D 128 -2.58 27.78 28.80
C ASP D 128 -3.60 26.94 28.01
N ALA D 129 -3.34 26.73 26.71
CA ALA D 129 -4.23 25.94 25.87
C ALA D 129 -4.14 24.49 26.31
N VAL D 130 -5.24 23.76 26.06
CA VAL D 130 -5.36 22.34 26.40
C VAL D 130 -5.89 21.55 25.20
N PHE D 131 -5.18 20.48 24.84
CA PHE D 131 -5.63 19.52 23.83
C PHE D 131 -6.07 18.24 24.55
N GLY D 132 -6.99 17.49 23.97
CA GLY D 132 -7.41 16.26 24.62
C GLY D 132 -8.53 15.55 23.92
N VAL D 133 -8.55 14.23 24.05
CA VAL D 133 -9.63 13.42 23.46
C VAL D 133 -10.77 13.32 24.50
N PHE D 134 -11.41 14.45 24.79
CA PHE D 134 -12.34 14.52 25.92
C PHE D 134 -13.63 13.72 25.69
N CYS D 135 -13.88 13.35 24.41
CA CYS D 135 -15.04 12.56 24.01
C CYS D 135 -14.94 11.12 24.58
N ARG D 136 -13.74 10.75 25.03
CA ARG D 136 -13.51 9.48 25.70
C ARG D 136 -14.42 9.30 26.91
N ARG D 137 -14.59 10.34 27.70
CA ARG D 137 -15.36 10.19 28.92
C ARG D 137 -16.83 10.06 28.62
N TRP D 138 -17.23 10.58 27.45
CA TRP D 138 -18.64 10.60 27.04
C TRP D 138 -19.06 9.47 26.14
N GLY D 139 -18.10 8.71 25.61
CA GLY D 139 -18.42 7.60 24.72
C GLY D 139 -18.77 8.00 23.30
N VAL D 140 -18.40 9.22 22.91
CA VAL D 140 -18.60 9.68 21.53
C VAL D 140 -17.30 9.39 20.73
N PRO D 141 -17.43 8.72 19.57
CA PRO D 141 -16.19 8.24 18.95
C PRO D 141 -15.50 9.36 18.18
N LEU D 142 -14.20 9.19 17.93
CA LEU D 142 -13.47 10.05 17.01
C LEU D 142 -13.87 9.68 15.58
N ILE D 143 -14.78 10.45 14.99
CA ILE D 143 -15.17 10.21 13.60
C ILE D 143 -14.95 11.47 12.75
N ASP D 144 -13.95 12.26 13.11
CA ASP D 144 -13.49 13.35 12.25
C ASP D 144 -11.97 13.27 11.99
N GLY D 145 -11.45 12.05 11.82
CA GLY D 145 -10.05 11.87 11.43
C GLY D 145 -9.03 11.85 12.56
N GLY D 146 -9.49 11.97 13.81
CA GLY D 146 -8.56 12.00 14.94
C GLY D 146 -7.73 10.73 15.07
N THR D 147 -8.32 9.58 14.74
CA THR D 147 -7.62 8.29 14.84
C THR D 147 -6.66 8.08 13.68
N VAL D 148 -6.87 8.82 12.59
CA VAL D 148 -6.07 8.74 11.36
C VAL D 148 -4.90 9.69 11.50
N ARG D 149 -5.17 10.92 11.85
CA ARG D 149 -4.15 11.97 11.86
C ARG D 149 -3.25 11.97 13.11
N LEU D 150 -3.78 11.63 14.27
CA LEU D 150 -3.02 11.80 15.50
C LEU D 150 -1.79 10.89 15.50
N PRO D 151 -1.96 9.60 15.16
CA PRO D 151 -0.75 8.77 15.10
C PRO D 151 0.25 9.23 14.03
N ARG D 152 -0.23 9.76 12.92
CA ARG D 152 0.68 10.29 11.87
C ARG D 152 1.41 11.57 12.32
N LEU D 153 0.71 12.41 13.08
CA LEU D 153 1.28 13.69 13.52
CA LEU D 153 1.31 13.68 13.50
C LEU D 153 2.34 13.53 14.59
N ILE D 154 2.09 12.66 15.58
CA ILE D 154 2.94 12.57 16.76
C ILE D 154 3.47 11.17 17.07
N GLY D 155 3.19 10.20 16.19
CA GLY D 155 3.66 8.85 16.39
C GLY D 155 2.60 8.05 17.13
N HIS D 156 2.56 6.73 16.88
CA HIS D 156 1.49 5.89 17.39
C HIS D 156 1.40 5.85 18.92
N SER D 157 2.56 5.82 19.56
CA SER D 157 2.66 5.61 20.98
C SER D 157 1.98 6.71 21.81
N ARG D 158 2.31 7.97 21.52
CA ARG D 158 1.71 9.10 22.21
C ARG D 158 0.29 9.32 21.74
N ALA D 159 0.00 9.00 20.47
CA ALA D 159 -1.40 9.08 20.01
C ALA D 159 -2.28 8.13 20.82
N MET D 160 -1.82 6.90 21.01
CA MET D 160 -2.62 5.87 21.71
C MET D 160 -2.86 6.28 23.17
N ASP D 161 -1.85 6.87 23.78
CA ASP D 161 -1.96 7.44 25.13
C ASP D 161 -3.15 8.42 25.19
N MET D 162 -3.13 9.40 24.31
CA MET D 162 -4.14 10.42 24.26
C MET D 162 -5.52 9.83 23.97
N ILE D 163 -5.59 8.87 23.04
CA ILE D 163 -6.87 8.27 22.60
C ILE D 163 -7.47 7.33 23.67
N LEU D 164 -6.66 6.46 24.23
CA LEU D 164 -7.14 5.56 25.30
C LEU D 164 -7.60 6.36 26.53
N THR D 165 -6.73 7.25 27.03
CA THR D 165 -6.96 7.86 28.33
C THR D 165 -7.95 9.01 28.27
N GLY D 166 -7.99 9.67 27.11
CA GLY D 166 -8.73 10.96 26.99
C GLY D 166 -8.10 12.11 27.77
N ARG D 167 -6.85 11.94 28.23
CA ARG D 167 -6.23 12.92 29.15
C ARG D 167 -6.01 14.30 28.50
N ALA D 168 -6.03 15.33 29.35
CA ALA D 168 -5.68 16.67 28.95
C ALA D 168 -4.18 16.70 28.63
N VAL D 169 -3.83 17.34 27.53
CA VAL D 169 -2.43 17.59 27.21
C VAL D 169 -2.19 19.11 27.19
N GLN D 170 -1.37 19.59 28.10
CA GLN D 170 -1.19 21.03 28.22
C GLN D 170 -0.18 21.49 27.18
N ALA D 171 -0.18 22.80 26.91
CA ALA D 171 0.58 23.36 25.78
C ALA D 171 2.05 23.03 25.86
N ASP D 172 2.63 23.03 27.05
CA ASP D 172 4.05 22.68 27.18
C ASP D 172 4.36 21.21 26.77
N GLU D 173 3.57 20.26 27.25
CA GLU D 173 3.70 18.89 26.77
C GLU D 173 3.33 18.80 25.26
N ALA D 174 2.31 19.54 24.83
CA ALA D 174 1.91 19.50 23.45
C ALA D 174 3.09 19.95 22.57
N LEU D 175 3.77 21.03 22.95
CA LEU D 175 5.00 21.46 22.26
C LEU D 175 6.09 20.40 22.33
N ALA D 176 6.30 19.79 23.49
CA ALA D 176 7.40 18.80 23.62
C ALA D 176 7.19 17.58 22.72
N ILE D 177 5.92 17.25 22.44
CA ILE D 177 5.63 16.02 21.69
C ILE D 177 5.30 16.25 20.23
N GLY D 178 5.33 17.52 19.80
CA GLY D 178 5.17 17.83 18.38
C GLY D 178 3.72 18.10 18.03
N LEU D 179 2.86 18.12 19.04
CA LEU D 179 1.44 18.31 18.84
C LEU D 179 1.15 19.81 18.55
N ALA D 180 1.74 20.69 19.35
CA ALA D 180 1.77 22.13 19.06
C ALA D 180 3.07 22.44 18.34
N ASN D 181 2.98 23.26 17.31
CA ASN D 181 4.20 23.71 16.61
C ASN D 181 4.84 24.95 17.24
N ARG D 182 4.01 25.79 17.85
CA ARG D 182 4.48 27.01 18.54
C ARG D 182 3.66 27.09 19.80
N VAL D 183 4.25 27.64 20.84
CA VAL D 183 3.53 28.08 22.02
C VAL D 183 3.77 29.59 22.20
N VAL D 184 2.67 30.34 22.26
CA VAL D 184 2.72 31.80 22.38
C VAL D 184 1.99 32.24 23.63
N PRO D 185 2.12 33.51 24.04
CA PRO D 185 1.39 33.86 25.26
C PRO D 185 -0.15 33.80 25.11
N ASN D 186 -0.84 33.74 26.25
CA ASN D 186 -2.29 33.85 26.31
C ASN D 186 -2.77 35.09 25.61
N GLY D 187 -3.87 34.97 24.89
CA GLY D 187 -4.42 36.05 24.07
C GLY D 187 -3.77 36.21 22.71
N GLN D 188 -2.70 35.46 22.43
CA GLN D 188 -1.85 35.76 21.24
C GLN D 188 -1.91 34.77 20.08
N ALA D 189 -2.62 33.66 20.26
CA ALA D 189 -2.56 32.60 19.25
C ALA D 189 -3.00 33.13 17.87
N ARG D 190 -4.10 33.88 17.86
CA ARG D 190 -4.64 34.42 16.60
C ARG D 190 -3.66 35.35 15.90
N GLN D 191 -3.14 36.35 16.61
CA GLN D 191 -2.14 37.27 16.05
C GLN D 191 -0.92 36.47 15.57
N ALA D 192 -0.44 35.51 16.36
CA ALA D 192 0.71 34.72 15.91
C ALA D 192 0.40 33.92 14.62
N ALA D 193 -0.77 33.28 14.56
CA ALA D 193 -1.10 32.43 13.43
C ALA D 193 -1.24 33.27 12.15
N GLU D 194 -1.80 34.46 12.32
CA GLU D 194 -2.03 35.41 11.22
C GLU D 194 -0.76 36.03 10.73
N GLU D 195 0.16 36.31 11.66
CA GLU D 195 1.47 36.72 11.27
C GLU D 195 2.22 35.61 10.49
N LEU D 196 2.23 34.39 11.03
CA LEU D 196 2.84 33.28 10.32
C LEU D 196 2.16 33.02 8.95
N ALA D 197 0.83 33.14 8.90
CA ALA D 197 0.10 32.91 7.63
C ALA D 197 0.51 33.91 6.57
N ALA D 198 0.73 35.17 6.97
CA ALA D 198 1.14 36.21 6.01
C ALA D 198 2.55 35.89 5.52
N GLN D 199 3.38 35.34 6.39
CA GLN D 199 4.74 34.98 6.00
C GLN D 199 4.73 33.85 4.93
N LEU D 200 3.91 32.83 5.17
CA LEU D 200 3.78 31.72 4.23
C LEU D 200 3.20 32.19 2.90
N ALA D 201 2.27 33.14 2.95
CA ALA D 201 1.59 33.71 1.77
C ALA D 201 2.55 34.54 0.88
N ALA D 202 3.64 35.01 1.46
CA ALA D 202 4.63 35.79 0.72
C ALA D 202 5.66 34.92 0.02
N LEU D 203 5.64 33.62 0.27
CA LEU D 203 6.59 32.69 -0.35
C LEU D 203 6.12 32.25 -1.75
N PRO D 204 7.01 31.70 -2.60
CA PRO D 204 6.48 31.13 -3.88
C PRO D 204 5.39 30.04 -3.61
N GLN D 205 4.19 30.30 -4.09
CA GLN D 205 2.97 29.57 -3.73
C GLN D 205 2.86 28.15 -4.28
N GLN D 206 3.09 27.99 -5.58
CA GLN D 206 2.90 26.66 -6.17
C GLN D 206 3.91 25.65 -5.61
N CYS D 207 5.12 26.11 -5.39
CA CYS D 207 6.12 25.24 -4.81
C CYS D 207 5.73 24.77 -3.40
N LEU D 208 5.31 25.71 -2.54
CA LEU D 208 4.84 25.40 -1.19
C LEU D 208 3.68 24.44 -1.21
N ARG D 209 2.72 24.73 -2.07
CA ARG D 209 1.48 23.99 -2.14
C ARG D 209 1.68 22.55 -2.59
N SER D 210 2.58 22.39 -3.58
CA SER D 210 2.89 21.10 -4.14
C SER D 210 3.72 20.23 -3.18
N ASP D 211 4.68 20.83 -2.47
CA ASP D 211 5.44 20.10 -1.40
C ASP D 211 4.49 19.65 -0.30
N ARG D 212 3.61 20.55 0.12
CA ARG D 212 2.67 20.25 1.16
C ARG D 212 1.79 19.05 0.79
N LEU D 213 1.19 19.10 -0.40
CA LEU D 213 0.28 18.04 -0.79
C LEU D 213 1.02 16.72 -0.92
N SER D 214 2.26 16.74 -1.42
CA SER D 214 3.03 15.50 -1.52
C SER D 214 3.28 14.90 -0.11
N ALA D 215 3.61 15.76 0.86
CA ALA D 215 3.81 15.32 2.27
C ALA D 215 2.56 14.69 2.91
N LEU D 216 1.40 15.23 2.55
CA LEU D 216 0.15 14.65 2.94
C LEU D 216 -0.15 13.35 2.20
N GLN D 217 -0.01 13.36 0.85
CA GLN D 217 -0.45 12.20 0.07
C GLN D 217 0.45 10.96 0.22
N GLN D 218 1.71 11.15 0.60
CA GLN D 218 2.63 10.01 0.77
C GLN D 218 2.25 9.04 1.87
N TRP D 219 1.48 9.50 2.87
CA TRP D 219 1.01 8.62 3.96
C TRP D 219 0.24 7.37 3.50
N GLY D 220 -0.37 7.36 2.32
N GLY D 220 -0.36 7.48 2.31
CA GLY D 220 -0.96 6.10 1.85
CA GLY D 220 -1.10 6.42 1.63
C GLY D 220 0.09 5.18 1.21
C GLY D 220 -0.37 5.70 0.49
N LEU D 221 0.96 5.83 0.47
CA LEU D 221 1.76 5.23 -0.55
C LEU D 221 2.99 4.51 -0.02
N PRO D 222 3.44 3.46 -0.76
CA PRO D 222 4.78 2.92 -0.60
C PRO D 222 5.77 3.97 -1.07
N GLU D 223 6.99 3.91 -0.54
CA GLU D 223 8.04 4.87 -0.89
C GLU D 223 8.16 5.13 -2.39
N SER D 224 8.23 4.07 -3.21
CA SER D 224 8.43 4.28 -4.66
C SER D 224 7.29 5.06 -5.33
N ALA D 225 6.04 4.68 -5.02
CA ALA D 225 4.90 5.43 -5.50
C ALA D 225 4.88 6.87 -4.93
N ALA D 226 5.26 7.03 -3.64
CA ALA D 226 5.28 8.35 -3.01
C ALA D 226 6.31 9.27 -3.67
N LEU D 227 7.50 8.71 -3.95
CA LEU D 227 8.54 9.39 -4.70
C LEU D 227 8.07 9.84 -6.09
N ASP D 228 7.36 8.95 -6.78
CA ASP D 228 6.78 9.29 -8.08
C ASP D 228 5.85 10.47 -8.01
N LEU D 229 4.95 10.47 -7.03
CA LEU D 229 4.00 11.57 -6.85
C LEU D 229 4.70 12.88 -6.46
N GLU D 230 5.74 12.75 -5.63
CA GLU D 230 6.51 13.94 -5.23
C GLU D 230 7.15 14.61 -6.46
N PHE D 231 7.70 13.77 -7.35
CA PHE D 231 8.42 14.22 -8.54
C PHE D 231 7.60 15.09 -9.48
N ALA D 232 6.28 14.83 -9.57
CA ALA D 232 5.33 15.65 -10.32
C ALA D 232 5.41 17.13 -9.92
N SER D 233 5.90 17.42 -8.71
CA SER D 233 6.02 18.81 -8.23
C SER D 233 6.78 19.66 -9.22
N ILE D 234 7.86 19.11 -9.80
CA ILE D 234 8.65 19.87 -10.78
C ILE D 234 7.80 20.18 -12.03
N SER D 235 6.86 19.30 -12.38
CA SER D 235 5.99 19.61 -13.51
C SER D 235 4.96 20.68 -13.10
N ARG D 236 4.38 20.54 -11.90
CA ARG D 236 3.37 21.50 -11.43
C ARG D 236 3.93 22.90 -11.33
N VAL D 237 5.11 23.05 -10.74
CA VAL D 237 5.70 24.36 -10.55
C VAL D 237 6.08 25.01 -11.91
N ALA D 238 6.68 24.24 -12.81
CA ALA D 238 7.09 24.78 -14.11
C ALA D 238 5.85 25.14 -14.93
N ALA D 239 4.89 24.21 -15.04
CA ALA D 239 3.63 24.45 -15.75
C ALA D 239 2.95 25.74 -15.27
N GLU D 240 2.82 25.88 -13.94
CA GLU D 240 2.24 27.07 -13.35
C GLU D 240 2.99 28.34 -13.75
N ALA D 241 4.31 28.34 -13.54
CA ALA D 241 5.14 29.53 -13.86
C ALA D 241 4.96 29.94 -15.33
N LEU D 242 5.03 28.95 -16.22
CA LEU D 242 4.94 29.15 -17.67
C LEU D 242 3.54 29.56 -18.13
N GLU D 243 2.51 28.96 -17.52
CA GLU D 243 1.11 29.34 -17.77
C GLU D 243 0.92 30.83 -17.45
N GLY D 244 1.54 31.25 -16.35
CA GLY D 244 1.56 32.64 -15.89
C GLY D 244 2.30 33.59 -16.83
N ALA D 245 3.49 33.20 -17.28
CA ALA D 245 4.22 33.99 -18.27
C ALA D 245 3.40 34.11 -19.55
N GLY D 246 2.82 33.00 -20.00
CA GLY D 246 2.00 32.97 -21.22
C GLY D 246 0.84 33.94 -21.18
N ARG D 247 0.15 33.97 -20.04
CA ARG D 247 -0.98 34.86 -19.82
C ARG D 247 -0.51 36.33 -19.88
N PHE D 248 0.64 36.61 -19.25
CA PHE D 248 1.27 37.94 -19.30
C PHE D 248 1.72 38.36 -20.72
N ALA D 249 2.45 37.48 -21.41
CA ALA D 249 2.90 37.74 -22.79
C ALA D 249 1.76 37.95 -23.80
N ALA D 250 0.59 37.38 -23.53
CA ALA D 250 -0.58 37.53 -24.42
C ALA D 250 -1.06 38.99 -24.49
N GLY D 251 -0.70 39.77 -23.47
CA GLY D 251 -0.96 41.21 -23.40
C GLY D 251 0.15 42.13 -23.94
N ALA D 252 1.30 41.56 -24.32
CA ALA D 252 2.39 42.37 -24.85
C ALA D 252 1.99 42.93 -26.23
N GLY D 253 2.19 44.23 -26.41
CA GLY D 253 1.82 44.93 -27.65
C GLY D 253 0.32 45.02 -27.89
N ARG D 254 -0.47 44.80 -26.83
CA ARG D 254 -1.93 44.77 -26.98
C ARG D 254 -2.71 45.74 -26.07
N HIS D 255 -2.14 46.12 -24.92
CA HIS D 255 -2.87 46.94 -23.91
C HIS D 255 -2.46 48.41 -23.97
N SER E 4 -3.06 -19.70 40.02
CA SER E 4 -1.81 -18.89 39.83
C SER E 4 -0.67 -19.50 40.67
N MET E 5 0.11 -20.37 40.04
CA MET E 5 1.14 -21.15 40.72
C MET E 5 2.57 -20.65 40.46
N VAL E 6 3.43 -20.82 41.46
CA VAL E 6 4.86 -20.50 41.35
C VAL E 6 5.49 -21.25 40.14
N SER E 7 4.97 -22.45 39.86
CA SER E 7 5.45 -23.28 38.73
C SER E 7 4.89 -22.90 37.32
N ASP E 8 3.80 -22.13 37.24
CA ASP E 8 3.28 -21.68 35.95
C ASP E 8 4.35 -20.91 35.20
N LEU E 9 4.55 -21.22 33.92
CA LEU E 9 5.40 -20.37 33.06
C LEU E 9 4.76 -18.98 32.91
N VAL E 10 3.42 -18.96 32.79
CA VAL E 10 2.69 -17.72 32.69
C VAL E 10 1.60 -17.73 33.78
N GLN E 11 1.60 -16.73 34.67
CA GLN E 11 0.52 -16.62 35.65
C GLN E 11 -0.55 -15.64 35.12
N VAL E 12 -1.83 -15.97 35.34
CA VAL E 12 -2.92 -15.05 35.01
C VAL E 12 -3.68 -14.70 36.28
N GLU E 13 -3.80 -13.40 36.54
CA GLU E 13 -4.59 -12.92 37.67
C GLU E 13 -5.63 -11.94 37.15
N ARG E 14 -6.89 -12.20 37.47
CA ARG E 14 -7.99 -11.33 37.06
C ARG E 14 -8.48 -10.50 38.25
N ASN E 15 -8.71 -9.21 38.04
CA ASN E 15 -9.22 -8.35 39.10
C ASN E 15 -10.28 -7.44 38.52
N GLY E 16 -11.53 -7.82 38.70
CA GLY E 16 -12.63 -7.15 38.02
C GLY E 16 -12.36 -7.18 36.52
N PRO E 17 -12.53 -6.03 35.85
CA PRO E 17 -12.38 -6.03 34.40
C PRO E 17 -10.92 -5.96 33.88
N VAL E 18 -9.96 -5.96 34.80
CA VAL E 18 -8.52 -5.90 34.45
C VAL E 18 -7.87 -7.27 34.63
N THR E 19 -7.29 -7.77 33.53
CA THR E 19 -6.61 -9.05 33.53
C THR E 19 -5.09 -8.81 33.54
N THR E 20 -4.37 -9.37 34.52
CA THR E 20 -2.90 -9.27 34.55
C THR E 20 -2.21 -10.58 34.14
N VAL E 21 -1.36 -10.48 33.11
CA VAL E 21 -0.66 -11.64 32.53
C VAL E 21 0.80 -11.48 32.88
N ILE E 22 1.35 -12.51 33.50
CA ILE E 22 2.65 -12.42 34.14
C ILE E 22 3.59 -13.51 33.61
N ILE E 23 4.69 -13.09 33.00
CA ILE E 23 5.71 -14.05 32.62
C ILE E 23 6.44 -14.44 33.87
N ASN E 24 6.41 -15.74 34.18
CA ASN E 24 6.94 -16.23 35.45
C ASN E 24 8.16 -17.13 35.26
N ARG E 25 9.21 -16.57 34.68
CA ARG E 25 10.49 -17.27 34.65
C ARG E 25 11.61 -16.36 35.17
N PRO E 26 11.48 -15.88 36.42
CA PRO E 26 12.50 -14.99 37.00
C PRO E 26 13.95 -15.43 36.74
N GLN E 27 14.24 -16.72 36.97
CA GLN E 27 15.59 -17.28 36.80
C GLN E 27 16.11 -17.23 35.36
N ALA E 28 15.20 -17.19 34.39
CA ALA E 28 15.63 -17.05 32.99
C ALA E 28 15.44 -15.62 32.47
N ARG E 29 15.29 -14.67 33.38
CA ARG E 29 15.11 -13.23 33.07
C ARG E 29 13.82 -13.06 32.27
N ASN E 30 12.92 -14.03 32.45
CA ASN E 30 11.60 -14.06 31.82
C ASN E 30 11.73 -14.13 30.29
N ALA E 31 12.84 -14.73 29.83
CA ALA E 31 12.97 -15.13 28.44
C ALA E 31 11.78 -16.02 28.18
N VAL E 32 11.29 -16.00 26.95
CA VAL E 32 10.21 -16.91 26.63
C VAL E 32 10.66 -17.99 25.67
N ASN E 33 10.36 -19.24 26.05
CA ASN E 33 10.62 -20.37 25.21
C ASN E 33 9.33 -20.83 24.52
N GLY E 34 9.36 -21.97 23.84
CA GLY E 34 8.16 -22.44 23.13
C GLY E 34 6.96 -22.61 24.05
N PRO E 35 7.11 -23.39 25.15
CA PRO E 35 5.94 -23.57 26.02
C PRO E 35 5.45 -22.27 26.64
N THR E 36 6.37 -21.36 26.96
CA THR E 36 6.00 -20.04 27.53
C THR E 36 5.18 -19.21 26.53
N ALA E 37 5.64 -19.16 25.28
CA ALA E 37 4.95 -18.47 24.19
C ALA E 37 3.52 -19.00 23.97
N ALA E 38 3.39 -20.33 23.94
CA ALA E 38 2.08 -20.95 23.78
C ALA E 38 1.15 -20.53 24.93
N ALA E 39 1.70 -20.49 26.15
CA ALA E 39 0.91 -20.04 27.32
C ALA E 39 0.49 -18.55 27.23
N LEU E 40 1.41 -17.66 26.85
CA LEU E 40 1.08 -16.23 26.59
C LEU E 40 -0.02 -16.05 25.57
N TYR E 41 0.16 -16.73 24.44
CA TYR E 41 -0.83 -16.76 23.36
C TYR E 41 -2.20 -17.19 23.91
N SER E 42 -2.24 -18.29 24.66
CA SER E 42 -3.47 -18.72 25.29
C SER E 42 -4.08 -17.71 26.22
N ALA E 43 -3.23 -17.17 27.10
CA ALA E 43 -3.66 -16.17 28.06
C ALA E 43 -4.32 -14.98 27.34
N PHE E 44 -3.75 -14.50 26.25
CA PHE E 44 -4.34 -13.34 25.56
C PHE E 44 -5.54 -13.73 24.67
N ALA E 45 -5.59 -14.99 24.21
CA ALA E 45 -6.72 -15.46 23.40
C ALA E 45 -7.96 -15.50 24.28
N GLU E 46 -7.78 -16.02 25.50
CA GLU E 46 -8.83 -16.09 26.53
C GLU E 46 -9.27 -14.68 26.94
N PHE E 47 -8.30 -13.78 27.16
CA PHE E 47 -8.62 -12.38 27.48
C PHE E 47 -9.45 -11.71 26.37
N ASP E 48 -9.08 -11.95 25.11
CA ASP E 48 -9.80 -11.40 23.96
C ASP E 48 -11.28 -11.83 23.95
N ARG E 49 -11.51 -13.13 24.10
CA ARG E 49 -12.86 -13.69 24.09
C ARG E 49 -13.70 -13.37 25.34
N ASP E 50 -13.03 -13.19 26.46
CA ASP E 50 -13.70 -12.96 27.74
C ASP E 50 -14.36 -11.58 27.86
N GLU E 51 -15.70 -11.56 27.76
CA GLU E 51 -16.43 -10.28 27.75
C GLU E 51 -16.41 -9.57 29.10
N SER E 52 -16.03 -10.27 30.16
CA SER E 52 -15.91 -9.64 31.49
C SER E 52 -14.55 -8.95 31.72
N ALA E 53 -13.59 -9.17 30.82
CA ALA E 53 -12.28 -8.52 30.88
C ALA E 53 -12.18 -7.34 29.88
N SER E 54 -11.81 -6.16 30.37
CA SER E 54 -11.74 -4.99 29.50
C SER E 54 -10.32 -4.62 29.05
N VAL E 55 -9.36 -4.73 29.97
CA VAL E 55 -7.99 -4.26 29.77
C VAL E 55 -7.03 -5.27 30.40
N ALA E 56 -5.92 -5.52 29.71
CA ALA E 56 -4.93 -6.46 30.21
C ALA E 56 -3.65 -5.73 30.56
N VAL E 57 -2.92 -6.29 31.51
CA VAL E 57 -1.59 -5.83 31.90
C VAL E 57 -0.57 -6.96 31.65
N LEU E 58 0.48 -6.65 30.89
CA LEU E 58 1.56 -7.61 30.73
C LEU E 58 2.78 -7.18 31.53
N CYS E 59 3.33 -8.13 32.26
CA CYS E 59 4.46 -7.90 33.14
C CYS E 59 5.23 -9.21 33.40
N GLY E 60 6.34 -9.09 34.13
CA GLY E 60 7.19 -10.23 34.50
C GLY E 60 7.46 -10.21 36.01
N ASN E 61 7.69 -11.39 36.58
CA ASN E 61 8.05 -11.52 37.99
C ASN E 61 9.57 -11.40 38.24
N GLY E 62 9.94 -11.05 39.47
CA GLY E 62 11.35 -10.98 39.88
C GLY E 62 12.03 -9.68 39.48
N GLY E 63 11.28 -8.65 39.12
CA GLY E 63 11.88 -7.35 38.87
C GLY E 63 12.45 -7.11 37.47
N THR E 64 12.06 -7.95 36.51
CA THR E 64 12.40 -7.71 35.12
C THR E 64 11.26 -8.12 34.19
N PHE E 65 11.17 -7.46 33.03
CA PHE E 65 10.03 -7.66 32.14
C PHE E 65 10.17 -8.91 31.26
N CYS E 66 11.13 -8.93 30.35
CA CYS E 66 11.24 -10.00 29.37
C CYS E 66 12.52 -9.86 28.55
N ALA E 67 13.31 -10.94 28.52
CA ALA E 67 14.64 -10.93 27.88
C ALA E 67 14.59 -11.32 26.42
N GLY E 68 13.39 -11.61 25.93
CA GLY E 68 13.18 -12.07 24.55
C GLY E 68 13.14 -13.59 24.46
N ALA E 69 13.53 -14.09 23.30
CA ALA E 69 13.49 -15.53 23.04
C ALA E 69 14.47 -16.26 23.96
N ASP E 70 14.12 -17.47 24.36
CA ASP E 70 15.04 -18.25 25.21
C ASP E 70 16.09 -18.93 24.31
N LEU E 71 17.28 -18.33 24.23
CA LEU E 71 18.33 -18.78 23.28
C LEU E 71 18.89 -20.15 23.65
N LYS E 72 18.96 -20.40 24.96
CA LYS E 72 19.38 -21.68 25.50
C LYS E 72 18.40 -22.81 25.15
N ALA E 73 17.12 -22.49 24.94
CA ALA E 73 16.16 -23.52 24.54
C ALA E 73 16.26 -23.86 23.05
N PHE E 74 17.00 -23.07 22.27
CA PHE E 74 17.12 -23.36 20.84
C PHE E 74 17.89 -24.66 20.67
N GLY E 75 17.50 -25.47 19.68
CA GLY E 75 18.11 -26.79 19.49
C GLY E 75 17.67 -27.79 20.54
N THR E 76 16.46 -27.58 21.09
CA THR E 76 15.83 -28.51 22.03
C THR E 76 14.37 -28.43 21.71
N ALA E 77 13.57 -29.25 22.40
CA ALA E 77 12.13 -29.32 22.13
C ALA E 77 11.34 -28.13 22.70
N GLU E 78 11.94 -27.35 23.58
CA GLU E 78 11.24 -26.20 24.18
C GLU E 78 11.54 -24.91 23.44
N ALA E 79 12.23 -25.02 22.30
CA ALA E 79 12.58 -23.85 21.49
C ALA E 79 11.31 -23.12 21.01
N ASN E 80 11.45 -21.82 20.77
CA ASN E 80 10.32 -21.08 20.22
C ASN E 80 9.88 -21.73 18.91
N ALA E 81 8.57 -21.72 18.64
CA ALA E 81 8.06 -22.13 17.35
C ALA E 81 8.25 -20.97 16.36
N VAL E 82 8.92 -21.27 15.25
CA VAL E 82 9.22 -20.29 14.25
C VAL E 82 8.54 -20.69 12.94
N HIS E 83 7.32 -20.21 12.72
CA HIS E 83 6.54 -20.56 11.54
C HIS E 83 5.98 -19.34 10.83
N ARG E 84 5.78 -19.47 9.53
CA ARG E 84 5.18 -18.39 8.75
C ARG E 84 3.75 -18.04 9.23
N THR E 85 2.98 -19.06 9.62
CA THR E 85 1.62 -18.80 10.10
C THR E 85 1.51 -19.23 11.56
N GLY E 86 0.39 -18.87 12.18
CA GLY E 86 0.09 -19.18 13.57
C GLY E 86 0.75 -18.19 14.52
N PRO E 87 0.79 -18.52 15.83
CA PRO E 87 1.42 -17.64 16.80
C PRO E 87 2.84 -17.27 16.37
N GLY E 88 3.24 -16.03 16.66
CA GLY E 88 4.63 -15.61 16.44
C GLY E 88 5.55 -16.27 17.45
N PRO E 89 6.88 -16.18 17.23
CA PRO E 89 7.79 -16.83 18.17
C PRO E 89 7.59 -16.43 19.65
N MET E 90 7.24 -15.17 19.92
CA MET E 90 7.04 -14.73 21.32
C MET E 90 5.67 -15.06 21.91
N GLY E 91 4.75 -15.52 21.06
CA GLY E 91 3.43 -15.93 21.51
C GLY E 91 2.32 -15.09 20.92
N PRO E 92 1.98 -13.99 21.60
CA PRO E 92 0.85 -13.14 21.17
C PRO E 92 1.24 -12.04 20.17
N SER E 93 2.48 -12.05 19.71
CA SER E 93 3.04 -10.90 18.95
C SER E 93 2.41 -10.58 17.59
N ARG E 94 1.69 -11.54 17.01
CA ARG E 94 0.98 -11.32 15.74
C ARG E 94 -0.52 -11.03 15.91
N MET E 95 -0.99 -10.97 17.16
CA MET E 95 -2.40 -10.76 17.43
C MET E 95 -2.69 -9.29 17.35
N MET E 96 -3.83 -8.98 16.76
CA MET E 96 -4.43 -7.69 17.02
C MET E 96 -5.66 -7.96 17.86
N LEU E 97 -5.59 -7.66 19.16
CA LEU E 97 -6.68 -7.90 20.08
C LEU E 97 -7.78 -6.84 19.94
N SER E 98 -8.97 -7.17 20.44
CA SER E 98 -10.10 -6.23 20.33
C SER E 98 -10.07 -5.27 21.50
N LYS E 99 -9.17 -5.50 22.45
CA LYS E 99 -9.04 -4.73 23.68
C LYS E 99 -7.58 -4.45 24.00
N PRO E 100 -7.28 -3.29 24.65
CA PRO E 100 -5.91 -2.83 24.93
C PRO E 100 -5.14 -3.62 25.99
N VAL E 101 -3.81 -3.59 25.87
CA VAL E 101 -2.91 -4.22 26.82
C VAL E 101 -1.91 -3.17 27.25
N ILE E 102 -1.65 -3.10 28.56
CA ILE E 102 -0.65 -2.20 29.09
C ILE E 102 0.59 -2.95 29.52
N ALA E 103 1.74 -2.57 28.96
CA ALA E 103 2.99 -3.17 29.42
C ALA E 103 3.54 -2.51 30.70
N ALA E 104 3.74 -3.33 31.74
CA ALA E 104 4.31 -2.85 32.99
C ALA E 104 5.78 -3.28 33.01
N VAL E 105 6.65 -2.37 32.61
CA VAL E 105 8.04 -2.72 32.33
C VAL E 105 8.97 -2.47 33.53
N SER E 106 9.39 -3.56 34.16
CA SER E 106 10.41 -3.44 35.19
C SER E 106 11.66 -4.03 34.56
N GLY E 107 12.84 -3.70 35.09
CA GLY E 107 14.07 -4.26 34.57
C GLY E 107 14.21 -4.13 33.06
N TYR E 108 14.48 -5.24 32.40
CA TYR E 108 14.84 -5.17 31.00
C TYR E 108 13.72 -5.65 30.11
N ALA E 109 13.40 -4.87 29.07
CA ALA E 109 12.53 -5.31 27.97
C ALA E 109 13.39 -5.23 26.71
N VAL E 110 14.02 -6.36 26.37
CA VAL E 110 14.97 -6.37 25.30
C VAL E 110 14.71 -7.47 24.28
N ALA E 111 15.10 -7.20 23.04
CA ALA E 111 14.94 -8.14 21.95
C ALA E 111 13.45 -8.48 21.82
N GLY E 112 13.11 -9.77 21.84
CA GLY E 112 11.70 -10.17 21.80
C GLY E 112 10.87 -9.60 22.95
N GLY E 113 11.51 -9.29 24.07
CA GLY E 113 10.84 -8.66 25.21
C GLY E 113 10.52 -7.20 24.96
N LEU E 114 11.41 -6.50 24.23
CA LEU E 114 11.07 -5.21 23.69
C LEU E 114 9.89 -5.34 22.70
N GLU E 115 9.92 -6.36 21.84
CA GLU E 115 8.82 -6.58 20.90
C GLU E 115 7.45 -6.78 21.56
N LEU E 116 7.39 -7.51 22.68
CA LEU E 116 6.16 -7.63 23.47
C LEU E 116 5.73 -6.29 24.01
N ALA E 117 6.69 -5.51 24.51
CA ALA E 117 6.36 -4.19 25.01
C ALA E 117 5.79 -3.29 23.93
N LEU E 118 6.33 -3.34 22.70
CA LEU E 118 5.81 -2.54 21.54
C LEU E 118 4.43 -3.04 21.05
N TRP E 119 4.20 -4.33 21.19
CA TRP E 119 2.93 -4.93 20.83
C TRP E 119 1.83 -4.45 21.81
N CYS E 120 2.20 -4.12 23.04
CA CYS E 120 1.23 -3.52 23.97
C CYS E 120 0.85 -2.11 23.50
N ASP E 121 -0.37 -1.68 23.83
CA ASP E 121 -0.82 -0.34 23.51
C ASP E 121 -0.12 0.78 24.25
N LEU E 122 0.26 0.53 25.50
CA LEU E 122 0.97 1.53 26.28
C LEU E 122 2.07 0.87 27.07
N ARG E 123 3.06 1.65 27.46
CA ARG E 123 4.19 1.14 28.25
C ARG E 123 4.38 2.00 29.49
N VAL E 124 4.15 1.41 30.65
CA VAL E 124 4.48 2.06 31.92
C VAL E 124 5.84 1.55 32.41
N ALA E 125 6.85 2.42 32.47
CA ALA E 125 8.21 1.92 32.77
C ALA E 125 8.72 2.38 34.14
N GLU E 126 9.51 1.54 34.82
CA GLU E 126 10.09 1.95 36.10
C GLU E 126 11.29 2.81 35.85
N GLN E 127 11.63 3.64 36.85
CA GLN E 127 12.75 4.59 36.78
C GLN E 127 13.99 3.97 36.18
N ASP E 128 14.37 2.79 36.68
CA ASP E 128 15.59 2.16 36.21
C ASP E 128 15.42 1.10 35.09
N ALA E 129 14.24 1.02 34.48
CA ALA E 129 14.00 0.01 33.47
C ALA E 129 14.76 0.35 32.20
N VAL E 130 14.95 -0.66 31.37
CA VAL E 130 15.78 -0.50 30.18
C VAL E 130 15.11 -1.19 29.01
N PHE E 131 15.06 -0.47 27.88
CA PHE E 131 14.61 -0.99 26.58
C PHE E 131 15.78 -1.14 25.62
N GLY E 132 15.70 -2.09 24.69
CA GLY E 132 16.74 -2.17 23.68
C GLY E 132 16.66 -3.36 22.76
N VAL E 133 17.20 -3.22 21.56
CA VAL E 133 17.23 -4.30 20.58
C VAL E 133 18.54 -5.12 20.82
N PHE E 134 18.60 -5.87 21.93
CA PHE E 134 19.85 -6.56 22.36
C PHE E 134 20.18 -7.76 21.48
N CYS E 135 19.18 -8.31 20.79
CA CYS E 135 19.37 -9.34 19.76
C CYS E 135 20.29 -8.92 18.60
N ARG E 136 20.54 -7.61 18.45
CA ARG E 136 21.51 -7.12 17.47
C ARG E 136 22.91 -7.65 17.76
N ARG E 137 23.29 -7.65 19.05
CA ARG E 137 24.61 -8.13 19.45
C ARG E 137 24.69 -9.65 19.32
N TRP E 138 23.56 -10.33 19.52
CA TRP E 138 23.46 -11.81 19.45
C TRP E 138 23.29 -12.31 18.00
N GLY E 139 22.90 -11.43 17.09
CA GLY E 139 22.67 -11.82 15.69
C GLY E 139 21.39 -12.60 15.42
N VAL E 140 20.36 -12.41 16.25
CA VAL E 140 19.05 -12.99 16.04
C VAL E 140 18.13 -11.85 15.52
N PRO E 141 17.42 -12.09 14.39
CA PRO E 141 16.60 -11.01 13.83
C PRO E 141 15.32 -10.74 14.63
N LEU E 142 14.80 -9.52 14.51
CA LEU E 142 13.48 -9.19 15.07
C LEU E 142 12.43 -9.83 14.18
N ILE E 143 11.66 -10.77 14.74
CA ILE E 143 10.58 -11.42 13.98
C ILE E 143 9.30 -11.50 14.82
N ASP E 144 9.13 -10.53 15.73
CA ASP E 144 7.89 -10.42 16.49
C ASP E 144 7.33 -8.98 16.40
N GLY E 145 7.59 -8.34 15.26
CA GLY E 145 6.92 -7.10 14.95
C GLY E 145 7.77 -5.88 15.22
N GLY E 146 8.92 -6.09 15.86
CA GLY E 146 9.84 -5.00 16.20
C GLY E 146 10.09 -4.03 15.05
N THR E 147 10.41 -4.56 13.87
CA THR E 147 10.72 -3.68 12.74
C THR E 147 9.47 -3.00 12.16
N VAL E 148 8.30 -3.53 12.48
CA VAL E 148 7.04 -2.96 11.94
C VAL E 148 6.57 -1.86 12.89
N ARG E 149 6.58 -2.19 14.18
CA ARG E 149 5.96 -1.32 15.18
C ARG E 149 6.85 -0.19 15.67
N LEU E 150 8.15 -0.43 15.81
CA LEU E 150 8.98 0.59 16.39
C LEU E 150 8.93 1.91 15.57
N PRO E 151 9.13 1.85 14.24
CA PRO E 151 9.08 3.09 13.48
C PRO E 151 7.69 3.78 13.49
N ARG E 152 6.63 3.00 13.65
CA ARG E 152 5.29 3.58 13.75
C ARG E 152 5.07 4.22 15.09
N LEU E 153 5.63 3.60 16.15
CA LEU E 153 5.47 4.09 17.51
C LEU E 153 6.20 5.40 17.78
N ILE E 154 7.46 5.49 17.34
CA ILE E 154 8.31 6.61 17.74
C ILE E 154 8.98 7.33 16.57
N GLY E 155 8.62 6.96 15.34
CA GLY E 155 9.17 7.60 14.16
C GLY E 155 10.31 6.77 13.59
N HIS E 156 10.63 6.94 12.31
CA HIS E 156 11.57 6.07 11.64
C HIS E 156 12.98 6.35 12.17
N SER E 157 13.26 7.62 12.39
CA SER E 157 14.61 8.04 12.74
C SER E 157 15.12 7.43 14.06
N ARG E 158 14.35 7.63 15.13
CA ARG E 158 14.70 7.01 16.42
C ARG E 158 14.60 5.51 16.38
N ALA E 159 13.62 4.94 15.66
CA ALA E 159 13.53 3.48 15.60
C ALA E 159 14.78 2.86 14.96
N MET E 160 15.23 3.46 13.85
CA MET E 160 16.41 2.98 13.14
C MET E 160 17.66 3.05 14.03
N ASP E 161 17.77 4.15 14.78
CA ASP E 161 18.84 4.26 15.78
C ASP E 161 18.81 3.03 16.69
N MET E 162 17.67 2.80 17.34
CA MET E 162 17.56 1.67 18.23
C MET E 162 17.87 0.35 17.51
N ILE E 163 17.35 0.19 16.28
CA ILE E 163 17.40 -1.13 15.60
C ILE E 163 18.81 -1.44 15.13
N LEU E 164 19.46 -0.44 14.54
CA LEU E 164 20.82 -0.59 14.04
C LEU E 164 21.84 -0.77 15.16
N THR E 165 21.83 0.13 16.14
CA THR E 165 22.84 0.10 17.20
C THR E 165 22.60 -0.99 18.22
N GLY E 166 21.35 -1.39 18.42
CA GLY E 166 21.05 -2.40 19.47
C GLY E 166 21.21 -1.84 20.88
N ARG E 167 21.36 -0.52 20.98
CA ARG E 167 21.76 0.13 22.25
C ARG E 167 20.66 0.09 23.30
N ALA E 168 21.07 0.19 24.56
CA ALA E 168 20.15 0.30 25.71
C ALA E 168 19.50 1.67 25.71
N VAL E 169 18.20 1.71 25.88
CA VAL E 169 17.54 2.99 26.08
C VAL E 169 16.95 2.97 27.48
N GLN E 170 17.43 3.89 28.30
CA GLN E 170 16.98 3.97 29.69
C GLN E 170 15.60 4.64 29.76
N ALA E 171 14.92 4.52 30.90
CA ALA E 171 13.55 5.00 31.06
C ALA E 171 13.37 6.50 30.79
N ASP E 172 14.31 7.31 31.26
CA ASP E 172 14.19 8.74 31.07
C ASP E 172 14.27 9.13 29.57
N GLU E 173 15.21 8.55 28.82
CA GLU E 173 15.23 8.71 27.37
C GLU E 173 13.99 8.09 26.68
N ALA E 174 13.60 6.89 27.11
CA ALA E 174 12.38 6.28 26.61
C ALA E 174 11.14 7.19 26.75
N LEU E 175 10.99 7.84 27.90
CA LEU E 175 9.87 8.79 28.09
C LEU E 175 10.00 9.95 27.11
N ALA E 176 11.20 10.49 27.03
CA ALA E 176 11.49 11.62 26.15
C ALA E 176 11.22 11.30 24.67
N ILE E 177 11.47 10.08 24.21
CA ILE E 177 11.23 9.82 22.78
C ILE E 177 9.87 9.21 22.49
N GLY E 178 9.07 8.96 23.53
CA GLY E 178 7.72 8.44 23.32
C GLY E 178 7.64 6.94 23.35
N LEU E 179 8.77 6.29 23.65
CA LEU E 179 8.78 4.84 23.79
C LEU E 179 8.04 4.39 25.08
N ALA E 180 8.32 5.05 26.21
CA ALA E 180 7.53 4.84 27.44
C ALA E 180 6.52 5.96 27.52
N ASN E 181 5.30 5.61 27.92
CA ASN E 181 4.23 6.57 28.09
C ASN E 181 4.21 7.12 29.50
N ARG E 182 4.68 6.31 30.46
CA ARG E 182 4.81 6.74 31.85
C ARG E 182 6.12 6.25 32.43
N VAL E 183 6.67 7.03 33.36
CA VAL E 183 7.75 6.55 34.21
C VAL E 183 7.35 6.69 35.69
N VAL E 184 7.44 5.57 36.41
CA VAL E 184 7.11 5.50 37.85
C VAL E 184 8.30 4.94 38.64
N PRO E 185 8.31 5.09 40.00
CA PRO E 185 9.47 4.58 40.76
C PRO E 185 9.66 3.06 40.61
N ASN E 186 10.88 2.58 40.87
CA ASN E 186 11.18 1.16 40.91
C ASN E 186 10.23 0.38 41.82
N GLY E 187 9.82 -0.79 41.36
CA GLY E 187 8.83 -1.59 42.06
C GLY E 187 7.37 -1.29 41.73
N GLN E 188 7.09 -0.15 41.08
CA GLN E 188 5.69 0.32 40.90
C GLN E 188 5.01 0.11 39.54
N ALA E 189 5.74 -0.39 38.54
CA ALA E 189 5.20 -0.51 37.18
C ALA E 189 3.96 -1.37 37.15
N ARG E 190 4.00 -2.52 37.83
CA ARG E 190 2.82 -3.37 37.90
C ARG E 190 1.62 -2.60 38.44
N GLN E 191 1.78 -2.03 39.63
CA GLN E 191 0.70 -1.27 40.31
C GLN E 191 0.23 -0.06 39.50
N ALA E 192 1.17 0.76 39.06
CA ALA E 192 0.83 1.87 38.16
C ALA E 192 0.02 1.40 36.91
N ALA E 193 0.46 0.34 36.24
CA ALA E 193 -0.26 -0.17 35.04
C ALA E 193 -1.65 -0.71 35.36
N GLU E 194 -1.76 -1.43 36.46
CA GLU E 194 -3.05 -1.96 36.91
C GLU E 194 -4.04 -0.83 37.28
N GLU E 195 -3.53 0.27 37.85
CA GLU E 195 -4.37 1.42 38.16
C GLU E 195 -4.83 2.11 36.86
N LEU E 196 -3.92 2.27 35.90
CA LEU E 196 -4.26 2.87 34.61
C LEU E 196 -5.30 2.03 33.86
N ALA E 197 -5.11 0.72 33.89
CA ALA E 197 -6.01 -0.27 33.31
C ALA E 197 -7.43 -0.16 33.89
N ALA E 198 -7.52 -0.10 35.22
CA ALA E 198 -8.78 0.15 35.91
C ALA E 198 -9.41 1.48 35.47
N GLN E 199 -8.61 2.53 35.33
CA GLN E 199 -9.16 3.81 34.88
C GLN E 199 -9.76 3.67 33.50
N LEU E 200 -9.05 2.95 32.62
CA LEU E 200 -9.51 2.70 31.25
C LEU E 200 -10.79 1.87 31.22
N ALA E 201 -10.89 0.89 32.11
CA ALA E 201 -12.02 -0.03 32.16
C ALA E 201 -13.29 0.64 32.63
N ALA E 202 -13.14 1.80 33.27
CA ALA E 202 -14.22 2.57 33.86
C ALA E 202 -14.85 3.49 32.82
N LEU E 203 -14.15 3.71 31.70
CA LEU E 203 -14.64 4.57 30.62
C LEU E 203 -15.63 3.81 29.71
N PRO E 204 -16.44 4.57 28.92
CA PRO E 204 -17.35 3.79 28.04
C PRO E 204 -16.51 2.97 27.06
N GLN E 205 -16.80 1.67 26.99
CA GLN E 205 -15.90 0.69 26.37
C GLN E 205 -15.96 0.52 24.85
N GLN E 206 -17.15 0.52 24.26
CA GLN E 206 -17.25 0.31 22.80
C GLN E 206 -16.51 1.41 22.06
N CYS E 207 -16.70 2.64 22.54
CA CYS E 207 -16.06 3.80 21.98
C CYS E 207 -14.54 3.72 22.09
N LEU E 208 -14.02 3.37 23.27
CA LEU E 208 -12.57 3.26 23.44
C LEU E 208 -12.00 2.21 22.48
N ARG E 209 -12.69 1.07 22.37
CA ARG E 209 -12.30 -0.04 21.51
C ARG E 209 -12.33 0.30 20.01
N SER E 210 -13.34 1.05 19.57
CA SER E 210 -13.43 1.47 18.17
C SER E 210 -12.34 2.44 17.79
N ASP E 211 -12.21 3.51 18.55
CA ASP E 211 -11.14 4.48 18.34
C ASP E 211 -9.78 3.76 18.26
N ARG E 212 -9.52 2.84 19.20
CA ARG E 212 -8.22 2.14 19.24
C ARG E 212 -7.96 1.35 17.96
N LEU E 213 -8.96 0.55 17.56
CA LEU E 213 -8.81 -0.35 16.41
C LEU E 213 -8.67 0.47 15.15
N SER E 214 -9.37 1.59 15.09
CA SER E 214 -9.22 2.54 13.99
C SER E 214 -7.77 3.11 13.89
N ALA E 215 -7.24 3.60 15.02
CA ALA E 215 -5.86 4.15 15.07
C ALA E 215 -4.82 3.10 14.70
N LEU E 216 -5.08 1.86 15.08
CA LEU E 216 -4.24 0.76 14.66
C LEU E 216 -4.32 0.52 13.16
N GLN E 217 -5.55 0.43 12.62
CA GLN E 217 -5.73 -0.04 11.23
C GLN E 217 -5.56 0.99 10.11
N GLN E 218 -5.55 2.29 10.46
CA GLN E 218 -5.32 3.37 9.48
C GLN E 218 -3.91 3.36 8.90
N TRP E 219 -2.96 2.81 9.66
CA TRP E 219 -1.54 2.78 9.25
C TRP E 219 -1.35 2.26 7.83
N GLY E 220 -0.87 3.13 6.93
CA GLY E 220 -0.62 2.71 5.53
C GLY E 220 -1.77 2.93 4.56
N LEU E 221 -2.97 3.23 5.07
CA LEU E 221 -4.06 3.55 4.19
C LEU E 221 -3.93 5.01 3.79
N PRO E 222 -4.30 5.36 2.54
CA PRO E 222 -4.50 6.77 2.25
C PRO E 222 -5.61 7.31 3.13
N GLU E 223 -5.63 8.62 3.29
CA GLU E 223 -6.52 9.25 4.22
C GLU E 223 -7.98 8.88 3.94
N SER E 224 -8.40 9.03 2.68
CA SER E 224 -9.80 8.73 2.35
C SER E 224 -10.24 7.31 2.74
N ALA E 225 -9.39 6.31 2.55
CA ALA E 225 -9.72 4.96 2.98
C ALA E 225 -9.67 4.85 4.51
N ALA E 226 -8.66 5.47 5.10
CA ALA E 226 -8.51 5.50 6.56
C ALA E 226 -9.73 6.19 7.21
N LEU E 227 -10.12 7.34 6.68
CA LEU E 227 -11.30 8.05 7.16
C LEU E 227 -12.53 7.16 7.04
N ASP E 228 -12.60 6.38 5.96
CA ASP E 228 -13.70 5.44 5.75
C ASP E 228 -13.79 4.39 6.86
N LEU E 229 -12.70 3.67 7.09
CA LEU E 229 -12.62 2.70 8.18
C LEU E 229 -13.03 3.35 9.53
N GLU E 230 -12.52 4.58 9.80
CA GLU E 230 -12.86 5.31 11.02
C GLU E 230 -14.35 5.51 11.16
N PHE E 231 -15.00 5.90 10.08
CA PHE E 231 -16.41 6.20 10.13
C PHE E 231 -17.27 5.03 10.62
N ALA E 232 -16.86 3.79 10.32
CA ALA E 232 -17.53 2.59 10.83
C ALA E 232 -17.74 2.57 12.35
N SER E 233 -16.97 3.39 13.09
CA SER E 233 -17.12 3.55 14.54
C SER E 233 -18.52 3.97 14.94
N ILE E 234 -19.13 4.90 14.21
CA ILE E 234 -20.43 5.42 14.66
C ILE E 234 -21.58 4.39 14.67
N SER E 235 -21.40 3.27 13.96
CA SER E 235 -22.34 2.13 14.02
C SER E 235 -22.27 1.43 15.38
N ARG E 236 -21.09 0.84 15.63
CA ARG E 236 -20.73 0.13 16.87
C ARG E 236 -21.05 0.82 18.20
N VAL E 237 -21.09 2.14 18.20
CA VAL E 237 -20.92 2.95 19.40
C VAL E 237 -22.11 3.90 19.66
N ALA E 238 -23.13 3.83 18.79
CA ALA E 238 -24.30 4.73 18.82
C ALA E 238 -25.04 4.79 20.16
N ALA E 239 -25.38 3.61 20.70
CA ALA E 239 -26.00 3.47 22.02
C ALA E 239 -25.23 4.22 23.13
N GLU E 240 -23.92 3.95 23.23
CA GLU E 240 -23.01 4.68 24.15
C GLU E 240 -22.97 6.20 23.91
N ALA E 241 -22.79 6.59 22.64
CA ALA E 241 -22.72 8.01 22.24
C ALA E 241 -23.96 8.81 22.65
N LEU E 242 -25.13 8.26 22.37
CA LEU E 242 -26.43 8.87 22.73
C LEU E 242 -26.65 8.91 24.24
N GLU E 243 -26.25 7.86 24.95
CA GLU E 243 -26.33 7.81 26.43
C GLU E 243 -25.34 8.78 27.12
N GLY E 244 -24.07 8.80 26.69
CA GLY E 244 -23.08 9.76 27.19
C GLY E 244 -23.44 11.23 26.95
N ALA E 245 -24.13 11.49 25.83
CA ALA E 245 -24.73 12.79 25.56
C ALA E 245 -25.74 13.19 26.64
N GLY E 246 -26.71 12.29 26.88
CA GLY E 246 -27.70 12.47 27.93
C GLY E 246 -27.07 12.52 29.30
N ASP F 8 30.47 -9.65 -28.78
CA ASP F 8 29.73 -8.86 -27.76
C ASP F 8 28.56 -9.69 -27.27
N LEU F 9 28.39 -9.70 -25.96
CA LEU F 9 27.39 -10.52 -25.31
C LEU F 9 25.97 -9.99 -25.54
N VAL F 10 25.87 -8.67 -25.59
CA VAL F 10 24.65 -7.97 -25.87
C VAL F 10 24.95 -6.98 -26.98
N GLN F 11 24.21 -7.04 -28.09
CA GLN F 11 24.30 -6.02 -29.15
C GLN F 11 23.21 -4.99 -28.97
N VAL F 12 23.51 -3.75 -29.33
CA VAL F 12 22.55 -2.68 -29.18
C VAL F 12 22.52 -1.95 -30.51
N GLU F 13 21.33 -1.89 -31.11
CA GLU F 13 21.12 -1.23 -32.38
C GLU F 13 20.04 -0.12 -32.31
N ARG F 14 20.40 1.08 -32.74
CA ARG F 14 19.54 2.26 -32.63
C ARG F 14 19.10 2.69 -34.01
N ASN F 15 17.83 2.47 -34.32
CA ASN F 15 17.27 2.80 -35.62
C ASN F 15 16.23 3.85 -35.30
N GLY F 16 16.69 5.11 -35.32
CA GLY F 16 15.90 6.28 -34.95
C GLY F 16 15.39 6.15 -33.51
N PRO F 17 14.09 6.35 -33.28
CA PRO F 17 13.53 6.33 -31.91
C PRO F 17 13.37 4.92 -31.31
N VAL F 18 13.78 3.90 -32.06
CA VAL F 18 13.66 2.54 -31.57
C VAL F 18 15.03 1.89 -31.32
N THR F 19 15.30 1.53 -30.06
CA THR F 19 16.51 0.79 -29.68
C THR F 19 16.24 -0.71 -29.56
N THR F 20 16.98 -1.50 -30.34
CA THR F 20 16.93 -2.95 -30.22
C THR F 20 18.12 -3.45 -29.40
N VAL F 21 17.80 -4.20 -28.36
CA VAL F 21 18.80 -4.76 -27.47
C VAL F 21 18.76 -6.25 -27.74
N ILE F 22 19.91 -6.84 -28.03
CA ILE F 22 19.96 -8.23 -28.52
C ILE F 22 20.90 -9.04 -27.63
N ILE F 23 20.37 -10.10 -27.02
CA ILE F 23 21.22 -11.02 -26.26
C ILE F 23 21.95 -11.85 -27.30
N ASN F 24 23.26 -11.83 -27.25
CA ASN F 24 24.03 -12.44 -28.34
C ASN F 24 24.85 -13.63 -27.86
N ARG F 25 24.16 -14.67 -27.40
CA ARG F 25 24.83 -15.94 -27.04
C ARG F 25 24.08 -17.09 -27.69
N PRO F 26 24.04 -17.11 -29.01
CA PRO F 26 23.23 -18.18 -29.59
C PRO F 26 23.72 -19.58 -29.20
N GLN F 27 25.06 -19.75 -29.05
CA GLN F 27 25.60 -21.07 -28.61
C GLN F 27 25.03 -21.52 -27.27
N ALA F 28 24.68 -20.56 -26.41
CA ALA F 28 24.10 -20.90 -25.11
C ALA F 28 22.58 -20.70 -25.05
N ARG F 29 21.93 -20.68 -26.22
CA ARG F 29 20.49 -20.41 -26.33
C ARG F 29 20.09 -19.15 -25.55
N ASN F 30 20.99 -18.19 -25.56
CA ASN F 30 20.79 -16.90 -24.96
C ASN F 30 20.56 -16.96 -23.45
N ALA F 31 21.10 -18.02 -22.82
CA ALA F 31 21.25 -18.03 -21.35
C ALA F 31 22.05 -16.78 -20.95
N VAL F 32 21.67 -16.19 -19.81
CA VAL F 32 22.29 -14.95 -19.34
C VAL F 32 23.19 -15.20 -18.14
N ASN F 33 24.48 -14.96 -18.33
CA ASN F 33 25.43 -15.05 -17.24
C ASN F 33 25.64 -13.66 -16.61
N GLY F 34 26.62 -13.54 -15.72
CA GLY F 34 26.87 -12.29 -15.02
C GLY F 34 27.23 -11.13 -15.92
N PRO F 35 28.28 -11.30 -16.77
CA PRO F 35 28.64 -10.26 -17.74
C PRO F 35 27.49 -9.90 -18.69
N THR F 36 26.72 -10.89 -19.15
CA THR F 36 25.58 -10.59 -20.02
C THR F 36 24.55 -9.73 -19.26
N ALA F 37 24.20 -10.15 -18.04
CA ALA F 37 23.22 -9.41 -17.21
C ALA F 37 23.66 -7.95 -17.02
N ALA F 38 24.95 -7.76 -16.66
CA ALA F 38 25.55 -6.42 -16.55
C ALA F 38 25.38 -5.61 -17.84
N ALA F 39 25.68 -6.22 -18.99
CA ALA F 39 25.56 -5.51 -20.27
C ALA F 39 24.06 -5.18 -20.65
N LEU F 40 23.13 -6.05 -20.30
CA LEU F 40 21.71 -5.78 -20.45
C LEU F 40 21.26 -4.62 -19.57
N TYR F 41 21.66 -4.66 -18.29
CA TYR F 41 21.36 -3.61 -17.36
C TYR F 41 21.87 -2.29 -17.94
N SER F 42 23.14 -2.28 -18.31
CA SER F 42 23.77 -1.10 -18.86
C SER F 42 23.13 -0.62 -20.19
N ALA F 43 22.72 -1.53 -21.06
CA ALA F 43 22.04 -1.06 -22.29
C ALA F 43 20.68 -0.39 -21.99
N PHE F 44 19.91 -0.97 -21.07
CA PHE F 44 18.63 -0.35 -20.68
C PHE F 44 18.74 0.91 -19.86
N ALA F 45 19.77 1.03 -19.02
CA ALA F 45 19.99 2.26 -18.26
C ALA F 45 20.37 3.40 -19.23
N GLU F 46 21.20 3.08 -20.22
CA GLU F 46 21.54 4.06 -21.25
C GLU F 46 20.27 4.42 -22.04
N PHE F 47 19.52 3.39 -22.44
CA PHE F 47 18.28 3.61 -23.15
C PHE F 47 17.34 4.54 -22.39
N ASP F 48 17.25 4.34 -21.08
CA ASP F 48 16.29 5.08 -20.28
C ASP F 48 16.60 6.58 -20.35
N ARG F 49 17.89 6.94 -20.42
CA ARG F 49 18.21 8.37 -20.49
C ARG F 49 18.66 8.81 -21.87
N ASP F 50 18.56 7.94 -22.86
CA ASP F 50 18.87 8.36 -24.20
C ASP F 50 17.70 9.20 -24.74
N GLU F 51 17.91 10.49 -24.91
CA GLU F 51 16.84 11.40 -25.34
C GLU F 51 16.34 11.13 -26.76
N SER F 52 17.16 10.51 -27.61
CA SER F 52 16.70 10.18 -28.97
C SER F 52 16.01 8.79 -29.06
N ALA F 53 15.99 8.07 -27.94
CA ALA F 53 15.37 6.77 -27.89
C ALA F 53 13.99 6.85 -27.25
N SER F 54 13.00 6.24 -27.90
CA SER F 54 11.62 6.29 -27.42
C SER F 54 11.11 4.93 -26.94
N VAL F 55 11.38 3.89 -27.72
CA VAL F 55 10.86 2.54 -27.43
C VAL F 55 12.00 1.52 -27.64
N ALA F 56 12.01 0.47 -26.81
CA ALA F 56 13.02 -0.55 -26.94
C ALA F 56 12.40 -1.87 -27.35
N VAL F 57 13.19 -2.66 -28.07
CA VAL F 57 12.85 -4.03 -28.34
C VAL F 57 13.89 -4.95 -27.70
N LEU F 58 13.44 -5.96 -26.95
CA LEU F 58 14.36 -6.97 -26.42
C LEU F 58 14.20 -8.25 -27.21
N CYS F 59 15.31 -8.81 -27.68
CA CYS F 59 15.27 -10.07 -28.43
C CYS F 59 16.58 -10.86 -28.26
N GLY F 60 16.63 -12.06 -28.84
CA GLY F 60 17.82 -12.88 -28.82
C GLY F 60 18.20 -13.27 -30.24
N ASN F 61 19.50 -13.46 -30.45
CA ASN F 61 20.01 -13.95 -31.74
C ASN F 61 19.88 -15.46 -31.86
N GLY F 62 19.87 -15.95 -33.10
CA GLY F 62 19.92 -17.40 -33.34
C GLY F 62 18.64 -18.12 -33.02
N GLY F 63 17.53 -17.44 -33.24
CA GLY F 63 16.23 -18.10 -33.23
C GLY F 63 15.71 -18.45 -31.85
N THR F 64 16.23 -17.81 -30.79
CA THR F 64 15.64 -17.97 -29.47
C THR F 64 15.78 -16.71 -28.62
N PHE F 65 14.86 -16.55 -27.68
CA PHE F 65 14.78 -15.33 -26.91
C PHE F 65 15.78 -15.39 -25.77
N CYS F 66 15.54 -16.29 -24.82
CA CYS F 66 16.37 -16.39 -23.62
C CYS F 66 16.01 -17.64 -22.81
N ALA F 67 17.01 -18.45 -22.52
CA ALA F 67 16.82 -19.68 -21.75
C ALA F 67 16.90 -19.46 -20.23
N GLY F 68 17.06 -18.21 -19.78
CA GLY F 68 17.19 -17.97 -18.33
C GLY F 68 18.60 -17.75 -17.86
N ALA F 69 18.83 -17.93 -16.56
CA ALA F 69 20.15 -17.64 -16.01
C ALA F 69 21.14 -18.72 -16.49
N ASP F 70 22.40 -18.36 -16.65
CA ASP F 70 23.41 -19.33 -17.10
C ASP F 70 23.81 -20.27 -15.95
N LEU F 71 23.04 -21.32 -15.77
CA LEU F 71 23.29 -22.33 -14.74
C LEU F 71 24.68 -23.00 -14.85
N LYS F 72 25.15 -23.28 -16.07
CA LYS F 72 26.49 -23.85 -16.28
C LYS F 72 27.60 -22.95 -15.69
N ALA F 73 27.36 -21.63 -15.68
CA ALA F 73 28.33 -20.67 -15.18
C ALA F 73 28.45 -20.60 -13.65
N PHE F 74 27.70 -21.42 -12.91
CA PHE F 74 27.78 -21.33 -11.44
C PHE F 74 29.20 -21.65 -10.93
N GLY F 75 29.64 -20.90 -9.91
CA GLY F 75 30.96 -21.11 -9.31
C GLY F 75 32.10 -20.79 -10.24
N THR F 76 31.86 -19.86 -11.16
CA THR F 76 32.89 -19.36 -12.06
C THR F 76 32.81 -17.86 -11.98
N ALA F 77 33.78 -17.20 -12.58
CA ALA F 77 33.85 -15.76 -12.56
C ALA F 77 32.64 -15.14 -13.29
N GLU F 78 31.96 -15.95 -14.10
CA GLU F 78 30.90 -15.46 -14.97
C GLU F 78 29.51 -15.74 -14.39
N ALA F 79 29.46 -16.31 -13.19
CA ALA F 79 28.21 -16.57 -12.47
C ALA F 79 27.32 -15.32 -12.35
N ASN F 80 26.01 -15.51 -12.43
CA ASN F 80 25.07 -14.42 -12.19
C ASN F 80 25.30 -13.86 -10.81
N ALA F 81 25.26 -12.53 -10.70
CA ALA F 81 25.32 -11.86 -9.40
C ALA F 81 23.95 -11.94 -8.77
N VAL F 82 23.88 -12.51 -7.58
CA VAL F 82 22.64 -12.68 -6.88
C VAL F 82 22.70 -11.82 -5.61
N HIS F 83 22.03 -10.67 -5.67
CA HIS F 83 22.08 -9.71 -4.57
C HIS F 83 20.71 -9.12 -4.33
N ARG F 84 20.45 -8.82 -3.07
CA ARG F 84 19.14 -8.35 -2.65
C ARG F 84 18.77 -7.00 -3.30
N THR F 85 19.76 -6.15 -3.54
CA THR F 85 19.56 -4.83 -4.11
C THR F 85 20.41 -4.63 -5.36
N GLY F 86 20.22 -3.48 -6.00
CA GLY F 86 20.85 -3.21 -7.30
C GLY F 86 20.22 -4.09 -8.38
N PRO F 87 20.95 -4.33 -9.48
CA PRO F 87 20.42 -5.12 -10.61
C PRO F 87 19.98 -6.54 -10.22
N GLY F 88 18.89 -7.02 -10.84
CA GLY F 88 18.43 -8.38 -10.64
C GLY F 88 19.41 -9.36 -11.28
N PRO F 89 19.34 -10.64 -10.87
CA PRO F 89 20.28 -11.62 -11.43
C PRO F 89 20.32 -11.63 -12.94
N MET F 90 19.18 -11.38 -13.59
CA MET F 90 19.13 -11.37 -15.08
C MET F 90 19.57 -10.02 -15.70
N GLY F 91 19.73 -9.01 -14.87
CA GLY F 91 20.20 -7.67 -15.31
C GLY F 91 19.17 -6.59 -15.09
N PRO F 92 18.22 -6.43 -16.02
CA PRO F 92 17.27 -5.32 -15.96
C PRO F 92 15.93 -5.66 -15.28
N SER F 93 15.79 -6.88 -14.78
CA SER F 93 14.51 -7.36 -14.24
C SER F 93 13.88 -6.53 -13.10
N ARG F 94 14.67 -5.71 -12.41
CA ARG F 94 14.12 -4.88 -11.34
C ARG F 94 13.91 -3.43 -11.77
N MET F 95 14.28 -3.10 -13.01
CA MET F 95 14.28 -1.71 -13.43
C MET F 95 12.87 -1.24 -13.73
N MET F 96 12.55 -0.02 -13.32
CA MET F 96 11.32 0.56 -13.82
C MET F 96 11.72 1.70 -14.77
N LEU F 97 11.56 1.44 -16.08
CA LEU F 97 12.02 2.38 -17.09
C LEU F 97 10.93 3.39 -17.37
N SER F 98 11.33 4.55 -17.86
CA SER F 98 10.39 5.62 -18.20
C SER F 98 9.74 5.40 -19.56
N LYS F 99 10.23 4.39 -20.27
CA LYS F 99 9.85 4.09 -21.67
C LYS F 99 9.57 2.60 -21.87
N PRO F 100 8.64 2.24 -22.77
CA PRO F 100 8.26 0.83 -22.91
C PRO F 100 9.29 -0.01 -23.66
N VAL F 101 9.32 -1.31 -23.33
CA VAL F 101 10.12 -2.31 -23.99
C VAL F 101 9.19 -3.41 -24.54
N ILE F 102 9.43 -3.80 -25.79
CA ILE F 102 8.63 -4.85 -26.42
C ILE F 102 9.53 -6.09 -26.58
N ALA F 103 9.04 -7.23 -26.10
CA ALA F 103 9.80 -8.47 -26.17
C ALA F 103 9.50 -9.13 -27.51
N ALA F 104 10.53 -9.35 -28.31
CA ALA F 104 10.35 -10.11 -29.57
C ALA F 104 10.72 -11.55 -29.26
N VAL F 105 9.71 -12.40 -29.03
CA VAL F 105 9.95 -13.76 -28.56
C VAL F 105 10.02 -14.79 -29.70
N SER F 106 11.23 -15.25 -30.02
CA SER F 106 11.39 -16.39 -30.92
C SER F 106 11.80 -17.57 -30.03
N GLY F 107 11.62 -18.79 -30.52
CA GLY F 107 12.07 -19.96 -29.76
C GLY F 107 11.57 -19.93 -28.33
N TYR F 108 12.49 -19.94 -27.37
CA TYR F 108 12.11 -20.03 -25.96
C TYR F 108 12.32 -18.74 -25.16
N ALA F 109 11.36 -18.45 -24.28
CA ALA F 109 11.51 -17.50 -23.21
C ALA F 109 11.10 -18.32 -22.00
N VAL F 110 12.09 -18.88 -21.30
CA VAL F 110 11.80 -19.79 -20.20
C VAL F 110 12.64 -19.45 -18.99
N ALA F 111 12.14 -19.83 -17.81
CA ALA F 111 12.79 -19.49 -16.55
C ALA F 111 13.07 -17.96 -16.53
N GLY F 112 14.31 -17.58 -16.19
CA GLY F 112 14.70 -16.19 -16.21
C GLY F 112 14.41 -15.50 -17.53
N GLY F 113 14.36 -16.27 -18.63
CA GLY F 113 13.99 -15.71 -19.93
C GLY F 113 12.53 -15.32 -20.03
N LEU F 114 11.65 -16.12 -19.44
CA LEU F 114 10.23 -15.75 -19.26
C LEU F 114 10.15 -14.49 -18.39
N GLU F 115 10.93 -14.44 -17.31
CA GLU F 115 10.92 -13.28 -16.42
C GLU F 115 11.26 -12.02 -17.19
N LEU F 116 12.20 -12.13 -18.15
CA LEU F 116 12.57 -10.99 -18.96
C LEU F 116 11.46 -10.59 -19.95
N ALA F 117 10.86 -11.58 -20.62
CA ALA F 117 9.63 -11.33 -21.37
C ALA F 117 8.48 -10.67 -20.57
N LEU F 118 8.35 -11.03 -19.29
CA LEU F 118 7.28 -10.47 -18.46
C LEU F 118 7.55 -9.03 -18.02
N TRP F 119 8.83 -8.73 -17.78
CA TRP F 119 9.32 -7.40 -17.40
C TRP F 119 9.12 -6.41 -18.56
N CYS F 120 9.23 -6.88 -19.82
CA CYS F 120 8.86 -6.07 -20.99
C CYS F 120 7.38 -5.72 -20.95
N ASP F 121 7.00 -4.63 -21.59
CA ASP F 121 5.60 -4.17 -21.61
C ASP F 121 4.65 -4.94 -22.52
N LEU F 122 5.15 -5.39 -23.67
CA LEU F 122 4.37 -6.21 -24.60
C LEU F 122 5.20 -7.39 -25.07
N ARG F 123 4.52 -8.45 -25.47
CA ARG F 123 5.21 -9.63 -25.98
C ARG F 123 4.67 -9.97 -27.36
N VAL F 124 5.59 -9.94 -28.31
CA VAL F 124 5.30 -10.29 -29.67
C VAL F 124 5.96 -11.63 -29.86
N ALA F 125 5.13 -12.65 -30.10
CA ALA F 125 5.62 -14.01 -30.18
C ALA F 125 5.59 -14.63 -31.60
N GLU F 126 6.58 -15.47 -31.90
CA GLU F 126 6.54 -16.24 -33.15
C GLU F 126 5.67 -17.47 -32.95
N GLN F 127 5.15 -17.99 -34.08
CA GLN F 127 4.16 -19.07 -34.09
C GLN F 127 4.61 -20.29 -33.28
N ASP F 128 5.91 -20.60 -33.32
CA ASP F 128 6.40 -21.73 -32.56
C ASP F 128 7.21 -21.32 -31.34
N ALA F 129 6.99 -20.09 -30.84
CA ALA F 129 7.67 -19.67 -29.59
C ALA F 129 7.08 -20.45 -28.42
N VAL F 130 7.89 -20.69 -27.40
CA VAL F 130 7.43 -21.35 -26.18
C VAL F 130 7.79 -20.53 -24.94
N PHE F 131 6.77 -20.29 -24.11
CA PHE F 131 6.92 -19.71 -22.78
C PHE F 131 6.84 -20.79 -21.69
N GLY F 132 7.54 -20.60 -20.57
CA GLY F 132 7.45 -21.54 -19.49
C GLY F 132 8.39 -21.32 -18.31
N VAL F 133 7.94 -21.79 -17.15
CA VAL F 133 8.72 -21.75 -15.92
C VAL F 133 9.60 -23.01 -15.80
N PHE F 134 10.53 -23.17 -16.73
CA PHE F 134 11.33 -24.40 -16.84
C PHE F 134 12.29 -24.61 -15.65
N CYS F 135 12.53 -23.53 -14.90
CA CYS F 135 13.32 -23.60 -13.68
C CYS F 135 12.64 -24.47 -12.61
N ARG F 136 11.33 -24.69 -12.76
CA ARG F 136 10.60 -25.64 -11.90
C ARG F 136 11.24 -27.05 -11.89
N ARG F 137 11.54 -27.58 -13.08
CA ARG F 137 12.14 -28.93 -13.16
C ARG F 137 13.61 -28.96 -12.68
N TRP F 138 14.30 -27.84 -12.87
CA TRP F 138 15.69 -27.69 -12.47
C TRP F 138 15.83 -27.37 -11.01
N GLY F 139 14.73 -26.97 -10.36
CA GLY F 139 14.76 -26.62 -8.94
C GLY F 139 15.59 -25.34 -8.73
N VAL F 140 15.36 -24.34 -9.56
CA VAL F 140 15.96 -23.03 -9.42
C VAL F 140 14.78 -22.04 -9.31
N PRO F 141 14.79 -21.16 -8.29
CA PRO F 141 13.62 -20.31 -8.06
C PRO F 141 13.52 -19.06 -8.93
N LEU F 142 12.29 -18.59 -9.09
CA LEU F 142 12.02 -17.33 -9.73
C LEU F 142 12.44 -16.16 -8.83
N ILE F 143 13.53 -15.49 -9.21
CA ILE F 143 14.02 -14.36 -8.43
C ILE F 143 14.29 -13.15 -9.33
N ASP F 144 13.63 -13.13 -10.49
CA ASP F 144 13.63 -11.97 -11.36
C ASP F 144 12.22 -11.47 -11.70
N GLY F 145 11.30 -11.57 -10.74
CA GLY F 145 9.95 -11.02 -10.87
C GLY F 145 8.85 -11.91 -11.45
N GLY F 146 9.18 -13.12 -11.89
CA GLY F 146 8.14 -14.00 -12.43
C GLY F 146 6.89 -14.18 -11.53
N THR F 147 7.12 -14.36 -10.22
CA THR F 147 6.00 -14.59 -9.26
C THR F 147 5.18 -13.31 -9.00
N VAL F 148 5.77 -12.16 -9.32
CA VAL F 148 5.13 -10.88 -9.10
C VAL F 148 4.40 -10.50 -10.39
N ARG F 149 5.12 -10.60 -11.51
CA ARG F 149 4.57 -10.18 -12.79
C ARG F 149 3.58 -11.14 -13.44
N LEU F 150 3.85 -12.43 -13.39
CA LEU F 150 2.99 -13.35 -14.11
C LEU F 150 1.55 -13.24 -13.61
N PRO F 151 1.34 -13.21 -12.27
CA PRO F 151 -0.06 -13.17 -11.83
C PRO F 151 -0.70 -11.82 -12.18
N ARG F 152 0.06 -10.74 -12.17
CA ARG F 152 -0.53 -9.43 -12.50
C ARG F 152 -0.89 -9.31 -13.99
N LEU F 153 -0.03 -9.91 -14.83
CA LEU F 153 -0.16 -9.90 -16.27
C LEU F 153 -1.33 -10.74 -16.79
N ILE F 154 -1.48 -11.98 -16.29
CA ILE F 154 -2.46 -12.87 -16.87
C ILE F 154 -3.50 -13.41 -15.83
N GLY F 155 -3.44 -12.90 -14.61
CA GLY F 155 -4.32 -13.29 -13.55
C GLY F 155 -3.72 -14.47 -12.81
N HIS F 156 -4.18 -14.68 -11.58
CA HIS F 156 -3.56 -15.60 -10.65
C HIS F 156 -3.72 -17.09 -11.04
N SER F 157 -4.86 -17.43 -11.60
CA SER F 157 -5.20 -18.82 -11.87
C SER F 157 -4.28 -19.47 -12.91
N ARG F 158 -4.16 -18.83 -14.06
CA ARG F 158 -3.22 -19.29 -15.08
C ARG F 158 -1.75 -19.11 -14.71
N ALA F 159 -1.44 -18.05 -13.95
CA ALA F 159 -0.07 -17.89 -13.42
C ALA F 159 0.32 -19.06 -12.55
N MET F 160 -0.57 -19.41 -11.60
CA MET F 160 -0.32 -20.50 -10.67
C MET F 160 -0.17 -21.85 -11.42
N ASP F 161 -1.02 -22.08 -12.42
CA ASP F 161 -0.85 -23.20 -13.36
C ASP F 161 0.61 -23.19 -13.90
N MET F 162 1.03 -22.12 -14.52
CA MET F 162 2.37 -22.10 -15.07
C MET F 162 3.50 -22.21 -14.03
N ILE F 163 3.31 -21.58 -12.88
CA ILE F 163 4.36 -21.56 -11.87
C ILE F 163 4.52 -22.97 -11.25
N LEU F 164 3.39 -23.59 -10.93
CA LEU F 164 3.39 -24.89 -10.28
C LEU F 164 3.89 -25.96 -11.23
N THR F 165 3.30 -26.06 -12.41
CA THR F 165 3.57 -27.20 -13.29
C THR F 165 4.90 -27.05 -14.02
N GLY F 166 5.34 -25.80 -14.26
CA GLY F 166 6.54 -25.54 -15.06
C GLY F 166 6.34 -25.95 -16.52
N ARG F 167 5.08 -26.15 -16.92
CA ARG F 167 4.77 -26.67 -18.26
C ARG F 167 5.02 -25.64 -19.37
N ALA F 168 5.18 -26.14 -20.59
CA ALA F 168 5.30 -25.32 -21.79
C ALA F 168 3.97 -24.71 -22.19
N VAL F 169 4.02 -23.44 -22.56
CA VAL F 169 2.88 -22.74 -23.08
C VAL F 169 3.25 -22.25 -24.49
N GLN F 170 2.59 -22.85 -25.47
CA GLN F 170 2.85 -22.57 -26.87
C GLN F 170 2.24 -21.23 -27.22
N ALA F 171 2.58 -20.67 -28.39
CA ALA F 171 2.23 -19.29 -28.70
C ALA F 171 0.74 -19.08 -28.85
N ASP F 172 0.03 -20.07 -29.40
CA ASP F 172 -1.43 -19.96 -29.50
C ASP F 172 -2.14 -19.88 -28.12
N GLU F 173 -1.79 -20.76 -27.19
CA GLU F 173 -2.34 -20.65 -25.82
C GLU F 173 -1.89 -19.34 -25.15
N ALA F 174 -0.65 -18.93 -25.35
CA ALA F 174 -0.16 -17.70 -24.77
C ALA F 174 -0.95 -16.48 -25.25
N LEU F 175 -1.33 -16.48 -26.51
CA LEU F 175 -2.19 -15.43 -27.04
C LEU F 175 -3.56 -15.49 -26.38
N ALA F 176 -4.13 -16.69 -26.30
CA ALA F 176 -5.47 -16.87 -25.74
C ALA F 176 -5.54 -16.37 -24.29
N ILE F 177 -4.44 -16.55 -23.53
CA ILE F 177 -4.44 -16.23 -22.10
C ILE F 177 -3.90 -14.84 -21.78
N GLY F 178 -3.49 -14.12 -22.81
CA GLY F 178 -3.02 -12.75 -22.65
C GLY F 178 -1.51 -12.66 -22.43
N LEU F 179 -0.81 -13.79 -22.50
CA LEU F 179 0.62 -13.81 -22.18
C LEU F 179 1.37 -13.22 -23.36
N ALA F 180 0.97 -13.61 -24.57
CA ALA F 180 1.47 -12.98 -25.80
C ALA F 180 0.45 -11.94 -26.24
N ASN F 181 0.92 -10.77 -26.63
CA ASN F 181 0.03 -9.74 -27.16
C ASN F 181 -0.20 -9.88 -28.66
N ARG F 182 0.77 -10.48 -29.34
CA ARG F 182 0.74 -10.65 -30.80
C ARG F 182 1.41 -11.97 -31.09
N VAL F 183 0.92 -12.65 -32.12
CA VAL F 183 1.56 -13.84 -32.64
C VAL F 183 1.83 -13.59 -34.13
N VAL F 184 3.06 -13.84 -34.55
CA VAL F 184 3.47 -13.58 -35.93
C VAL F 184 4.21 -14.81 -36.47
N PRO F 185 4.39 -14.91 -37.81
CA PRO F 185 5.15 -16.02 -38.40
C PRO F 185 6.54 -16.17 -37.82
N ASN F 186 7.09 -17.38 -37.87
CA ASN F 186 8.46 -17.67 -37.44
C ASN F 186 9.49 -16.82 -38.15
N GLY F 187 10.50 -16.36 -37.39
CA GLY F 187 11.50 -15.42 -37.90
C GLY F 187 11.09 -13.96 -37.94
N GLN F 188 9.79 -13.69 -37.78
CA GLN F 188 9.23 -12.33 -37.81
C GLN F 188 9.10 -11.51 -36.52
N ALA F 189 9.37 -12.09 -35.34
CA ALA F 189 9.10 -11.36 -34.07
C ALA F 189 9.84 -10.04 -33.95
N ARG F 190 11.15 -10.06 -34.25
CA ARG F 190 11.93 -8.85 -34.18
C ARG F 190 11.37 -7.74 -35.08
N GLN F 191 11.06 -8.07 -36.33
CA GLN F 191 10.61 -7.06 -37.29
C GLN F 191 9.26 -6.56 -36.88
N ALA F 192 8.39 -7.48 -36.49
CA ALA F 192 7.08 -7.08 -36.00
C ALA F 192 7.22 -6.20 -34.74
N ALA F 193 8.09 -6.59 -33.80
CA ALA F 193 8.28 -5.81 -32.58
C ALA F 193 8.85 -4.42 -32.94
N GLU F 194 9.78 -4.40 -33.88
CA GLU F 194 10.38 -3.12 -34.31
C GLU F 194 9.40 -2.18 -34.99
N GLU F 195 8.42 -2.75 -35.69
CA GLU F 195 7.38 -2.02 -36.39
C GLU F 195 6.36 -1.47 -35.43
N LEU F 196 5.91 -2.33 -34.50
CA LEU F 196 5.10 -1.87 -33.36
C LEU F 196 5.77 -0.71 -32.55
N ALA F 197 7.05 -0.88 -32.24
CA ALA F 197 7.80 0.13 -31.52
C ALA F 197 7.81 1.47 -32.24
N ALA F 198 8.01 1.43 -33.57
CA ALA F 198 8.01 2.63 -34.39
C ALA F 198 6.64 3.30 -34.42
N GLN F 199 5.59 2.50 -34.40
CA GLN F 199 4.22 3.03 -34.30
C GLN F 199 4.02 3.73 -32.95
N LEU F 200 4.51 3.10 -31.88
CA LEU F 200 4.42 3.71 -30.56
C LEU F 200 5.24 4.99 -30.49
N ALA F 201 6.43 4.98 -31.09
CA ALA F 201 7.33 6.14 -31.09
C ALA F 201 6.77 7.40 -31.77
N ALA F 202 5.78 7.18 -32.64
CA ALA F 202 5.23 8.21 -33.48
C ALA F 202 4.13 8.97 -32.77
N LEU F 203 3.75 8.51 -31.58
CA LEU F 203 2.63 9.11 -30.86
C LEU F 203 3.15 10.17 -29.88
N PRO F 204 2.25 11.03 -29.36
CA PRO F 204 2.63 12.00 -28.32
C PRO F 204 3.21 11.24 -27.13
N GLN F 205 4.48 11.52 -26.83
CA GLN F 205 5.34 10.65 -26.02
C GLN F 205 5.16 10.80 -24.49
N GLN F 206 5.20 12.03 -23.98
CA GLN F 206 4.98 12.30 -22.58
C GLN F 206 3.65 11.69 -22.08
N CYS F 207 2.62 11.83 -22.86
CA CYS F 207 1.34 11.26 -22.53
C CYS F 207 1.34 9.74 -22.51
N LEU F 208 1.85 9.11 -23.57
CA LEU F 208 2.02 7.65 -23.59
C LEU F 208 2.83 7.18 -22.34
N ARG F 209 3.92 7.87 -22.04
CA ARG F 209 4.81 7.44 -20.98
C ARG F 209 4.20 7.60 -19.59
N SER F 210 3.44 8.67 -19.41
CA SER F 210 2.82 8.95 -18.14
C SER F 210 1.62 7.98 -17.88
N ASP F 211 0.81 7.70 -18.90
CA ASP F 211 -0.24 6.67 -18.75
C ASP F 211 0.36 5.28 -18.42
N ARG F 212 1.45 4.93 -19.10
CA ARG F 212 2.14 3.67 -18.84
C ARG F 212 2.58 3.59 -17.37
N LEU F 213 3.30 4.62 -16.91
CA LEU F 213 3.86 4.60 -15.54
C LEU F 213 2.77 4.56 -14.46
N SER F 214 1.64 5.21 -14.71
CA SER F 214 0.52 5.14 -13.79
C SER F 214 -0.09 3.73 -13.74
N ALA F 215 -0.20 3.08 -14.90
CA ALA F 215 -0.72 1.72 -14.97
C ALA F 215 0.20 0.71 -14.28
N LEU F 216 1.51 1.00 -14.31
CA LEU F 216 2.46 0.16 -13.60
C LEU F 216 2.32 0.32 -12.09
N GLN F 217 2.26 1.57 -11.64
CA GLN F 217 2.36 1.85 -10.21
C GLN F 217 1.05 1.76 -9.46
N GLN F 218 -0.08 1.72 -10.18
CA GLN F 218 -1.39 1.52 -9.52
C GLN F 218 -1.50 0.19 -8.76
N TRP F 219 -0.77 -0.83 -9.24
CA TRP F 219 -0.83 -2.20 -8.69
C TRP F 219 -0.61 -2.13 -7.18
N GLY F 220 -1.55 -2.66 -6.40
CA GLY F 220 -1.39 -2.67 -4.96
C GLY F 220 -1.94 -1.44 -4.23
N LEU F 221 -2.23 -0.38 -4.99
CA LEU F 221 -2.76 0.84 -4.38
C LEU F 221 -4.26 0.81 -4.24
N PRO F 222 -4.77 1.30 -3.09
CA PRO F 222 -6.19 1.59 -2.96
C PRO F 222 -6.58 2.58 -4.05
N GLU F 223 -7.83 2.48 -4.51
CA GLU F 223 -8.24 3.19 -5.68
C GLU F 223 -7.99 4.68 -5.55
N SER F 224 -8.20 5.23 -4.36
CA SER F 224 -8.08 6.67 -4.18
C SER F 224 -6.63 7.16 -4.34
N ALA F 225 -5.68 6.39 -3.81
CA ALA F 225 -4.26 6.74 -3.92
C ALA F 225 -3.78 6.58 -5.37
N ALA F 226 -4.22 5.50 -6.01
CA ALA F 226 -3.93 5.25 -7.42
C ALA F 226 -4.46 6.36 -8.34
N LEU F 227 -5.66 6.84 -8.05
CA LEU F 227 -6.20 7.99 -8.74
C LEU F 227 -5.38 9.29 -8.58
N ASP F 228 -4.85 9.53 -7.38
CA ASP F 228 -3.97 10.69 -7.10
C ASP F 228 -2.75 10.57 -7.98
N LEU F 229 -2.16 9.38 -7.98
CA LEU F 229 -0.92 9.12 -8.74
C LEU F 229 -1.16 9.29 -10.23
N GLU F 230 -2.32 8.85 -10.70
CA GLU F 230 -2.70 9.02 -12.10
C GLU F 230 -2.95 10.47 -12.43
N PHE F 231 -3.55 11.20 -11.49
CA PHE F 231 -3.94 12.57 -11.76
C PHE F 231 -2.76 13.45 -12.16
N ALA F 232 -1.60 13.18 -11.57
CA ALA F 232 -0.34 13.88 -11.84
C ALA F 232 0.09 13.95 -13.31
N SER F 233 -0.34 12.98 -14.11
CA SER F 233 -0.17 12.99 -15.57
C SER F 233 -0.58 14.30 -16.26
N ILE F 234 -1.63 14.97 -15.78
CA ILE F 234 -2.03 16.21 -16.42
C ILE F 234 -0.97 17.32 -16.20
N SER F 235 -0.40 17.36 -15.01
CA SER F 235 0.72 18.27 -14.74
C SER F 235 1.92 17.92 -15.64
N ARG F 236 2.27 16.63 -15.72
CA ARG F 236 3.43 16.20 -16.55
C ARG F 236 3.28 16.54 -18.05
N VAL F 237 2.10 16.28 -18.61
CA VAL F 237 1.80 16.61 -20.00
C VAL F 237 1.82 18.12 -20.21
N ALA F 238 1.22 18.87 -19.27
CA ALA F 238 1.18 20.34 -19.38
C ALA F 238 2.57 20.95 -19.32
N ALA F 239 3.39 20.52 -18.35
CA ALA F 239 4.79 21.01 -18.28
C ALA F 239 5.56 20.71 -19.57
N GLU F 240 5.49 19.47 -20.03
CA GLU F 240 6.05 19.06 -21.34
C GLU F 240 5.64 19.98 -22.49
N ALA F 241 4.34 20.29 -22.55
CA ALA F 241 3.79 21.18 -23.59
C ALA F 241 4.21 22.63 -23.42
N LEU F 242 4.20 23.11 -22.18
CA LEU F 242 4.63 24.48 -21.92
C LEU F 242 6.15 24.69 -22.10
N GLU F 243 6.96 23.72 -21.65
CA GLU F 243 8.43 23.81 -21.79
C GLU F 243 8.87 23.69 -23.26
N GLY F 244 8.20 22.79 -24.00
CA GLY F 244 8.43 22.59 -25.44
C GLY F 244 8.23 23.86 -26.25
N ALA F 245 7.18 24.62 -25.91
CA ALA F 245 6.95 25.96 -26.45
C ALA F 245 7.93 27.04 -25.89
N GLY F 246 8.51 26.82 -24.70
CA GLY F 246 9.42 27.77 -24.07
C GLY F 246 10.80 27.77 -24.71
#